data_1D8W
#
_entry.id   1D8W
#
_cell.length_a   169.849
_cell.length_b   163.104
_cell.length_c   78.150
_cell.angle_alpha   90.00
_cell.angle_beta   110.32
_cell.angle_gamma   90.00
#
_symmetry.space_group_name_H-M   'C 1 2 1'
#
loop_
_entity.id
_entity.type
_entity.pdbx_description
1 polymer 'L-RHAMNOSE ISOMERASE'
2 non-polymer 'ZINC ION'
3 water water
#
_entity_poly.entity_id   1
_entity_poly.type   'polypeptide(L)'
_entity_poly.pdbx_seq_one_letter_code
;GHHHHHH(MSE)TTQLEQAWELAKQRFAAVGIDVEEALRQLDRLPVS(MSE)HCWQGDDVSGFENPEGSLTGGIQATGNY
PGKARNASELRADLEQA(MSE)RLIPGPKRLNLHAIYLESDTPVSRDQIKPEHFKNWVEWAKANQLGLDFNPSCFSHPLS
ADGFTLSHADDSIRQFWIDHCKASRRVSAYFGEQLGTPSV(MSE)NIWIPDG(MSE)KDITVDRLAPRQRLLAALDEVIS
EKLNPAHHIDAVESKLFGIGAESYTVGSNEFY(MSE)GYATSRQTALCLDAGHFHPTEVISDKISAA(MSE)LYVPQLLL
HVSRPVRWDSDHVVLLDDETQAIASEIVRHDLFDRVHIGLDFFDASINRIAAWVIGTRN(MSE)KKALLRALLEPTAELR
KLEAPGDYTARLALLEEQKSLPWQAVWE(MSE)YCQRHDTPAGSEWLESVRAYEKEILSRRG
;
_entity_poly.pdbx_strand_id   A,B,C,D
#
# COMPACT_ATOMS: atom_id res chain seq x y z
N THR A 10 0.91 -39.24 29.67
CA THR A 10 1.72 -38.07 29.64
C THR A 10 0.78 -36.87 29.74
N GLN A 11 1.45 -35.76 29.80
CA GLN A 11 0.72 -34.54 29.79
C GLN A 11 0.08 -34.39 28.40
N LEU A 12 0.72 -34.94 27.35
CA LEU A 12 0.22 -34.81 26.01
C LEU A 12 -1.15 -35.38 25.90
N GLU A 13 -1.26 -36.59 26.38
CA GLU A 13 -2.55 -37.24 26.33
C GLU A 13 -3.63 -36.60 27.23
N GLN A 14 -3.20 -36.05 28.39
CA GLN A 14 -4.17 -35.45 29.31
C GLN A 14 -4.71 -34.22 28.58
N ALA A 15 -3.77 -33.47 28.09
CA ALA A 15 -4.14 -32.26 27.36
C ALA A 15 -5.03 -32.63 26.21
N TRP A 16 -4.72 -33.76 25.56
CA TRP A 16 -5.53 -34.17 24.43
C TRP A 16 -6.96 -34.51 24.86
N GLU A 17 -7.06 -35.25 25.96
CA GLU A 17 -8.40 -35.60 26.41
C GLU A 17 -9.23 -34.35 26.69
N LEU A 18 -8.62 -33.40 27.38
CA LEU A 18 -9.37 -32.15 27.67
C LEU A 18 -9.86 -31.46 26.44
N ALA A 19 -9.00 -31.42 25.41
CA ALA A 19 -9.32 -30.80 24.16
C ALA A 19 -10.42 -31.54 23.42
N LYS A 20 -10.32 -32.89 23.43
CA LYS A 20 -11.31 -33.69 22.77
C LYS A 20 -12.69 -33.24 23.31
N GLN A 21 -12.78 -33.15 24.62
CA GLN A 21 -14.05 -32.69 25.18
C GLN A 21 -14.47 -31.24 24.77
N ARG A 22 -13.57 -30.25 24.90
CA ARG A 22 -13.84 -28.89 24.51
C ARG A 22 -14.27 -28.79 23.06
N PHE A 23 -13.60 -29.52 22.17
CA PHE A 23 -14.03 -29.44 20.82
C PHE A 23 -15.37 -30.22 20.60
N ALA A 24 -15.56 -31.36 21.29
CA ALA A 24 -16.82 -32.10 21.11
C ALA A 24 -17.96 -31.17 21.53
N ALA A 25 -17.74 -30.31 22.52
CA ALA A 25 -18.81 -29.35 22.88
C ALA A 25 -19.18 -28.39 21.71
N VAL A 26 -18.32 -28.08 20.73
CA VAL A 26 -18.76 -27.20 19.66
C VAL A 26 -19.12 -27.99 18.44
N GLY A 27 -19.41 -29.26 18.65
CA GLY A 27 -19.74 -30.03 17.50
C GLY A 27 -18.51 -30.45 16.71
N ILE A 28 -17.32 -30.44 17.33
CA ILE A 28 -16.15 -30.82 16.56
C ILE A 28 -15.49 -32.06 17.07
N ASP A 29 -15.23 -32.99 16.14
CA ASP A 29 -14.59 -34.28 16.47
C ASP A 29 -13.08 -34.23 16.19
N VAL A 30 -12.25 -34.15 17.26
CA VAL A 30 -10.82 -34.10 17.09
C VAL A 30 -10.22 -35.24 16.27
N GLU A 31 -10.79 -36.46 16.35
CA GLU A 31 -10.28 -37.58 15.59
C GLU A 31 -10.49 -37.42 14.10
N GLU A 32 -11.68 -36.96 13.73
CA GLU A 32 -11.98 -36.70 12.34
C GLU A 32 -11.02 -35.57 11.83
N ALA A 33 -10.76 -34.56 12.69
CA ALA A 33 -9.85 -33.50 12.25
C ALA A 33 -8.48 -34.07 11.85
N LEU A 34 -7.97 -35.01 12.64
CA LEU A 34 -6.67 -35.58 12.34
C LEU A 34 -6.71 -36.34 11.03
N ARG A 35 -7.76 -37.13 10.85
CA ARG A 35 -7.90 -37.91 9.65
C ARG A 35 -7.95 -37.00 8.46
N GLN A 36 -8.64 -35.86 8.58
CA GLN A 36 -8.75 -34.97 7.40
C GLN A 36 -7.40 -34.29 7.10
N LEU A 37 -6.64 -33.95 8.14
CA LEU A 37 -5.34 -33.32 7.96
C LEU A 37 -4.43 -34.19 7.12
N ASP A 38 -4.60 -35.49 7.29
CA ASP A 38 -3.78 -36.43 6.52
C ASP A 38 -4.20 -36.43 5.07
N ARG A 39 -5.27 -35.73 4.74
CA ARG A 39 -5.67 -35.66 3.36
C ARG A 39 -5.12 -34.37 2.69
N LEU A 40 -4.25 -33.66 3.39
CA LEU A 40 -3.74 -32.41 2.86
C LEU A 40 -2.18 -32.29 2.81
N PRO A 41 -1.59 -32.83 1.74
CA PRO A 41 -0.14 -32.79 1.61
C PRO A 41 0.32 -31.35 1.41
N VAL A 42 1.56 -31.13 1.80
CA VAL A 42 2.16 -29.82 1.60
C VAL A 42 3.39 -30.09 0.73
N SER A 43 3.47 -29.44 -0.41
CA SER A 43 4.58 -29.60 -1.36
C SER A 43 5.75 -28.72 -0.94
N HIS A 45 9.39 -27.06 -1.27
CA HIS A 45 10.23 -26.58 -2.40
C HIS A 45 11.69 -27.00 -2.26
N CYS A 46 12.16 -27.71 -3.29
CA CYS A 46 13.54 -28.19 -3.16
C CYS A 46 14.58 -27.08 -3.04
N TRP A 47 14.33 -25.97 -3.69
CA TRP A 47 15.34 -24.92 -3.77
C TRP A 47 15.82 -24.18 -2.50
N GLN A 48 15.08 -24.38 -1.41
CA GLN A 48 15.40 -23.77 -0.15
C GLN A 48 16.65 -24.46 0.36
N GLY A 49 16.88 -25.67 -0.09
CA GLY A 49 18.02 -26.34 0.48
C GLY A 49 19.40 -25.94 -0.05
N ASP A 50 19.49 -25.38 -1.27
CA ASP A 50 20.77 -25.01 -1.89
C ASP A 50 20.76 -23.60 -2.47
N ASP A 51 19.90 -22.76 -1.91
CA ASP A 51 19.85 -21.40 -2.37
C ASP A 51 19.59 -21.27 -3.84
N VAL A 52 18.69 -22.08 -4.34
CA VAL A 52 18.31 -21.99 -5.72
C VAL A 52 19.49 -22.16 -6.66
N SER A 53 20.51 -22.87 -6.25
CA SER A 53 21.64 -23.05 -7.13
C SER A 53 21.37 -24.08 -8.19
N GLY A 54 20.82 -25.23 -7.82
CA GLY A 54 20.66 -26.20 -8.89
C GLY A 54 21.95 -27.00 -9.09
N PHE A 55 21.95 -27.94 -9.99
CA PHE A 55 23.13 -28.77 -10.13
C PHE A 55 23.65 -28.77 -11.54
N GLU A 56 23.28 -27.77 -12.29
CA GLU A 56 23.75 -27.73 -13.68
C GLU A 56 25.28 -27.58 -13.75
N ASN A 71 22.90 -15.37 4.57
CA ASN A 71 24.27 -15.57 5.00
C ASN A 71 24.72 -17.06 5.06
N TYR A 72 23.95 -17.76 5.82
CA TYR A 72 24.02 -19.10 6.26
C TYR A 72 24.86 -20.20 5.65
N PRO A 73 25.71 -20.80 6.49
CA PRO A 73 26.56 -21.93 6.06
C PRO A 73 25.78 -23.23 5.95
N GLY A 74 26.39 -24.26 5.33
CA GLY A 74 25.79 -25.57 5.27
C GLY A 74 24.88 -25.89 4.15
N LYS A 75 24.87 -25.08 3.14
CA LYS A 75 23.97 -25.38 2.03
C LYS A 75 24.25 -26.72 1.33
N ALA A 76 23.20 -27.33 0.76
CA ALA A 76 23.38 -28.58 0.03
C ALA A 76 24.10 -28.21 -1.25
N ARG A 77 24.93 -29.13 -1.73
CA ARG A 77 25.73 -28.92 -2.92
C ARG A 77 25.51 -29.87 -4.11
N ASN A 78 24.76 -30.95 -3.90
CA ASN A 78 24.46 -31.88 -4.94
C ASN A 78 23.25 -32.61 -4.52
N ALA A 79 22.77 -33.50 -5.38
CA ALA A 79 21.52 -34.28 -5.10
C ALA A 79 21.51 -35.09 -3.81
N SER A 80 22.64 -35.74 -3.49
CA SER A 80 22.76 -36.51 -2.23
C SER A 80 22.61 -35.64 -1.00
N GLU A 81 23.31 -34.53 -1.03
CA GLU A 81 23.22 -33.68 0.13
C GLU A 81 21.77 -33.16 0.33
N LEU A 82 21.20 -32.69 -0.77
CA LEU A 82 19.83 -32.12 -0.72
C LEU A 82 18.85 -33.14 -0.24
N ARG A 83 18.96 -34.39 -0.78
CA ARG A 83 18.08 -35.47 -0.33
C ARG A 83 18.23 -35.77 1.16
N ALA A 84 19.49 -35.80 1.59
CA ALA A 84 19.82 -36.04 3.00
C ALA A 84 19.15 -34.97 3.85
N ASP A 85 19.32 -33.73 3.38
CA ASP A 85 18.73 -32.60 4.09
C ASP A 85 17.17 -32.68 4.12
N LEU A 86 16.60 -33.01 2.99
CA LEU A 86 15.14 -33.12 2.93
C LEU A 86 14.62 -34.18 3.91
N GLU A 87 15.41 -35.26 4.03
CA GLU A 87 15.07 -36.34 4.96
C GLU A 87 15.07 -35.84 6.42
N GLN A 88 16.05 -35.06 6.82
CA GLN A 88 16.04 -34.59 8.18
C GLN A 88 14.84 -33.68 8.38
N ALA A 89 14.57 -32.84 7.40
CA ALA A 89 13.38 -31.99 7.57
C ALA A 89 12.11 -32.84 7.73
N ARG A 91 11.51 -35.77 8.80
CA ARG A 91 11.32 -36.47 10.02
C ARG A 91 10.73 -35.60 11.14
N LEU A 92 10.83 -34.31 10.95
CA LEU A 92 10.37 -33.37 11.92
C LEU A 92 9.03 -32.70 11.52
N ILE A 93 8.42 -33.13 10.43
CA ILE A 93 7.17 -32.53 9.92
C ILE A 93 6.17 -33.67 9.80
N PRO A 94 5.08 -33.57 10.51
CA PRO A 94 4.13 -34.67 10.50
C PRO A 94 3.21 -34.76 9.33
N GLY A 95 2.87 -36.00 8.93
CA GLY A 95 1.90 -36.04 7.87
C GLY A 95 2.42 -35.99 6.43
N PRO A 96 1.47 -35.93 5.51
CA PRO A 96 1.77 -35.99 4.14
C PRO A 96 2.58 -34.83 3.63
N LYS A 97 3.53 -35.13 2.75
CA LYS A 97 4.35 -34.13 2.10
C LYS A 97 4.67 -34.57 0.65
N ARG A 98 5.06 -33.60 -0.12
CA ARG A 98 5.47 -33.79 -1.50
C ARG A 98 6.75 -32.97 -1.68
N LEU A 99 7.43 -33.18 -2.80
CA LEU A 99 8.67 -32.43 -3.10
C LEU A 99 8.45 -31.77 -4.45
N ASN A 100 8.75 -30.44 -4.49
CA ASN A 100 8.55 -29.69 -5.70
C ASN A 100 9.93 -29.40 -6.23
N LEU A 101 10.17 -29.90 -7.40
CA LEU A 101 11.48 -29.82 -7.99
C LEU A 101 11.51 -28.84 -9.15
N HIS A 102 12.70 -28.23 -9.34
CA HIS A 102 12.95 -27.31 -10.46
C HIS A 102 13.81 -28.06 -11.52
N ALA A 103 13.65 -27.74 -12.76
CA ALA A 103 14.40 -28.38 -13.82
C ALA A 103 15.91 -28.31 -13.57
N ILE A 104 16.40 -27.30 -12.96
CA ILE A 104 17.87 -27.22 -12.76
C ILE A 104 18.35 -28.21 -11.72
N TYR A 105 17.43 -29.04 -11.19
CA TYR A 105 17.85 -30.01 -10.19
C TYR A 105 18.06 -31.36 -10.87
N LEU A 106 18.19 -31.37 -12.19
CA LEU A 106 18.42 -32.65 -12.88
C LEU A 106 19.73 -33.26 -12.47
N GLU A 107 19.84 -34.58 -12.65
CA GLU A 107 21.09 -35.27 -12.30
C GLU A 107 21.63 -35.90 -13.52
N SER A 108 22.71 -35.33 -14.05
CA SER A 108 23.41 -35.78 -15.26
C SER A 108 24.95 -35.66 -15.04
N ASP A 109 25.69 -36.68 -15.50
CA ASP A 109 27.13 -36.74 -15.41
C ASP A 109 27.75 -35.65 -16.27
N THR A 110 27.00 -35.24 -17.31
CA THR A 110 27.42 -34.15 -18.23
C THR A 110 26.33 -33.08 -18.40
N PRO A 111 26.69 -31.96 -19.00
CA PRO A 111 25.75 -30.88 -19.21
C PRO A 111 24.58 -31.25 -20.07
N VAL A 112 23.43 -30.71 -19.73
CA VAL A 112 22.29 -30.99 -20.56
C VAL A 112 21.63 -29.66 -20.87
N SER A 113 21.45 -29.42 -22.17
CA SER A 113 20.81 -28.20 -22.58
C SER A 113 19.39 -28.21 -22.03
N ARG A 114 18.94 -27.07 -21.53
CA ARG A 114 17.59 -27.06 -20.94
C ARG A 114 16.52 -27.52 -21.87
N ASP A 115 16.66 -27.20 -23.15
CA ASP A 115 15.64 -27.62 -24.04
C ASP A 115 15.71 -29.11 -24.37
N GLN A 116 16.67 -29.85 -23.81
CA GLN A 116 16.78 -31.30 -24.09
C GLN A 116 16.65 -32.21 -22.87
N ILE A 117 16.10 -31.71 -21.75
CA ILE A 117 15.98 -32.55 -20.58
C ILE A 117 15.03 -33.69 -20.89
N LYS A 118 15.28 -34.80 -20.17
CA LYS A 118 14.50 -36.03 -20.32
C LYS A 118 14.18 -36.63 -18.96
N PRO A 119 13.19 -37.53 -18.98
CA PRO A 119 12.84 -38.24 -17.75
C PRO A 119 14.02 -38.86 -17.11
N GLU A 120 14.93 -39.40 -17.94
CA GLU A 120 16.06 -40.05 -17.29
C GLU A 120 16.83 -39.14 -16.34
N HIS A 121 16.80 -37.85 -16.68
CA HIS A 121 17.56 -36.93 -15.88
C HIS A 121 17.03 -36.72 -14.51
N PHE A 122 15.85 -37.31 -14.27
CA PHE A 122 15.24 -37.18 -12.93
C PHE A 122 14.91 -38.52 -12.30
N LYS A 123 15.51 -39.56 -12.81
CA LYS A 123 15.22 -40.88 -12.28
C LYS A 123 15.65 -41.13 -10.84
N ASN A 124 16.76 -40.56 -10.40
CA ASN A 124 17.15 -40.81 -9.03
C ASN A 124 16.11 -40.16 -8.10
N TRP A 125 15.60 -38.98 -8.53
CA TRP A 125 14.59 -38.28 -7.73
C TRP A 125 13.33 -39.19 -7.64
N VAL A 126 12.92 -39.76 -8.79
CA VAL A 126 11.77 -40.67 -8.82
C VAL A 126 11.88 -41.83 -7.83
N GLU A 127 13.04 -42.50 -7.90
CA GLU A 127 13.31 -43.62 -7.00
C GLU A 127 13.32 -43.24 -5.54
N TRP A 128 13.95 -42.13 -5.21
CA TRP A 128 13.92 -41.79 -3.82
C TRP A 128 12.50 -41.48 -3.39
N ALA A 129 11.82 -40.72 -4.22
CA ALA A 129 10.46 -40.34 -3.93
C ALA A 129 9.62 -41.59 -3.66
N LYS A 130 9.76 -42.59 -4.54
CA LYS A 130 8.99 -43.82 -4.33
C LYS A 130 9.23 -44.40 -2.94
N ALA A 131 10.50 -44.39 -2.57
CA ALA A 131 10.88 -44.97 -1.32
C ALA A 131 10.36 -44.24 -0.13
N ASN A 132 10.23 -42.93 -0.27
CA ASN A 132 9.81 -42.15 0.90
C ASN A 132 8.30 -41.83 0.93
N GLN A 133 7.55 -42.45 0.03
CA GLN A 133 6.15 -42.16 0.02
C GLN A 133 5.89 -40.70 -0.31
N LEU A 134 6.57 -40.20 -1.35
CA LEU A 134 6.42 -38.84 -1.78
C LEU A 134 5.89 -38.70 -3.21
N GLY A 135 5.07 -37.67 -3.38
CA GLY A 135 4.59 -37.26 -4.67
C GLY A 135 5.62 -36.15 -5.11
N LEU A 136 5.82 -36.00 -6.41
CA LEU A 136 6.73 -34.98 -6.93
C LEU A 136 5.96 -34.04 -7.83
N ASP A 137 6.31 -32.73 -7.67
CA ASP A 137 5.75 -31.70 -8.50
C ASP A 137 6.94 -31.09 -9.25
N PHE A 138 6.68 -30.32 -10.30
CA PHE A 138 7.80 -29.83 -11.09
C PHE A 138 7.63 -28.44 -11.63
N ASN A 139 8.76 -27.91 -12.15
CA ASN A 139 8.76 -26.56 -12.75
C ASN A 139 9.87 -26.41 -13.80
N PRO A 140 9.54 -25.85 -14.93
CA PRO A 140 10.54 -25.45 -15.96
C PRO A 140 11.31 -24.31 -15.31
N SER A 141 12.61 -24.18 -15.63
CA SER A 141 13.46 -23.19 -14.94
C SER A 141 13.79 -22.14 -15.95
N CYS A 142 13.06 -21.04 -16.00
CA CYS A 142 13.30 -20.06 -17.04
C CYS A 142 14.08 -18.87 -16.50
N PHE A 143 15.09 -19.15 -15.71
CA PHE A 143 15.85 -18.06 -15.15
C PHE A 143 17.28 -18.53 -14.95
N SER A 144 18.16 -17.58 -14.51
CA SER A 144 19.60 -17.86 -14.26
C SER A 144 20.23 -18.64 -15.41
N HIS A 145 20.10 -18.07 -16.59
CA HIS A 145 20.59 -18.72 -17.81
C HIS A 145 20.99 -17.67 -18.84
N PRO A 146 22.00 -17.94 -19.67
CA PRO A 146 22.40 -17.00 -20.70
C PRO A 146 21.26 -16.52 -21.59
N LEU A 147 20.27 -17.40 -21.85
CA LEU A 147 19.16 -17.08 -22.71
C LEU A 147 17.99 -16.41 -21.96
N SER A 148 18.19 -16.11 -20.69
CA SER A 148 17.19 -15.34 -19.96
C SER A 148 17.77 -13.95 -19.60
N ALA A 149 19.03 -13.74 -19.94
CA ALA A 149 19.72 -12.54 -19.57
C ALA A 149 19.14 -11.22 -19.96
N ASP A 150 18.35 -11.16 -20.99
CA ASP A 150 17.73 -9.95 -21.40
C ASP A 150 16.45 -9.70 -20.61
N GLY A 151 16.09 -10.63 -19.74
CA GLY A 151 14.87 -10.45 -18.94
C GLY A 151 13.61 -10.90 -19.65
N PHE A 152 13.74 -11.59 -20.74
CA PHE A 152 12.61 -12.18 -21.48
C PHE A 152 12.96 -13.61 -21.80
N THR A 153 11.94 -14.48 -21.76
CA THR A 153 12.15 -15.92 -22.05
C THR A 153 11.09 -16.37 -23.01
N LEU A 154 9.90 -16.78 -22.48
CA LEU A 154 8.76 -17.19 -23.34
C LEU A 154 8.16 -16.05 -24.13
N SER A 155 8.45 -14.80 -23.67
CA SER A 155 7.91 -13.62 -24.38
C SER A 155 8.98 -12.87 -25.15
N HIS A 156 10.19 -13.48 -25.21
CA HIS A 156 11.31 -12.89 -26.00
C HIS A 156 10.94 -12.65 -27.44
N ALA A 157 11.31 -11.46 -27.99
CA ALA A 157 10.96 -11.17 -29.39
C ALA A 157 11.82 -12.03 -30.36
N ASP A 158 13.03 -12.39 -29.91
CA ASP A 158 13.84 -13.22 -30.78
C ASP A 158 13.23 -14.62 -30.83
N ASP A 159 12.87 -15.02 -32.02
CA ASP A 159 12.28 -16.32 -32.28
C ASP A 159 13.11 -17.46 -31.78
N SER A 160 14.39 -17.34 -31.87
CA SER A 160 15.21 -18.46 -31.43
C SER A 160 15.29 -18.59 -29.95
N ILE A 161 15.28 -17.48 -29.27
CA ILE A 161 15.34 -17.55 -27.83
C ILE A 161 14.00 -18.10 -27.30
N ARG A 162 12.96 -17.51 -27.84
CA ARG A 162 11.56 -17.88 -27.45
C ARG A 162 11.39 -19.41 -27.65
N GLN A 163 11.82 -19.94 -28.84
CA GLN A 163 11.75 -21.41 -29.10
C GLN A 163 12.49 -22.28 -28.10
N PHE A 164 13.66 -21.79 -27.68
CA PHE A 164 14.45 -22.49 -26.73
C PHE A 164 13.62 -22.67 -25.47
N TRP A 165 12.96 -21.54 -25.03
CA TRP A 165 12.16 -21.62 -23.80
C TRP A 165 10.89 -22.45 -23.95
N ILE A 166 10.23 -22.29 -25.10
CA ILE A 166 9.06 -23.10 -25.41
C ILE A 166 9.49 -24.59 -25.32
N ASP A 167 10.62 -24.93 -26.00
CA ASP A 167 11.14 -26.31 -26.00
C ASP A 167 11.44 -26.83 -24.62
N HIS A 168 12.10 -25.99 -23.80
CA HIS A 168 12.38 -26.36 -22.40
C HIS A 168 11.07 -26.66 -21.60
N CYS A 169 10.05 -25.80 -21.81
CA CYS A 169 8.77 -25.98 -21.12
C CYS A 169 8.08 -27.24 -21.61
N LYS A 170 8.13 -27.45 -22.91
CA LYS A 170 7.51 -28.69 -23.50
C LYS A 170 8.19 -29.96 -22.92
N ALA A 171 9.52 -29.96 -22.87
CA ALA A 171 10.26 -31.08 -22.36
C ALA A 171 9.95 -31.28 -20.90
N SER A 172 9.84 -30.17 -20.18
CA SER A 172 9.53 -30.27 -18.73
C SER A 172 8.15 -30.99 -18.47
N ARG A 173 7.16 -30.75 -19.33
CA ARG A 173 5.83 -31.37 -19.22
C ARG A 173 5.97 -32.90 -19.22
N ARG A 174 6.83 -33.38 -20.16
CA ARG A 174 7.14 -34.82 -20.28
C ARG A 174 7.81 -35.32 -19.03
N VAL A 175 8.72 -34.57 -18.43
CA VAL A 175 9.30 -34.96 -17.18
C VAL A 175 8.17 -35.07 -16.11
N SER A 176 7.34 -34.02 -16.04
CA SER A 176 6.26 -33.99 -15.07
C SER A 176 5.35 -35.20 -15.26
N ALA A 177 4.91 -35.47 -16.46
CA ALA A 177 4.01 -36.60 -16.70
C ALA A 177 4.68 -37.91 -16.27
N TYR A 178 5.98 -37.97 -16.49
CA TYR A 178 6.73 -39.15 -16.05
C TYR A 178 6.64 -39.36 -14.56
N PHE A 179 6.80 -38.28 -13.77
CA PHE A 179 6.69 -38.38 -12.34
C PHE A 179 5.30 -38.93 -12.04
N GLY A 180 4.29 -38.37 -12.71
CA GLY A 180 2.97 -38.83 -12.34
C GLY A 180 2.78 -40.31 -12.65
N GLU A 181 3.29 -40.70 -13.79
CA GLU A 181 3.19 -42.05 -14.22
C GLU A 181 3.86 -42.95 -13.21
N GLN A 182 5.03 -42.55 -12.70
CA GLN A 182 5.80 -43.36 -11.77
C GLN A 182 5.35 -43.40 -10.36
N LEU A 183 4.80 -42.29 -9.94
CA LEU A 183 4.41 -42.17 -8.54
C LEU A 183 2.93 -42.32 -8.23
N GLY A 184 2.12 -42.40 -9.27
CA GLY A 184 0.66 -42.59 -9.16
C GLY A 184 -0.09 -41.44 -8.53
N THR A 185 0.47 -40.26 -8.65
CA THR A 185 -0.14 -39.02 -8.17
C THR A 185 0.28 -37.97 -9.19
N PRO A 186 -0.64 -37.20 -9.73
CA PRO A 186 -0.27 -36.19 -10.75
C PRO A 186 0.78 -35.20 -10.26
N SER A 187 1.68 -34.83 -11.20
CA SER A 187 2.70 -33.82 -10.89
C SER A 187 2.11 -32.55 -11.44
N VAL A 188 2.08 -31.54 -10.55
CA VAL A 188 1.58 -30.21 -10.91
C VAL A 188 2.84 -29.45 -11.40
N ASN A 190 4.27 -26.16 -12.55
CA ASN A 190 4.02 -24.73 -12.48
C ASN A 190 4.91 -23.99 -13.44
N ILE A 191 4.29 -23.07 -14.18
CA ILE A 191 4.99 -22.23 -15.14
C ILE A 191 5.15 -20.81 -14.59
N TRP A 192 6.40 -20.39 -14.25
CA TRP A 192 6.67 -19.03 -13.76
C TRP A 192 7.79 -18.46 -14.63
N ILE A 193 7.65 -17.28 -15.14
CA ILE A 193 8.74 -16.65 -15.95
C ILE A 193 9.07 -15.25 -15.37
N PRO A 194 10.32 -14.79 -15.49
CA PRO A 194 10.68 -13.53 -14.88
C PRO A 194 10.37 -12.37 -15.79
N ASP A 195 9.92 -12.66 -17.00
CA ASP A 195 9.73 -11.71 -18.09
C ASP A 195 9.18 -10.35 -17.67
N GLY A 196 9.90 -9.27 -17.99
CA GLY A 196 9.36 -7.93 -17.57
C GLY A 196 10.35 -6.82 -17.88
N LYS A 198 12.45 -3.32 -16.28
CA LYS A 198 12.72 -2.61 -15.04
C LYS A 198 12.09 -1.17 -15.03
N ASP A 199 12.10 -0.50 -16.19
CA ASP A 199 11.65 0.88 -16.24
C ASP A 199 10.45 1.15 -17.11
N ILE A 200 10.06 2.43 -17.32
CA ILE A 200 8.90 2.83 -18.11
C ILE A 200 8.90 2.09 -19.44
N THR A 201 7.79 1.40 -19.77
CA THR A 201 7.70 0.57 -20.96
C THR A 201 6.77 1.11 -22.00
N VAL A 202 7.16 1.05 -23.27
CA VAL A 202 6.35 1.55 -24.34
C VAL A 202 5.34 0.55 -24.80
N ASP A 203 5.77 -0.69 -24.97
CA ASP A 203 4.78 -1.64 -25.49
C ASP A 203 4.56 -2.85 -24.53
N ARG A 204 3.51 -2.83 -23.69
CA ARG A 204 3.23 -3.93 -22.80
C ARG A 204 2.42 -5.05 -23.54
N LEU A 205 1.87 -4.72 -24.69
CA LEU A 205 1.03 -5.66 -25.46
C LEU A 205 1.81 -6.71 -26.18
N ALA A 206 2.80 -6.29 -27.00
CA ALA A 206 3.55 -7.28 -27.80
C ALA A 206 4.15 -8.47 -27.02
N PRO A 207 4.80 -8.31 -25.90
CA PRO A 207 5.37 -9.45 -25.19
C PRO A 207 4.26 -10.34 -24.64
N ARG A 208 3.10 -9.72 -24.29
CA ARG A 208 1.92 -10.48 -23.80
C ARG A 208 1.33 -11.30 -24.93
N GLN A 209 1.27 -10.75 -26.13
CA GLN A 209 0.81 -11.55 -27.27
C GLN A 209 1.80 -12.73 -27.52
N ARG A 210 3.12 -12.46 -27.48
CA ARG A 210 4.06 -13.55 -27.67
C ARG A 210 3.91 -14.59 -26.59
N LEU A 211 3.75 -14.16 -25.30
CA LEU A 211 3.58 -15.10 -24.18
C LEU A 211 2.37 -16.01 -24.38
N LEU A 212 1.21 -15.44 -24.74
CA LEU A 212 -0.02 -16.21 -24.95
C LEU A 212 0.18 -17.26 -26.02
N ALA A 213 0.77 -16.89 -27.18
CA ALA A 213 1.00 -17.88 -28.22
C ALA A 213 1.99 -18.94 -27.77
N ALA A 214 3.06 -18.50 -27.07
CA ALA A 214 4.06 -19.37 -26.59
C ALA A 214 3.43 -20.37 -25.66
N LEU A 215 2.60 -19.93 -24.75
CA LEU A 215 2.00 -20.87 -23.80
C LEU A 215 1.10 -21.90 -24.51
N ASP A 216 0.35 -21.43 -25.52
CA ASP A 216 -0.52 -22.36 -26.24
C ASP A 216 0.35 -23.46 -26.88
N GLU A 217 1.51 -23.08 -27.35
CA GLU A 217 2.37 -24.12 -27.91
C GLU A 217 2.87 -25.03 -26.83
N VAL A 218 3.29 -24.41 -25.74
CA VAL A 218 3.84 -25.20 -24.66
C VAL A 218 2.88 -26.32 -24.22
N ILE A 219 1.61 -25.99 -24.10
CA ILE A 219 0.69 -26.98 -23.58
C ILE A 219 -0.02 -27.73 -24.68
N SER A 220 0.40 -27.57 -25.89
CA SER A 220 -0.31 -28.24 -26.96
C SER A 220 -0.20 -29.79 -26.95
N GLU A 221 0.83 -30.41 -26.46
CA GLU A 221 0.81 -31.86 -26.45
C GLU A 221 -0.10 -32.38 -25.34
N LYS A 222 -1.07 -33.20 -25.66
CA LYS A 222 -1.96 -33.67 -24.60
C LYS A 222 -1.34 -34.70 -23.74
N LEU A 223 -1.39 -34.51 -22.48
CA LEU A 223 -0.81 -35.51 -21.62
C LEU A 223 -1.95 -35.99 -20.69
N ASN A 224 -1.80 -37.14 -20.04
CA ASN A 224 -2.84 -37.68 -19.16
C ASN A 224 -3.03 -36.81 -17.91
N PRO A 225 -4.25 -36.27 -17.74
CA PRO A 225 -4.51 -35.43 -16.58
C PRO A 225 -4.26 -36.12 -15.27
N ALA A 226 -4.25 -37.48 -15.25
CA ALA A 226 -3.97 -38.18 -14.01
C ALA A 226 -2.51 -38.17 -13.72
N HIS A 227 -1.68 -37.78 -14.72
CA HIS A 227 -0.25 -37.83 -14.42
C HIS A 227 0.34 -36.45 -14.37
N HIS A 228 -0.34 -35.52 -15.00
CA HIS A 228 0.21 -34.17 -15.13
C HIS A 228 -0.85 -33.07 -15.20
N ILE A 229 -0.55 -31.91 -14.51
CA ILE A 229 -1.45 -30.74 -14.59
C ILE A 229 -0.57 -29.54 -14.89
N ASP A 230 -1.03 -28.71 -15.79
CA ASP A 230 -0.25 -27.50 -16.09
C ASP A 230 -0.83 -26.37 -15.22
N ALA A 231 0.08 -25.56 -14.66
CA ALA A 231 -0.35 -24.39 -13.86
C ALA A 231 0.43 -23.18 -14.31
N VAL A 232 -0.22 -21.98 -14.25
CA VAL A 232 0.44 -20.71 -14.61
C VAL A 232 0.50 -19.82 -13.39
N GLU A 233 1.64 -19.13 -13.20
CA GLU A 233 1.80 -18.30 -11.97
C GLU A 233 2.10 -16.83 -12.25
N SER A 234 1.30 -15.92 -11.77
CA SER A 234 1.63 -14.50 -12.00
C SER A 234 2.57 -13.99 -10.94
N LYS A 235 3.07 -12.81 -11.21
CA LYS A 235 3.96 -12.06 -10.34
C LYS A 235 3.69 -10.58 -10.56
N LEU A 236 3.68 -9.77 -9.47
CA LEU A 236 3.44 -8.33 -9.63
C LEU A 236 4.73 -7.65 -10.12
N PHE A 237 5.85 -7.92 -9.43
CA PHE A 237 7.08 -7.24 -9.89
C PHE A 237 8.27 -8.01 -9.37
N GLY A 238 9.40 -7.84 -10.07
CA GLY A 238 10.66 -8.49 -9.70
C GLY A 238 11.74 -7.44 -9.57
N ILE A 239 12.72 -7.69 -8.71
CA ILE A 239 13.83 -6.75 -8.54
C ILE A 239 14.55 -6.63 -9.88
N GLY A 240 14.66 -5.40 -10.43
CA GLY A 240 15.31 -5.23 -11.72
C GLY A 240 14.33 -5.43 -12.87
N ALA A 241 13.04 -5.69 -12.56
CA ALA A 241 11.89 -5.83 -13.50
C ALA A 241 10.63 -5.23 -12.82
N GLU A 242 10.84 -4.15 -12.10
CA GLU A 242 9.76 -3.60 -11.35
C GLU A 242 8.64 -2.89 -12.09
N SER A 243 8.85 -2.30 -13.28
CA SER A 243 7.80 -1.51 -13.90
C SER A 243 6.72 -2.29 -14.62
N TYR A 244 7.06 -3.46 -15.08
CA TYR A 244 6.13 -4.21 -15.89
C TYR A 244 6.54 -5.67 -15.85
N THR A 245 5.57 -6.51 -15.63
CA THR A 245 5.70 -7.96 -15.61
C THR A 245 4.82 -8.47 -16.70
N VAL A 246 5.40 -9.18 -17.68
CA VAL A 246 4.58 -9.68 -18.78
C VAL A 246 3.40 -10.57 -18.29
N GLY A 247 3.73 -11.57 -17.47
CA GLY A 247 2.76 -12.52 -16.89
C GLY A 247 2.14 -11.95 -15.63
N SER A 248 1.15 -11.04 -15.86
CA SER A 248 0.46 -10.39 -14.70
C SER A 248 -0.71 -11.24 -14.15
N ASN A 249 -1.29 -10.78 -13.05
CA ASN A 249 -2.42 -11.47 -12.45
C ASN A 249 -3.52 -11.61 -13.53
N GLU A 250 -3.99 -10.53 -14.15
CA GLU A 250 -5.08 -10.58 -15.18
C GLU A 250 -4.66 -11.43 -16.38
N PHE A 251 -3.36 -11.26 -16.78
CA PHE A 251 -2.90 -12.08 -17.89
C PHE A 251 -3.20 -13.57 -17.61
N TYR A 252 -2.75 -14.07 -16.43
CA TYR A 252 -2.87 -15.51 -16.14
C TYR A 252 -4.28 -15.89 -15.68
N GLY A 254 -6.92 -14.68 -17.15
CA GLY A 254 -7.51 -14.87 -18.50
C GLY A 254 -6.98 -16.17 -19.15
N TYR A 255 -5.69 -16.44 -18.99
CA TYR A 255 -5.12 -17.62 -19.61
C TYR A 255 -5.70 -18.89 -19.00
N ALA A 256 -5.70 -18.95 -17.65
CA ALA A 256 -6.20 -20.14 -16.93
C ALA A 256 -7.70 -20.38 -17.18
N THR A 257 -8.47 -19.30 -17.18
CA THR A 257 -9.89 -19.44 -17.45
C THR A 257 -10.13 -19.88 -18.86
N SER A 258 -9.49 -19.27 -19.82
CA SER A 258 -9.72 -19.63 -21.19
C SER A 258 -9.11 -20.92 -21.69
N ARG A 259 -7.96 -21.32 -21.15
CA ARG A 259 -7.34 -22.57 -21.63
C ARG A 259 -7.59 -23.69 -20.67
N GLN A 260 -8.21 -23.39 -19.53
CA GLN A 260 -8.52 -24.42 -18.53
C GLN A 260 -7.32 -25.11 -17.91
N THR A 261 -6.27 -24.34 -17.55
CA THR A 261 -5.13 -24.89 -16.84
C THR A 261 -5.40 -24.57 -15.36
N ALA A 262 -4.54 -25.07 -14.50
CA ALA A 262 -4.62 -24.68 -13.11
C ALA A 262 -4.02 -23.27 -13.04
N LEU A 263 -4.36 -22.56 -12.00
CA LEU A 263 -3.88 -21.21 -11.78
C LEU A 263 -3.11 -21.24 -10.51
N CYS A 264 -1.90 -20.63 -10.54
CA CYS A 264 -1.07 -20.54 -9.34
C CYS A 264 -1.20 -19.18 -8.70
N LEU A 265 -1.57 -19.23 -7.45
CA LEU A 265 -1.72 -18.03 -6.64
C LEU A 265 -0.62 -17.97 -5.58
N ASP A 266 0.25 -16.93 -5.67
CA ASP A 266 1.36 -16.82 -4.73
C ASP A 266 1.14 -15.71 -3.69
N ALA A 267 1.17 -16.09 -2.40
CA ALA A 267 0.96 -15.15 -1.30
C ALA A 267 1.97 -14.03 -1.27
N GLY A 268 3.17 -14.18 -1.90
CA GLY A 268 4.14 -13.01 -1.90
C GLY A 268 4.15 -12.17 -3.18
N HIS A 269 3.33 -12.51 -4.20
CA HIS A 269 3.38 -11.90 -5.56
C HIS A 269 2.39 -10.82 -5.91
N PHE A 270 1.77 -10.18 -4.90
CA PHE A 270 0.73 -9.23 -5.27
C PHE A 270 0.98 -7.81 -4.74
N HIS A 271 -0.06 -6.96 -4.79
CA HIS A 271 0.08 -5.57 -4.32
C HIS A 271 0.11 -5.49 -2.80
N PRO A 272 0.60 -4.39 -2.25
CA PRO A 272 0.56 -4.27 -0.79
C PRO A 272 -0.91 -4.43 -0.33
N THR A 273 -1.14 -5.20 0.74
CA THR A 273 -2.46 -5.49 1.31
C THR A 273 -3.34 -6.43 0.48
N GLU A 274 -2.91 -6.80 -0.70
CA GLU A 274 -3.69 -7.75 -1.53
C GLU A 274 -3.52 -9.17 -0.99
N VAL A 275 -4.62 -9.99 -0.92
CA VAL A 275 -4.46 -11.36 -0.37
C VAL A 275 -5.04 -12.43 -1.21
N ILE A 276 -4.29 -13.54 -1.32
CA ILE A 276 -4.78 -14.66 -2.13
C ILE A 276 -5.95 -15.39 -1.50
N SER A 277 -6.07 -15.28 -0.16
CA SER A 277 -7.18 -15.96 0.54
C SER A 277 -8.54 -15.59 -0.09
N ASP A 278 -8.71 -14.31 -0.33
CA ASP A 278 -9.94 -13.86 -0.98
C ASP A 278 -10.13 -14.41 -2.37
N LYS A 279 -9.02 -14.61 -3.11
CA LYS A 279 -9.08 -15.03 -4.50
C LYS A 279 -9.50 -16.46 -4.74
N ILE A 280 -9.22 -17.34 -3.76
CA ILE A 280 -9.53 -18.74 -3.91
C ILE A 280 -10.98 -18.98 -4.36
N SER A 281 -11.96 -18.44 -3.64
CA SER A 281 -13.34 -18.72 -4.02
C SER A 281 -13.79 -18.08 -5.34
N ALA A 282 -13.13 -16.95 -5.73
CA ALA A 282 -13.47 -16.33 -6.98
C ALA A 282 -12.86 -17.16 -8.08
N ALA A 283 -11.57 -17.45 -8.00
CA ALA A 283 -10.92 -18.18 -9.12
C ALA A 283 -11.47 -19.62 -9.38
N LEU A 285 -14.36 -20.63 -9.37
CA LEU A 285 -15.53 -20.74 -10.20
C LEU A 285 -15.17 -20.74 -11.65
N TYR A 286 -13.87 -20.50 -12.01
CA TYR A 286 -13.51 -20.41 -13.41
C TYR A 286 -12.40 -21.33 -13.90
N VAL A 287 -11.59 -21.76 -12.96
CA VAL A 287 -10.45 -22.61 -13.33
C VAL A 287 -10.58 -23.91 -12.66
N PRO A 288 -10.02 -24.98 -13.25
CA PRO A 288 -10.24 -26.29 -12.70
C PRO A 288 -9.50 -26.63 -11.45
N GLN A 289 -8.32 -26.10 -11.26
CA GLN A 289 -7.59 -26.40 -10.05
C GLN A 289 -6.80 -25.15 -9.69
N LEU A 290 -6.33 -25.13 -8.44
CA LEU A 290 -5.50 -24.02 -7.95
C LEU A 290 -4.27 -24.54 -7.27
N LEU A 291 -3.16 -23.85 -7.52
CA LEU A 291 -1.94 -24.20 -6.87
C LEU A 291 -1.73 -23.01 -5.96
N LEU A 292 -1.59 -23.23 -4.67
CA LEU A 292 -1.37 -22.15 -3.69
C LEU A 292 0.10 -22.13 -3.26
N HIS A 293 0.78 -21.03 -3.53
CA HIS A 293 2.13 -20.94 -3.09
C HIS A 293 2.10 -20.03 -1.87
N VAL A 294 2.42 -20.57 -0.71
CA VAL A 294 2.46 -19.80 0.53
C VAL A 294 3.90 -19.40 0.86
N SER A 295 3.98 -18.13 1.18
CA SER A 295 5.22 -17.45 1.55
C SER A 295 4.91 -16.14 2.20
N ARG A 296 5.85 -15.56 2.89
CA ARG A 296 5.59 -14.28 3.56
C ARG A 296 6.37 -13.13 2.92
N PRO A 297 5.63 -12.28 2.27
CA PRO A 297 6.35 -11.17 1.66
C PRO A 297 6.67 -10.15 2.76
N VAL A 298 7.83 -9.50 2.70
CA VAL A 298 8.12 -8.45 3.67
C VAL A 298 8.64 -7.29 2.86
N ARG A 299 7.78 -6.27 2.64
CA ARG A 299 8.10 -5.06 1.87
C ARG A 299 8.30 -5.37 0.38
N TRP A 300 8.37 -6.66 0.07
CA TRP A 300 8.57 -7.15 -1.29
C TRP A 300 8.48 -8.68 -1.28
N ASP A 301 8.56 -9.31 -2.48
CA ASP A 301 8.54 -10.78 -2.60
C ASP A 301 9.85 -11.33 -2.00
N SER A 302 9.99 -11.05 -0.70
CA SER A 302 11.17 -11.34 0.07
C SER A 302 11.35 -12.79 0.42
N ASP A 303 10.25 -13.51 0.06
CA ASP A 303 10.22 -14.89 0.24
C ASP A 303 10.71 -15.24 1.60
N HIS A 304 10.05 -14.72 2.60
CA HIS A 304 10.47 -15.14 3.93
C HIS A 304 9.65 -16.41 4.31
N VAL A 305 10.11 -17.14 5.34
CA VAL A 305 9.50 -18.35 5.88
C VAL A 305 8.02 -18.06 6.32
N VAL A 306 7.17 -19.02 5.95
CA VAL A 306 5.75 -18.94 6.28
C VAL A 306 5.55 -19.01 7.82
N LEU A 307 4.74 -18.05 8.40
CA LEU A 307 4.48 -18.05 9.82
C LEU A 307 3.06 -18.46 10.02
N LEU A 308 2.75 -18.84 11.26
CA LEU A 308 1.36 -19.16 11.62
C LEU A 308 0.80 -17.75 11.91
N ASP A 309 0.27 -17.10 10.87
CA ASP A 309 -0.18 -15.70 11.00
C ASP A 309 -1.56 -15.49 10.35
N ASP A 310 -1.98 -14.19 10.31
CA ASP A 310 -3.30 -13.97 9.78
C ASP A 310 -3.59 -14.59 8.40
N GLU A 311 -2.76 -14.21 7.41
CA GLU A 311 -3.01 -14.68 6.06
C GLU A 311 -2.77 -16.16 5.85
N THR A 312 -1.77 -16.73 6.55
CA THR A 312 -1.56 -18.16 6.39
C THR A 312 -2.83 -18.87 6.86
N GLN A 313 -3.36 -18.41 8.00
CA GLN A 313 -4.59 -18.99 8.53
C GLN A 313 -5.79 -18.78 7.60
N ALA A 314 -5.89 -17.58 7.01
CA ALA A 314 -7.00 -17.28 6.08
C ALA A 314 -7.00 -18.21 4.86
N ILE A 315 -5.77 -18.44 4.32
CA ILE A 315 -5.70 -19.33 3.17
C ILE A 315 -6.17 -20.70 3.57
N ALA A 316 -5.65 -21.21 4.72
CA ALA A 316 -6.01 -22.57 5.22
C ALA A 316 -7.53 -22.71 5.37
N SER A 317 -8.09 -21.66 5.94
CA SER A 317 -9.53 -21.60 6.17
C SER A 317 -10.35 -21.66 4.89
N GLU A 318 -9.97 -20.92 3.86
CA GLU A 318 -10.66 -20.98 2.58
C GLU A 318 -10.56 -22.38 1.98
N ILE A 319 -9.38 -23.00 2.02
CA ILE A 319 -9.26 -24.33 1.47
C ILE A 319 -10.23 -25.30 2.18
N VAL A 320 -10.21 -25.32 3.52
CA VAL A 320 -11.05 -26.28 4.27
C VAL A 320 -12.54 -25.93 4.21
N ARG A 321 -12.84 -24.69 4.29
CA ARG A 321 -14.23 -24.27 4.25
C ARG A 321 -14.97 -24.69 3.01
N HIS A 322 -14.27 -24.66 1.90
CA HIS A 322 -14.82 -25.04 0.63
C HIS A 322 -14.51 -26.52 0.26
N ASP A 323 -14.03 -27.30 1.20
CA ASP A 323 -13.74 -28.68 0.98
C ASP A 323 -12.88 -28.84 -0.25
N LEU A 324 -11.88 -28.00 -0.45
CA LEU A 324 -11.04 -28.08 -1.65
C LEU A 324 -9.98 -29.21 -1.73
N PHE A 325 -10.17 -30.26 -1.00
CA PHE A 325 -9.20 -31.33 -1.03
C PHE A 325 -8.69 -31.71 -2.37
N ASP A 326 -9.57 -31.80 -3.32
CA ASP A 326 -9.13 -32.32 -4.59
C ASP A 326 -8.83 -31.30 -5.61
N ARG A 327 -9.18 -30.08 -5.38
CA ARG A 327 -8.84 -29.18 -6.49
C ARG A 327 -7.71 -28.16 -6.17
N VAL A 328 -7.22 -28.25 -4.94
CA VAL A 328 -6.16 -27.34 -4.50
C VAL A 328 -4.90 -28.10 -4.26
N HIS A 329 -3.77 -27.48 -4.58
CA HIS A 329 -2.46 -28.09 -4.38
C HIS A 329 -1.72 -27.12 -3.53
N ILE A 330 -1.28 -27.50 -2.35
CA ILE A 330 -0.64 -26.56 -1.44
C ILE A 330 0.87 -26.68 -1.49
N GLY A 331 1.56 -25.58 -1.75
CA GLY A 331 3.01 -25.62 -1.76
C GLY A 331 3.63 -24.38 -1.12
N LEU A 332 4.85 -24.54 -0.67
CA LEU A 332 5.64 -23.46 -0.06
C LEU A 332 6.46 -22.75 -1.14
N ASP A 333 6.72 -21.47 -1.03
CA ASP A 333 7.50 -20.89 -2.09
C ASP A 333 8.15 -19.71 -1.45
N PHE A 334 9.19 -19.95 -0.70
CA PHE A 334 9.93 -18.91 -0.01
C PHE A 334 11.37 -19.36 -0.03
N PHE A 335 12.24 -18.42 0.28
CA PHE A 335 13.62 -18.80 0.26
C PHE A 335 14.39 -17.92 1.25
N ASP A 336 14.85 -18.53 2.32
CA ASP A 336 15.60 -17.74 3.32
C ASP A 336 17.00 -18.33 3.55
N ALA A 337 18.01 -17.56 3.12
CA ALA A 337 19.40 -17.98 3.22
C ALA A 337 20.14 -17.48 4.41
N SER A 338 19.43 -16.84 5.32
CA SER A 338 20.06 -16.30 6.52
C SER A 338 19.99 -17.19 7.75
N ILE A 339 19.24 -18.29 7.69
CA ILE A 339 19.11 -19.20 8.84
C ILE A 339 19.23 -20.66 8.41
N ASN A 340 19.29 -21.57 9.35
CA ASN A 340 19.39 -22.98 8.93
C ASN A 340 18.22 -23.35 7.98
N ARG A 341 18.59 -23.92 6.83
CA ARG A 341 17.71 -24.30 5.71
C ARG A 341 16.72 -25.37 6.07
N ILE A 342 17.20 -26.34 6.83
CA ILE A 342 16.35 -27.38 7.28
C ILE A 342 15.31 -26.70 8.21
N ALA A 343 15.76 -25.86 9.14
CA ALA A 343 14.85 -25.20 10.05
C ALA A 343 13.77 -24.46 9.27
N ALA A 344 14.17 -23.78 8.20
CA ALA A 344 13.27 -23.01 7.34
C ALA A 344 12.17 -23.92 6.79
N TRP A 345 12.55 -25.09 6.26
CA TRP A 345 11.50 -25.96 5.79
C TRP A 345 10.57 -26.45 6.92
N VAL A 346 11.16 -26.77 8.07
CA VAL A 346 10.40 -27.30 9.20
C VAL A 346 9.40 -26.27 9.73
N ILE A 347 9.87 -25.08 9.96
CA ILE A 347 8.96 -24.06 10.50
C ILE A 347 7.80 -23.83 9.52
N GLY A 348 8.15 -23.61 8.24
CA GLY A 348 7.16 -23.32 7.23
C GLY A 348 6.11 -24.43 7.00
N THR A 349 6.56 -25.67 6.93
CA THR A 349 5.67 -26.78 6.69
C THR A 349 4.79 -27.06 7.91
N ARG A 350 5.36 -27.05 9.10
CA ARG A 350 4.61 -27.24 10.34
C ARG A 350 3.56 -26.13 10.46
N ASN A 351 4.00 -24.91 10.16
CA ASN A 351 3.09 -23.78 10.23
C ASN A 351 1.91 -23.94 9.27
N LYS A 353 0.65 -26.63 8.19
CA LYS A 353 -0.14 -27.75 8.74
C LYS A 353 -0.97 -27.32 9.98
N LYS A 354 -0.34 -26.55 10.85
CA LYS A 354 -1.07 -26.08 12.02
C LYS A 354 -2.31 -25.23 11.57
N ALA A 355 -2.09 -24.34 10.55
CA ALA A 355 -3.19 -23.51 10.02
C ALA A 355 -4.32 -24.39 9.47
N LEU A 356 -3.93 -25.42 8.76
CA LEU A 356 -4.90 -26.30 8.18
C LEU A 356 -5.71 -27.01 9.26
N LEU A 357 -5.02 -27.44 10.33
CA LEU A 357 -5.64 -28.11 11.45
C LEU A 357 -6.61 -27.18 12.11
N ARG A 358 -6.18 -25.94 12.32
CA ARG A 358 -7.11 -25.01 12.97
C ARG A 358 -8.39 -24.84 12.17
N ALA A 359 -8.22 -24.83 10.87
CA ALA A 359 -9.35 -24.70 9.96
C ALA A 359 -10.21 -25.93 10.09
N LEU A 360 -9.56 -27.11 10.24
CA LEU A 360 -10.38 -28.30 10.36
C LEU A 360 -11.13 -28.33 11.70
N LEU A 361 -10.65 -27.60 12.69
CA LEU A 361 -11.32 -27.59 13.99
C LEU A 361 -12.35 -26.48 14.10
N GLU A 362 -12.59 -25.77 13.04
CA GLU A 362 -13.58 -24.69 13.06
C GLU A 362 -15.02 -25.23 12.92
N PRO A 363 -15.97 -24.66 13.67
CA PRO A 363 -17.36 -25.11 13.57
C PRO A 363 -17.99 -24.34 12.44
N THR A 364 -17.54 -24.68 11.25
CA THR A 364 -17.96 -23.94 10.10
C THR A 364 -19.45 -23.89 9.82
N ALA A 365 -20.09 -25.03 9.96
CA ALA A 365 -21.50 -25.07 9.68
C ALA A 365 -22.25 -24.09 10.56
N GLU A 366 -21.93 -24.11 11.85
CA GLU A 366 -22.59 -23.21 12.80
C GLU A 366 -22.35 -21.78 12.39
N LEU A 367 -21.05 -21.48 12.15
CA LEU A 367 -20.66 -20.12 11.70
C LEU A 367 -21.43 -19.67 10.47
N ARG A 368 -21.44 -20.55 9.49
CA ARG A 368 -22.15 -20.28 8.26
C ARG A 368 -23.61 -19.98 8.53
N LYS A 369 -24.19 -20.75 9.44
CA LYS A 369 -25.59 -20.54 9.71
C LYS A 369 -25.79 -19.22 10.41
N LEU A 370 -24.89 -18.85 11.32
CA LEU A 370 -25.05 -17.51 11.92
C LEU A 370 -25.01 -16.38 10.90
N GLU A 371 -23.99 -16.52 10.02
CA GLU A 371 -23.80 -15.50 9.03
C GLU A 371 -25.03 -15.39 8.13
N ALA A 372 -25.51 -16.54 7.67
CA ALA A 372 -26.68 -16.58 6.79
C ALA A 372 -27.88 -15.87 7.40
N PRO A 373 -27.95 -15.79 8.75
CA PRO A 373 -28.97 -15.16 9.52
C PRO A 373 -28.70 -13.81 9.87
N GLY A 374 -27.55 -13.36 9.46
CA GLY A 374 -27.29 -11.99 9.74
C GLY A 374 -26.87 -11.81 11.19
N ASP A 375 -26.51 -12.90 11.87
CA ASP A 375 -26.09 -12.67 13.23
C ASP A 375 -24.56 -12.42 13.20
N TYR A 376 -24.17 -11.24 12.71
CA TYR A 376 -22.73 -10.84 12.54
C TYR A 376 -22.03 -10.71 13.89
N THR A 377 -22.82 -10.40 14.95
CA THR A 377 -22.29 -10.29 16.32
C THR A 377 -21.74 -11.65 16.72
N ALA A 378 -22.58 -12.69 16.63
CA ALA A 378 -22.16 -14.03 17.05
C ALA A 378 -21.04 -14.61 16.19
N ARG A 379 -21.11 -14.28 14.89
CA ARG A 379 -20.08 -14.74 13.93
C ARG A 379 -18.70 -14.22 14.37
N LEU A 380 -18.63 -12.93 14.53
CA LEU A 380 -17.37 -12.35 14.95
C LEU A 380 -16.92 -12.92 16.32
N ALA A 381 -17.84 -12.88 17.26
CA ALA A 381 -17.56 -13.36 18.59
C ALA A 381 -17.06 -14.78 18.57
N LEU A 382 -17.74 -15.64 17.87
CA LEU A 382 -17.30 -17.05 17.84
C LEU A 382 -15.98 -17.27 17.06
N LEU A 383 -15.75 -16.50 15.96
CA LEU A 383 -14.49 -16.59 15.20
C LEU A 383 -13.33 -16.27 16.13
N GLU A 384 -13.51 -15.24 16.89
CA GLU A 384 -12.48 -14.87 17.83
C GLU A 384 -12.32 -15.84 18.99
N GLU A 385 -13.41 -16.44 19.50
CA GLU A 385 -13.23 -17.40 20.61
C GLU A 385 -12.53 -18.67 20.12
N GLN A 386 -12.59 -19.01 18.82
CA GLN A 386 -11.89 -20.23 18.38
C GLN A 386 -10.39 -20.11 18.67
N LYS A 387 -9.81 -18.93 18.59
CA LYS A 387 -8.38 -18.69 18.84
C LYS A 387 -7.95 -19.08 20.23
N SER A 388 -8.86 -19.14 21.20
CA SER A 388 -8.41 -19.56 22.53
C SER A 388 -8.92 -20.96 22.89
N LEU A 389 -9.43 -21.68 21.92
CA LEU A 389 -9.85 -23.06 22.13
C LEU A 389 -8.51 -23.84 22.08
N PRO A 390 -8.42 -25.00 22.72
CA PRO A 390 -7.14 -25.71 22.83
C PRO A 390 -6.70 -26.48 21.60
N TRP A 391 -6.57 -25.81 20.47
CA TRP A 391 -6.15 -26.54 19.24
C TRP A 391 -4.75 -27.13 19.32
N GLN A 392 -3.93 -26.54 20.15
CA GLN A 392 -2.54 -26.93 20.32
C GLN A 392 -2.40 -28.37 20.81
N ALA A 393 -3.33 -28.81 21.64
CA ALA A 393 -3.22 -30.17 22.16
C ALA A 393 -3.55 -31.11 21.02
N VAL A 394 -4.39 -30.68 20.09
CA VAL A 394 -4.77 -31.50 18.95
C VAL A 394 -3.56 -31.57 18.03
N TRP A 395 -2.95 -30.42 17.81
CA TRP A 395 -1.71 -30.43 16.95
C TRP A 395 -0.60 -31.34 17.49
N GLU A 396 -0.41 -31.27 18.79
CA GLU A 396 0.62 -32.08 19.42
C GLU A 396 0.32 -33.55 19.31
N TYR A 398 -1.32 -34.80 16.83
CA TYR A 398 -1.10 -35.14 15.42
C TYR A 398 0.38 -35.50 15.24
N CYS A 399 1.22 -34.72 15.91
CA CYS A 399 2.66 -34.93 15.87
C CYS A 399 3.03 -36.28 16.44
N GLN A 400 2.46 -36.62 17.58
CA GLN A 400 2.73 -37.90 18.21
C GLN A 400 2.30 -39.09 17.34
N ARG A 401 1.13 -38.97 16.75
CA ARG A 401 0.61 -40.01 15.90
C ARG A 401 1.46 -40.24 14.67
N HIS A 402 2.28 -39.27 14.28
CA HIS A 402 3.12 -39.40 13.12
C HIS A 402 4.55 -39.52 13.58
N ASP A 403 4.71 -39.94 14.82
CA ASP A 403 6.07 -40.07 15.29
C ASP A 403 6.98 -38.89 14.99
N THR A 404 6.53 -37.68 15.31
CA THR A 404 7.30 -36.45 15.09
C THR A 404 7.24 -35.63 16.38
N PRO A 405 8.27 -34.87 16.65
CA PRO A 405 8.32 -34.03 17.82
C PRO A 405 7.14 -33.10 17.86
N ALA A 406 6.52 -33.01 19.05
CA ALA A 406 5.32 -32.19 19.20
C ALA A 406 5.58 -30.71 19.43
N GLY A 407 6.73 -30.43 20.03
CA GLY A 407 7.07 -29.07 20.41
C GLY A 407 8.42 -28.66 19.94
N SER A 408 8.95 -27.67 20.61
CA SER A 408 10.21 -27.13 20.17
C SER A 408 11.43 -28.08 20.15
N GLU A 409 11.31 -29.28 20.66
CA GLU A 409 12.42 -30.21 20.65
C GLU A 409 13.03 -30.45 19.28
N TRP A 410 12.22 -30.27 18.23
CA TRP A 410 12.74 -30.51 16.89
C TRP A 410 13.98 -29.71 16.59
N LEU A 411 14.10 -28.55 17.21
CA LEU A 411 15.27 -27.69 16.98
C LEU A 411 16.59 -28.36 17.36
N GLU A 412 16.47 -29.09 18.47
CA GLU A 412 17.61 -29.84 18.99
C GLU A 412 18.09 -30.82 17.93
N SER A 413 17.14 -31.48 17.25
CA SER A 413 17.48 -32.40 16.14
C SER A 413 18.19 -31.67 15.00
N VAL A 414 17.70 -30.49 14.65
CA VAL A 414 18.35 -29.72 13.61
C VAL A 414 19.72 -29.27 14.06
N ARG A 415 19.77 -28.88 15.34
CA ARG A 415 21.05 -28.44 15.87
C ARG A 415 22.14 -29.53 15.76
N ALA A 416 21.75 -30.73 16.18
CA ALA A 416 22.59 -31.92 16.13
C ALA A 416 22.99 -32.30 14.67
N TYR A 417 22.08 -32.18 13.71
CA TYR A 417 22.39 -32.43 12.30
C TYR A 417 23.36 -31.36 11.76
N GLU A 418 23.18 -30.16 12.28
CA GLU A 418 24.06 -29.11 11.83
C GLU A 418 25.46 -29.49 12.35
N LYS A 419 25.53 -29.80 13.64
CA LYS A 419 26.78 -30.16 14.30
C LYS A 419 27.52 -31.27 13.56
N GLU A 420 26.81 -32.36 13.43
CA GLU A 420 27.32 -33.54 12.77
C GLU A 420 27.53 -33.38 11.29
N ILE A 421 26.57 -32.73 10.65
CA ILE A 421 26.60 -32.61 9.21
C ILE A 421 26.83 -31.27 8.59
N LEU A 422 25.84 -30.40 8.73
CA LEU A 422 25.96 -29.09 8.14
C LEU A 422 27.22 -28.31 8.56
N SER A 423 28.09 -28.90 9.36
CA SER A 423 29.31 -28.23 9.80
C SER A 423 30.47 -28.63 8.89
N ARG A 424 30.37 -29.82 8.33
CA ARG A 424 31.39 -30.35 7.46
C ARG A 424 31.37 -29.77 6.09
N ARG A 425 30.46 -28.82 5.90
CA ARG A 425 30.29 -28.06 4.67
C ARG A 425 30.70 -26.62 5.01
N THR B 9 -0.94 37.07 -37.17
CA THR B 9 -1.82 35.94 -36.81
C THR B 9 -2.23 36.01 -35.32
N THR B 10 -3.35 35.44 -34.94
CA THR B 10 -3.56 35.51 -33.51
C THR B 10 -2.42 34.76 -32.81
N GLN B 11 -2.27 34.98 -31.52
CA GLN B 11 -1.26 34.31 -30.70
C GLN B 11 -1.50 32.78 -30.66
N LEU B 12 -2.79 32.37 -30.68
CA LEU B 12 -3.13 30.97 -30.67
C LEU B 12 -2.58 30.36 -31.98
N GLU B 13 -2.84 31.06 -33.10
CA GLU B 13 -2.33 30.63 -34.41
C GLU B 13 -0.80 30.57 -34.42
N GLN B 14 -0.18 31.59 -33.82
CA GLN B 14 1.28 31.56 -33.84
C GLN B 14 1.87 30.36 -33.06
N ALA B 15 1.35 30.16 -31.84
CA ALA B 15 1.81 29.05 -31.00
C ALA B 15 1.57 27.72 -31.71
N TRP B 16 0.39 27.58 -32.37
CA TRP B 16 0.01 26.39 -33.11
C TRP B 16 1.04 26.11 -34.21
N GLU B 17 1.39 27.14 -34.99
CA GLU B 17 2.36 26.97 -36.07
C GLU B 17 3.65 26.41 -35.53
N LEU B 18 4.10 27.02 -34.46
CA LEU B 18 5.36 26.60 -33.79
C LEU B 18 5.30 25.12 -33.44
N ALA B 19 4.18 24.79 -32.77
CA ALA B 19 3.99 23.40 -32.34
C ALA B 19 3.91 22.45 -33.54
N LYS B 20 3.24 22.91 -34.58
CA LYS B 20 3.07 22.09 -35.74
C LYS B 20 4.45 21.68 -36.29
N GLN B 21 5.32 22.66 -36.34
CA GLN B 21 6.71 22.46 -36.85
C GLN B 21 7.46 21.59 -35.92
N ARG B 22 7.36 21.92 -34.64
CA ARG B 22 8.06 21.13 -33.68
C ARG B 22 7.67 19.64 -33.70
N PHE B 23 6.36 19.36 -33.78
CA PHE B 23 5.95 17.96 -33.80
C PHE B 23 6.28 17.25 -35.15
N ALA B 24 6.16 18.03 -36.25
CA ALA B 24 6.43 17.43 -37.58
C ALA B 24 7.86 16.98 -37.55
N ALA B 25 8.67 17.72 -36.82
CA ALA B 25 10.07 17.29 -36.71
C ALA B 25 10.24 15.88 -36.09
N VAL B 26 9.28 15.28 -35.30
CA VAL B 26 9.39 13.95 -34.66
C VAL B 26 8.44 12.99 -35.30
N GLY B 27 7.98 13.40 -36.46
CA GLY B 27 7.07 12.62 -37.31
C GLY B 27 5.61 12.64 -36.88
N ILE B 28 5.19 13.69 -36.18
CA ILE B 28 3.82 13.78 -35.70
C ILE B 28 3.11 14.90 -36.41
N ASP B 29 1.92 14.55 -36.91
CA ASP B 29 1.08 15.48 -37.64
C ASP B 29 0.01 16.07 -36.67
N VAL B 30 0.10 17.36 -36.34
CA VAL B 30 -0.86 17.94 -35.38
C VAL B 30 -2.29 17.99 -35.85
N GLU B 31 -2.49 18.25 -37.13
CA GLU B 31 -3.89 18.25 -37.64
C GLU B 31 -4.50 16.85 -37.51
N GLU B 32 -3.74 15.83 -37.90
CA GLU B 32 -4.22 14.48 -37.76
C GLU B 32 -4.47 14.15 -36.29
N ALA B 33 -3.60 14.58 -35.35
CA ALA B 33 -3.82 14.28 -33.94
C ALA B 33 -5.24 14.82 -33.51
N LEU B 34 -5.58 16.01 -33.98
CA LEU B 34 -6.87 16.60 -33.67
C LEU B 34 -7.99 15.77 -34.22
N ARG B 35 -7.83 15.31 -35.45
CA ARG B 35 -8.85 14.44 -36.08
C ARG B 35 -8.97 13.15 -35.26
N GLN B 36 -7.86 12.49 -34.86
CA GLN B 36 -7.94 11.29 -34.09
C GLN B 36 -8.61 11.50 -32.72
N LEU B 37 -8.39 12.69 -32.15
CA LEU B 37 -8.95 13.01 -30.83
C LEU B 37 -10.51 12.97 -30.90
N ASP B 38 -11.06 13.33 -32.06
CA ASP B 38 -12.50 13.23 -32.25
C ASP B 38 -12.98 11.82 -32.30
N ARG B 39 -12.12 10.78 -32.38
CA ARG B 39 -12.64 9.40 -32.37
C ARG B 39 -12.74 8.83 -31.00
N LEU B 40 -12.44 9.63 -29.99
CA LEU B 40 -12.39 9.15 -28.64
C LEU B 40 -13.38 9.94 -27.75
N PRO B 41 -14.61 9.58 -27.80
CA PRO B 41 -15.57 10.25 -26.95
C PRO B 41 -15.33 9.94 -25.48
N VAL B 42 -15.85 10.81 -24.57
CA VAL B 42 -15.78 10.54 -23.16
C VAL B 42 -17.23 10.59 -22.63
N SER B 43 -17.61 9.54 -21.91
CA SER B 43 -18.99 9.43 -21.37
C SER B 43 -19.04 10.10 -20.03
N HIS B 45 -20.72 11.19 -16.50
CA HIS B 45 -21.58 10.48 -15.55
C HIS B 45 -22.73 11.39 -15.07
N CYS B 46 -23.96 10.96 -15.40
CA CYS B 46 -25.08 11.83 -15.04
C CYS B 46 -25.19 12.10 -13.55
N TRP B 47 -24.80 11.16 -12.71
CA TRP B 47 -25.00 11.27 -11.30
C TRP B 47 -24.25 12.36 -10.48
N GLN B 48 -23.23 12.93 -11.12
CA GLN B 48 -22.47 13.94 -10.44
C GLN B 48 -23.35 15.19 -10.35
N GLY B 49 -24.35 15.30 -11.23
CA GLY B 49 -25.18 16.53 -11.31
C GLY B 49 -26.19 16.73 -10.15
N ASP B 50 -26.61 15.60 -9.54
CA ASP B 50 -27.61 15.61 -8.45
C ASP B 50 -27.23 14.71 -7.28
N ASP B 51 -25.93 14.48 -7.06
CA ASP B 51 -25.49 13.67 -5.96
C ASP B 51 -26.15 12.31 -5.91
N VAL B 52 -26.27 11.71 -7.06
CA VAL B 52 -26.78 10.38 -7.20
C VAL B 52 -28.18 10.28 -6.64
N SER B 53 -28.96 11.36 -6.67
CA SER B 53 -30.33 11.29 -6.17
C SER B 53 -31.28 10.48 -7.02
N GLY B 54 -31.26 10.81 -8.29
CA GLY B 54 -32.13 10.13 -9.22
C GLY B 54 -33.53 10.76 -9.12
N PHE B 55 -34.49 10.20 -9.85
CA PHE B 55 -35.80 10.82 -9.86
C PHE B 55 -36.93 9.92 -9.42
N GLU B 56 -36.59 8.89 -8.65
CA GLU B 56 -37.63 8.00 -8.13
C GLU B 56 -38.55 8.71 -7.11
N TYR B 72 -21.76 21.25 -1.46
CA TYR B 72 -21.92 22.46 -2.26
C TYR B 72 -23.39 22.69 -2.71
N PRO B 73 -23.80 23.94 -2.71
CA PRO B 73 -25.18 24.22 -3.12
C PRO B 73 -25.38 24.07 -4.63
N GLY B 74 -26.66 24.09 -5.07
CA GLY B 74 -26.97 24.09 -6.48
C GLY B 74 -27.24 22.77 -7.16
N LYS B 75 -27.31 21.66 -6.41
CA LYS B 75 -27.53 20.45 -7.12
C LYS B 75 -28.79 20.46 -7.90
N ALA B 76 -28.83 19.73 -9.01
CA ALA B 76 -30.01 19.65 -9.83
C ALA B 76 -31.03 18.82 -9.09
N ARG B 77 -32.31 19.17 -9.32
CA ARG B 77 -33.42 18.56 -8.60
C ARG B 77 -34.34 17.73 -9.41
N ASN B 78 -34.23 17.81 -10.72
CA ASN B 78 -35.08 16.99 -11.57
C ASN B 78 -34.42 16.88 -12.93
N ALA B 79 -34.98 16.15 -13.83
CA ALA B 79 -34.41 15.96 -15.13
C ALA B 79 -34.11 17.22 -15.91
N SER B 80 -34.98 18.22 -15.77
CA SER B 80 -34.79 19.45 -16.52
C SER B 80 -33.53 20.17 -16.11
N GLU B 81 -33.43 20.24 -14.80
CA GLU B 81 -32.30 20.92 -14.17
C GLU B 81 -30.98 20.16 -14.54
N LEU B 82 -31.07 18.84 -14.44
CA LEU B 82 -29.93 17.99 -14.72
C LEU B 82 -29.47 18.20 -16.16
N ARG B 83 -30.45 18.27 -17.10
CA ARG B 83 -30.14 18.49 -18.49
C ARG B 83 -29.58 19.87 -18.74
N ALA B 84 -30.10 20.86 -18.01
CA ALA B 84 -29.57 22.21 -18.17
C ALA B 84 -28.09 22.32 -17.73
N ASP B 85 -27.84 21.66 -16.61
CA ASP B 85 -26.51 21.63 -16.01
C ASP B 85 -25.54 20.90 -16.98
N LEU B 86 -25.98 19.76 -17.52
CA LEU B 86 -25.18 19.02 -18.46
C LEU B 86 -24.85 19.90 -19.66
N GLU B 87 -25.86 20.62 -20.16
CA GLU B 87 -25.58 21.49 -21.34
C GLU B 87 -24.47 22.57 -21.08
N GLN B 88 -24.48 23.13 -19.85
CA GLN B 88 -23.53 24.14 -19.44
C GLN B 88 -22.11 23.55 -19.45
N ALA B 89 -22.02 22.32 -18.94
CA ALA B 89 -20.71 21.62 -18.91
C ALA B 89 -20.29 21.29 -20.36
N ARG B 91 -20.88 22.73 -23.24
CA ARG B 91 -20.42 23.82 -24.07
C ARG B 91 -19.03 24.27 -23.70
N LEU B 92 -18.49 23.74 -22.59
CA LEU B 92 -17.11 24.12 -22.13
C LEU B 92 -16.08 22.97 -22.33
N ILE B 93 -16.61 21.83 -22.84
CA ILE B 93 -15.81 20.65 -23.05
C ILE B 93 -15.72 20.39 -24.54
N PRO B 94 -14.51 20.46 -25.12
CA PRO B 94 -14.45 20.30 -26.56
C PRO B 94 -14.60 18.86 -27.09
N GLY B 95 -15.27 18.76 -28.25
CA GLY B 95 -15.35 17.49 -28.95
C GLY B 95 -16.40 16.53 -28.41
N PRO B 96 -16.30 15.33 -28.87
CA PRO B 96 -17.32 14.33 -28.63
C PRO B 96 -17.53 13.92 -27.22
N LYS B 97 -18.82 13.81 -26.85
CA LYS B 97 -19.10 13.33 -25.54
C LYS B 97 -20.30 12.38 -25.60
N ARG B 98 -20.49 11.69 -24.48
CA ARG B 98 -21.64 10.80 -24.32
C ARG B 98 -22.20 11.04 -22.95
N LEU B 99 -23.39 10.52 -22.66
CA LEU B 99 -23.88 10.67 -21.30
C LEU B 99 -24.12 9.30 -20.77
N ASN B 100 -23.70 9.02 -19.54
CA ASN B 100 -23.84 7.72 -18.95
C ASN B 100 -24.96 7.87 -17.92
N LEU B 101 -26.06 7.12 -18.16
CA LEU B 101 -27.24 7.19 -17.28
C LEU B 101 -27.46 5.97 -16.41
N HIS B 102 -28.02 6.24 -15.25
CA HIS B 102 -28.38 5.26 -14.27
C HIS B 102 -29.90 5.02 -14.35
N ALA B 103 -30.31 3.80 -14.02
CA ALA B 103 -31.76 3.47 -14.08
C ALA B 103 -32.62 4.42 -13.19
N ILE B 104 -32.02 4.90 -12.08
CA ILE B 104 -32.78 5.78 -11.22
C ILE B 104 -33.07 7.13 -11.84
N TYR B 105 -32.56 7.39 -13.05
CA TYR B 105 -32.75 8.65 -13.76
C TYR B 105 -33.95 8.60 -14.75
N LEU B 106 -34.80 7.51 -14.62
CA LEU B 106 -35.98 7.37 -15.48
C LEU B 106 -36.93 8.57 -15.19
N GLU B 107 -37.76 8.90 -16.15
CA GLU B 107 -38.71 9.95 -15.99
C GLU B 107 -40.08 9.32 -16.25
N SER B 108 -40.84 9.15 -15.20
CA SER B 108 -42.21 8.60 -15.34
C SER B 108 -43.12 9.50 -14.53
N ASP B 109 -44.40 9.65 -14.87
CA ASP B 109 -45.24 10.46 -14.01
C ASP B 109 -45.62 9.67 -12.76
N THR B 110 -45.68 8.33 -12.91
CA THR B 110 -46.02 7.37 -11.84
C THR B 110 -44.79 6.53 -11.45
N PRO B 111 -44.79 5.97 -10.24
CA PRO B 111 -43.65 5.18 -9.80
C PRO B 111 -43.61 3.91 -10.54
N VAL B 112 -42.38 3.53 -10.81
CA VAL B 112 -42.11 2.35 -11.57
C VAL B 112 -41.22 1.49 -10.73
N SER B 113 -41.67 0.26 -10.53
CA SER B 113 -40.85 -0.63 -9.74
C SER B 113 -39.55 -0.90 -10.56
N ARG B 114 -38.37 -1.02 -9.94
CA ARG B 114 -37.18 -1.20 -10.78
C ARG B 114 -37.22 -2.34 -11.75
N ASP B 115 -37.90 -3.42 -11.35
CA ASP B 115 -37.97 -4.60 -12.17
C ASP B 115 -38.89 -4.48 -13.33
N GLN B 116 -39.53 -3.34 -13.46
CA GLN B 116 -40.43 -3.14 -14.59
C GLN B 116 -40.16 -1.89 -15.42
N ILE B 117 -38.95 -1.36 -15.44
CA ILE B 117 -38.71 -0.17 -16.25
C ILE B 117 -38.74 -0.56 -17.68
N LYS B 118 -39.06 0.44 -18.53
CA LYS B 118 -39.23 0.29 -19.97
C LYS B 118 -38.57 1.41 -20.70
N PRO B 119 -38.32 1.19 -21.98
CA PRO B 119 -37.70 2.18 -22.84
C PRO B 119 -38.40 3.44 -22.79
N GLU B 120 -39.72 3.35 -22.75
CA GLU B 120 -40.47 4.56 -22.73
C GLU B 120 -40.15 5.41 -21.51
N HIS B 121 -39.62 4.83 -20.42
CA HIS B 121 -39.26 5.69 -19.28
C HIS B 121 -37.95 6.52 -19.48
N PHE B 122 -37.31 6.34 -20.63
CA PHE B 122 -36.07 7.08 -20.97
C PHE B 122 -36.23 7.83 -22.30
N LYS B 123 -37.50 8.03 -22.79
CA LYS B 123 -37.71 8.73 -24.06
C LYS B 123 -37.16 10.14 -24.12
N ASN B 124 -37.36 10.85 -23.03
CA ASN B 124 -36.92 12.25 -23.01
C ASN B 124 -35.40 12.32 -23.14
N TRP B 125 -34.69 11.38 -22.45
CA TRP B 125 -33.24 11.31 -22.48
C TRP B 125 -32.83 11.03 -23.90
N VAL B 126 -33.51 10.05 -24.49
CA VAL B 126 -33.14 9.75 -25.89
C VAL B 126 -33.32 10.94 -26.83
N GLU B 127 -34.50 11.61 -26.78
CA GLU B 127 -34.75 12.78 -27.65
C GLU B 127 -33.72 13.86 -27.44
N TRP B 128 -33.33 14.06 -26.21
CA TRP B 128 -32.32 15.11 -25.92
C TRP B 128 -30.90 14.76 -26.37
N ALA B 129 -30.55 13.50 -26.24
CA ALA B 129 -29.24 12.99 -26.70
C ALA B 129 -29.16 13.18 -28.21
N LYS B 130 -30.28 12.88 -28.90
CA LYS B 130 -30.37 13.03 -30.35
C LYS B 130 -30.13 14.48 -30.74
N ALA B 131 -30.77 15.32 -30.02
CA ALA B 131 -30.63 16.71 -30.32
C ALA B 131 -29.28 17.30 -29.95
N ASN B 132 -28.53 16.62 -29.09
CA ASN B 132 -27.28 17.15 -28.63
C ASN B 132 -26.10 16.36 -29.15
N GLN B 133 -26.35 15.53 -30.14
CA GLN B 133 -25.27 14.72 -30.72
C GLN B 133 -24.50 13.83 -29.73
N LEU B 134 -25.24 13.28 -28.79
CA LEU B 134 -24.67 12.45 -27.76
C LEU B 134 -25.08 11.00 -27.92
N GLY B 135 -24.14 10.08 -27.61
CA GLY B 135 -24.46 8.69 -27.51
C GLY B 135 -24.82 8.53 -26.03
N LEU B 136 -25.55 7.48 -25.68
CA LEU B 136 -25.94 7.22 -24.28
C LEU B 136 -25.47 5.82 -23.92
N ASP B 137 -25.12 5.70 -22.65
CA ASP B 137 -24.66 4.48 -21.99
C ASP B 137 -25.60 4.27 -20.79
N PHE B 138 -25.66 3.10 -20.23
CA PHE B 138 -26.59 2.83 -19.15
C PHE B 138 -26.04 1.95 -18.06
N ASN B 139 -26.80 1.86 -16.94
CA ASN B 139 -26.48 1.06 -15.82
C ASN B 139 -27.74 0.76 -14.99
N PRO B 140 -27.89 -0.48 -14.66
CA PRO B 140 -28.94 -0.82 -13.75
C PRO B 140 -28.52 -0.21 -12.43
N SER B 141 -29.48 0.16 -11.55
CA SER B 141 -29.18 0.78 -10.26
C SER B 141 -29.46 -0.21 -9.17
N CYS B 142 -28.41 -0.81 -8.66
CA CYS B 142 -28.53 -1.89 -7.64
C CYS B 142 -28.19 -1.42 -6.23
N PHE B 143 -28.75 -0.26 -5.82
CA PHE B 143 -28.37 0.26 -4.54
C PHE B 143 -29.43 1.24 -4.16
N SER B 144 -29.27 1.74 -2.95
CA SER B 144 -30.15 2.77 -2.37
C SER B 144 -31.62 2.40 -2.63
N HIS B 145 -31.96 1.17 -2.21
CA HIS B 145 -33.28 0.60 -2.36
C HIS B 145 -33.64 -0.38 -1.22
N PRO B 146 -34.95 -0.48 -0.91
CA PRO B 146 -35.29 -1.37 0.19
C PRO B 146 -34.77 -2.79 0.01
N LEU B 147 -34.72 -3.22 -1.24
CA LEU B 147 -34.27 -4.57 -1.57
C LEU B 147 -32.76 -4.65 -1.65
N SER B 148 -32.06 -3.55 -1.37
CA SER B 148 -30.60 -3.66 -1.36
C SER B 148 -30.10 -3.41 0.06
N ALA B 149 -31.05 -3.32 0.98
CA ALA B 149 -30.64 -2.99 2.33
C ALA B 149 -29.72 -3.96 3.12
N ASP B 150 -29.82 -5.24 2.85
CA ASP B 150 -28.99 -6.23 3.52
C ASP B 150 -27.58 -6.16 2.99
N GLY B 151 -27.36 -5.36 1.96
CA GLY B 151 -25.99 -5.33 1.38
C GLY B 151 -25.75 -6.38 0.28
N PHE B 152 -26.81 -7.03 -0.17
CA PHE B 152 -26.79 -8.03 -1.23
C PHE B 152 -27.90 -7.76 -2.20
N THR B 153 -27.67 -8.07 -3.48
CA THR B 153 -28.63 -7.80 -4.52
C THR B 153 -28.66 -8.98 -5.42
N LEU B 154 -27.84 -8.94 -6.48
CA LEU B 154 -27.75 -10.06 -7.36
C LEU B 154 -27.22 -11.34 -6.67
N SER B 155 -26.49 -11.21 -5.54
CA SER B 155 -25.98 -12.40 -4.87
C SER B 155 -26.77 -12.75 -3.61
N HIS B 156 -27.92 -12.07 -3.46
CA HIS B 156 -28.78 -12.28 -2.28
C HIS B 156 -29.23 -13.73 -2.15
N ALA B 157 -29.21 -14.24 -0.92
CA ALA B 157 -29.60 -15.63 -0.70
C ALA B 157 -31.10 -15.81 -0.91
N ASP B 158 -31.86 -14.77 -0.64
CA ASP B 158 -33.31 -14.88 -0.81
C ASP B 158 -33.69 -14.83 -2.27
N ASP B 159 -34.39 -15.88 -2.66
CA ASP B 159 -34.75 -15.99 -4.04
C ASP B 159 -35.55 -14.88 -4.60
N SER B 160 -36.50 -14.36 -3.82
CA SER B 160 -37.30 -13.30 -4.39
C SER B 160 -36.51 -12.01 -4.56
N ILE B 161 -35.66 -11.73 -3.58
CA ILE B 161 -34.85 -10.50 -3.65
C ILE B 161 -33.89 -10.62 -4.85
N ARG B 162 -33.20 -11.77 -4.90
CA ARG B 162 -32.32 -12.03 -6.01
C ARG B 162 -33.05 -11.88 -7.33
N GLN B 163 -34.25 -12.49 -7.44
CA GLN B 163 -35.02 -12.39 -8.69
C GLN B 163 -35.37 -10.96 -9.05
N PHE B 164 -35.69 -10.13 -8.05
CA PHE B 164 -36.05 -8.77 -8.38
C PHE B 164 -34.86 -8.09 -9.08
N TRP B 165 -33.64 -8.25 -8.53
CA TRP B 165 -32.45 -7.57 -9.17
C TRP B 165 -32.09 -8.11 -10.56
N ILE B 166 -32.26 -9.42 -10.72
CA ILE B 166 -32.03 -10.09 -11.98
C ILE B 166 -32.99 -9.47 -12.93
N ASP B 167 -34.25 -9.37 -12.49
CA ASP B 167 -35.22 -8.79 -13.38
C ASP B 167 -34.94 -7.35 -13.73
N HIS B 168 -34.53 -6.59 -12.73
CA HIS B 168 -34.21 -5.19 -13.00
C HIS B 168 -33.07 -5.12 -14.07
N CYS B 169 -32.06 -5.98 -13.88
CA CYS B 169 -30.95 -5.98 -14.83
C CYS B 169 -31.38 -6.36 -16.19
N LYS B 170 -32.19 -7.45 -16.29
CA LYS B 170 -32.71 -7.83 -17.64
C LYS B 170 -33.51 -6.69 -18.32
N ALA B 171 -34.35 -6.03 -17.53
CA ALA B 171 -35.11 -4.94 -18.10
C ALA B 171 -34.21 -3.83 -18.55
N SER B 172 -33.19 -3.59 -17.71
CA SER B 172 -32.24 -2.54 -18.02
C SER B 172 -31.57 -2.73 -19.39
N ARG B 173 -31.24 -4.00 -19.75
CA ARG B 173 -30.59 -4.33 -21.04
C ARG B 173 -31.44 -3.90 -22.23
N ARG B 174 -32.77 -4.01 -22.06
CA ARG B 174 -33.70 -3.63 -23.10
C ARG B 174 -33.70 -2.15 -23.23
N VAL B 175 -33.54 -1.41 -22.10
CA VAL B 175 -33.50 0.08 -22.20
C VAL B 175 -32.20 0.46 -23.00
N SER B 176 -31.11 -0.14 -22.55
CA SER B 176 -29.87 0.09 -23.19
C SER B 176 -29.98 -0.17 -24.71
N ALA B 177 -30.50 -1.36 -25.11
CA ALA B 177 -30.61 -1.69 -26.57
C ALA B 177 -31.42 -0.64 -27.32
N TYR B 178 -32.40 -0.08 -26.59
CA TYR B 178 -33.27 0.94 -27.14
C TYR B 178 -32.43 2.17 -27.45
N PHE B 179 -31.55 2.59 -26.53
CA PHE B 179 -30.66 3.72 -26.83
C PHE B 179 -29.82 3.41 -28.08
N GLY B 180 -29.23 2.25 -28.10
CA GLY B 180 -28.42 1.98 -29.28
C GLY B 180 -29.21 2.05 -30.61
N GLU B 181 -30.40 1.43 -30.60
CA GLU B 181 -31.30 1.40 -31.74
C GLU B 181 -31.63 2.82 -32.19
N GLN B 182 -31.99 3.70 -31.22
CA GLN B 182 -32.34 5.06 -31.55
C GLN B 182 -31.19 6.00 -31.90
N LEU B 183 -29.98 5.82 -31.32
CA LEU B 183 -28.97 6.82 -31.54
C LEU B 183 -27.89 6.42 -32.50
N GLY B 184 -27.89 5.17 -32.87
CA GLY B 184 -26.96 4.68 -33.89
C GLY B 184 -25.58 4.32 -33.42
N THR B 185 -25.42 4.24 -32.13
CA THR B 185 -24.19 3.86 -31.56
C THR B 185 -24.57 2.98 -30.38
N PRO B 186 -23.92 1.88 -30.18
CA PRO B 186 -24.28 1.02 -29.10
C PRO B 186 -24.14 1.62 -27.72
N SER B 187 -25.08 1.26 -26.88
CA SER B 187 -25.07 1.67 -25.51
C SER B 187 -24.29 0.60 -24.71
N VAL B 188 -23.33 1.02 -23.86
CA VAL B 188 -22.61 0.03 -23.10
C VAL B 188 -23.29 0.04 -21.75
N ASN B 190 -23.14 -1.11 -18.13
CA ASN B 190 -22.24 -1.58 -17.08
C ASN B 190 -22.99 -2.12 -15.89
N ILE B 191 -22.56 -3.27 -15.43
CA ILE B 191 -23.14 -3.89 -14.24
C ILE B 191 -22.21 -3.79 -13.07
N TRP B 192 -22.66 -3.06 -12.02
CA TRP B 192 -21.90 -2.93 -10.78
C TRP B 192 -22.87 -3.13 -9.60
N ILE B 193 -22.48 -3.95 -8.62
CA ILE B 193 -23.30 -4.15 -7.42
C ILE B 193 -22.48 -3.90 -6.18
N PRO B 194 -23.12 -3.56 -5.08
CA PRO B 194 -22.37 -3.23 -3.87
C PRO B 194 -22.06 -4.42 -3.01
N ASP B 195 -22.58 -5.55 -3.43
CA ASP B 195 -22.55 -6.75 -2.63
C ASP B 195 -21.29 -7.07 -1.92
N GLY B 196 -21.35 -7.30 -0.61
CA GLY B 196 -20.12 -7.57 0.13
C GLY B 196 -20.42 -7.63 1.61
N LYS B 198 -18.93 -6.12 5.56
CA LYS B 198 -18.09 -5.18 6.24
C LYS B 198 -16.99 -5.94 6.96
N ASP B 199 -17.33 -7.08 7.64
CA ASP B 199 -16.29 -7.73 8.45
C ASP B 199 -15.95 -9.14 8.10
N ILE B 200 -15.08 -9.77 8.91
CA ILE B 200 -14.63 -11.13 8.69
C ILE B 200 -15.79 -12.01 8.25
N THR B 201 -15.66 -12.66 7.08
CA THR B 201 -16.70 -13.46 6.39
C THR B 201 -16.45 -14.91 6.41
N VAL B 202 -17.48 -15.69 6.62
CA VAL B 202 -17.22 -17.09 6.69
C VAL B 202 -17.27 -17.75 5.34
N ASP B 203 -18.27 -17.33 4.54
CA ASP B 203 -18.51 -17.96 3.24
C ASP B 203 -18.44 -17.03 2.11
N ARG B 204 -17.26 -16.96 1.48
CA ARG B 204 -17.10 -16.06 0.35
C ARG B 204 -17.53 -16.73 -0.92
N LEU B 205 -17.69 -18.05 -0.85
CA LEU B 205 -18.06 -18.77 -2.05
C LEU B 205 -19.52 -18.70 -2.50
N ALA B 206 -20.47 -19.02 -1.60
CA ALA B 206 -21.88 -19.08 -2.02
C ALA B 206 -22.40 -17.80 -2.70
N PRO B 207 -22.08 -16.62 -2.15
CA PRO B 207 -22.54 -15.35 -2.79
C PRO B 207 -21.97 -15.25 -4.19
N ARG B 208 -20.71 -15.76 -4.38
CA ARG B 208 -20.11 -15.70 -5.76
C ARG B 208 -20.75 -16.68 -6.72
N GLN B 209 -21.08 -17.91 -6.19
CA GLN B 209 -21.81 -18.88 -7.02
C GLN B 209 -23.17 -18.29 -7.49
N ARG B 210 -23.89 -17.65 -6.53
CA ARG B 210 -25.21 -17.06 -6.82
C ARG B 210 -25.06 -15.92 -7.78
N LEU B 211 -23.94 -15.18 -7.60
CA LEU B 211 -23.71 -14.06 -8.51
C LEU B 211 -23.48 -14.56 -9.92
N LEU B 212 -22.67 -15.62 -10.02
CA LEU B 212 -22.34 -16.19 -11.34
C LEU B 212 -23.60 -16.63 -12.13
N ALA B 213 -24.46 -17.34 -11.38
CA ALA B 213 -25.71 -17.84 -11.95
C ALA B 213 -26.65 -16.67 -12.31
N ALA B 214 -26.72 -15.66 -11.42
CA ALA B 214 -27.57 -14.53 -11.73
C ALA B 214 -27.20 -13.79 -12.97
N LEU B 215 -25.90 -13.49 -13.11
CA LEU B 215 -25.49 -12.75 -14.27
C LEU B 215 -25.75 -13.57 -15.53
N ASP B 216 -25.60 -14.90 -15.44
CA ASP B 216 -25.86 -15.65 -16.63
C ASP B 216 -27.28 -15.43 -16.99
N GLU B 217 -28.09 -15.34 -15.97
CA GLU B 217 -29.51 -15.16 -16.28
C GLU B 217 -29.70 -13.77 -16.84
N VAL B 218 -29.03 -12.83 -16.23
CA VAL B 218 -29.21 -11.49 -16.71
C VAL B 218 -28.83 -11.31 -18.17
N ILE B 219 -27.73 -11.95 -18.64
CA ILE B 219 -27.32 -11.74 -20.01
C ILE B 219 -27.86 -12.77 -20.98
N SER B 220 -28.80 -13.60 -20.52
CA SER B 220 -29.36 -14.64 -21.42
C SER B 220 -30.16 -14.13 -22.63
N GLU B 221 -30.87 -13.00 -22.61
CA GLU B 221 -31.59 -12.52 -23.80
C GLU B 221 -30.59 -11.94 -24.76
N LYS B 222 -30.49 -12.54 -25.91
CA LYS B 222 -29.50 -12.02 -26.82
C LYS B 222 -29.97 -10.74 -27.44
N LEU B 223 -29.15 -9.70 -27.37
CA LEU B 223 -29.56 -8.45 -27.97
C LEU B 223 -28.58 -8.08 -29.08
N ASN B 224 -28.98 -7.22 -30.00
CA ASN B 224 -28.14 -6.81 -31.11
C ASN B 224 -26.88 -6.06 -30.63
N PRO B 225 -25.73 -6.64 -30.86
CA PRO B 225 -24.45 -6.04 -30.51
C PRO B 225 -24.21 -4.73 -31.16
N ALA B 226 -24.99 -4.40 -32.18
CA ALA B 226 -24.83 -3.12 -32.79
C ALA B 226 -25.53 -2.10 -31.89
N HIS B 227 -26.32 -2.61 -30.94
CA HIS B 227 -27.03 -1.64 -30.14
C HIS B 227 -26.72 -1.66 -28.66
N HIS B 228 -26.17 -2.75 -28.17
CA HIS B 228 -25.98 -2.91 -26.76
C HIS B 228 -24.76 -3.76 -26.47
N ILE B 229 -24.10 -3.42 -25.42
CA ILE B 229 -22.99 -4.21 -25.01
C ILE B 229 -23.09 -4.33 -23.53
N ASP B 230 -22.81 -5.51 -22.98
CA ASP B 230 -22.83 -5.71 -21.55
C ASP B 230 -21.44 -5.61 -20.97
N ALA B 231 -21.32 -4.95 -19.85
CA ALA B 231 -20.04 -4.89 -19.15
C ALA B 231 -20.21 -5.19 -17.68
N VAL B 232 -19.16 -5.74 -17.01
CA VAL B 232 -19.17 -6.06 -15.58
C VAL B 232 -18.03 -5.34 -14.88
N GLU B 233 -18.27 -4.78 -13.69
CA GLU B 233 -17.23 -4.00 -13.01
C GLU B 233 -16.94 -4.41 -11.60
N SER B 234 -15.66 -4.69 -11.32
CA SER B 234 -15.27 -5.05 -9.96
C SER B 234 -14.96 -3.84 -9.15
N LYS B 235 -14.86 -4.07 -7.88
CA LYS B 235 -14.52 -3.02 -6.91
C LYS B 235 -13.77 -3.71 -5.78
N LEU B 236 -12.72 -3.10 -5.23
CA LEU B 236 -12.00 -3.81 -4.18
C LEU B 236 -12.77 -3.81 -2.86
N PHE B 237 -13.29 -2.64 -2.50
CA PHE B 237 -14.04 -2.59 -1.27
C PHE B 237 -14.79 -1.28 -1.33
N GLY B 238 -15.74 -1.11 -0.43
CA GLY B 238 -16.58 0.07 -0.29
C GLY B 238 -16.88 0.31 1.18
N ILE B 239 -17.07 1.57 1.58
CA ILE B 239 -17.38 1.84 2.98
C ILE B 239 -18.50 0.91 3.41
N GLY B 240 -18.27 0.21 4.53
CA GLY B 240 -19.26 -0.70 5.08
C GLY B 240 -19.31 -2.09 4.47
N ALA B 241 -18.51 -2.31 3.43
CA ALA B 241 -18.40 -3.59 2.76
C ALA B 241 -16.92 -3.81 2.53
N GLU B 242 -16.20 -3.47 3.55
CA GLU B 242 -14.77 -3.49 3.43
C GLU B 242 -13.99 -4.80 3.49
N SER B 243 -14.52 -5.87 4.14
CA SER B 243 -13.71 -7.05 4.24
C SER B 243 -13.84 -8.00 3.08
N TYR B 244 -14.96 -7.91 2.36
CA TYR B 244 -15.22 -8.83 1.28
C TYR B 244 -16.12 -8.19 0.28
N THR B 245 -15.79 -8.36 -0.96
CA THR B 245 -16.62 -7.87 -2.06
C THR B 245 -16.94 -9.09 -2.91
N VAL B 246 -18.24 -9.33 -3.14
CA VAL B 246 -18.61 -10.50 -3.97
C VAL B 246 -18.03 -10.44 -5.37
N GLY B 247 -18.29 -9.33 -6.07
CA GLY B 247 -17.80 -9.14 -7.44
C GLY B 247 -16.38 -8.55 -7.39
N SER B 248 -15.39 -9.41 -7.19
CA SER B 248 -13.99 -8.96 -7.13
C SER B 248 -13.38 -8.91 -8.54
N ASN B 249 -12.15 -8.44 -8.56
CA ASN B 249 -11.43 -8.38 -9.82
C ASN B 249 -11.33 -9.76 -10.51
N GLU B 250 -10.86 -10.74 -9.74
CA GLU B 250 -10.72 -12.10 -10.27
C GLU B 250 -12.08 -12.61 -10.68
N PHE B 251 -13.06 -12.38 -9.83
CA PHE B 251 -14.42 -12.84 -10.21
C PHE B 251 -14.84 -12.34 -11.63
N TYR B 252 -14.68 -11.05 -11.86
CA TYR B 252 -15.12 -10.50 -13.12
C TYR B 252 -14.16 -10.71 -14.27
N GLY B 254 -12.69 -13.47 -14.61
CA GLY B 254 -13.09 -14.83 -15.02
C GLY B 254 -14.40 -14.76 -15.79
N TYR B 255 -15.32 -13.94 -15.25
CA TYR B 255 -16.63 -13.79 -15.87
C TYR B 255 -16.60 -13.26 -17.31
N ALA B 256 -15.92 -12.12 -17.51
CA ALA B 256 -15.86 -11.57 -18.86
C ALA B 256 -15.13 -12.46 -19.86
N THR B 257 -14.08 -13.15 -19.36
CA THR B 257 -13.32 -13.99 -20.28
C THR B 257 -14.23 -15.17 -20.66
N SER B 258 -14.85 -15.80 -19.69
CA SER B 258 -15.65 -17.00 -19.99
C SER B 258 -16.97 -16.71 -20.70
N ARG B 259 -17.59 -15.59 -20.42
CA ARG B 259 -18.86 -15.21 -21.05
C ARG B 259 -18.70 -14.23 -22.19
N GLN B 260 -17.51 -13.74 -22.37
CA GLN B 260 -17.31 -12.81 -23.43
C GLN B 260 -18.15 -11.55 -23.34
N THR B 261 -18.23 -10.97 -22.12
CA THR B 261 -18.86 -9.66 -21.98
C THR B 261 -17.69 -8.63 -22.00
N ALA B 262 -18.03 -7.34 -21.93
CA ALA B 262 -16.97 -6.36 -21.81
C ALA B 262 -16.58 -6.41 -20.34
N LEU B 263 -15.32 -5.93 -20.08
CA LEU B 263 -14.83 -5.84 -18.73
C LEU B 263 -14.62 -4.37 -18.42
N CYS B 264 -15.12 -3.96 -17.25
CA CYS B 264 -15.00 -2.57 -16.78
C CYS B 264 -13.86 -2.49 -15.77
N LEU B 265 -12.89 -1.66 -16.13
CA LEU B 265 -11.76 -1.45 -15.20
C LEU B 265 -11.91 -0.07 -14.57
N ASP B 266 -11.98 0.02 -13.25
CA ASP B 266 -12.15 1.33 -12.63
C ASP B 266 -10.88 1.76 -11.91
N ALA B 267 -10.31 2.88 -12.38
CA ALA B 267 -9.10 3.43 -11.81
C ALA B 267 -9.20 3.75 -10.33
N GLY B 268 -10.42 3.91 -9.75
CA GLY B 268 -10.38 4.12 -8.30
C GLY B 268 -10.68 2.85 -7.49
N HIS B 269 -10.94 1.70 -8.14
CA HIS B 269 -11.40 0.51 -7.42
C HIS B 269 -10.44 -0.58 -7.08
N PHE B 270 -9.15 -0.28 -7.03
CA PHE B 270 -8.19 -1.37 -6.78
C PHE B 270 -7.42 -1.24 -5.49
N HIS B 271 -6.32 -2.02 -5.37
CA HIS B 271 -5.46 -1.95 -4.18
C HIS B 271 -4.51 -0.71 -4.29
N PRO B 272 -3.97 -0.35 -3.11
CA PRO B 272 -3.03 0.80 -3.10
C PRO B 272 -1.90 0.46 -4.08
N THR B 273 -1.55 1.42 -4.93
CA THR B 273 -0.45 1.30 -5.94
C THR B 273 -0.89 0.51 -7.16
N GLU B 274 -2.07 -0.11 -7.09
CA GLU B 274 -2.51 -0.92 -8.24
C GLU B 274 -3.00 -0.07 -9.41
N VAL B 275 -2.57 -0.36 -10.68
CA VAL B 275 -3.02 0.47 -11.81
C VAL B 275 -3.71 -0.22 -12.92
N ILE B 276 -4.81 0.39 -13.35
CA ILE B 276 -5.49 -0.22 -14.44
C ILE B 276 -4.73 -0.02 -15.74
N SER B 277 -3.83 1.00 -15.84
CA SER B 277 -3.18 1.12 -17.17
C SER B 277 -2.45 -0.20 -17.56
N ASP B 278 -1.87 -0.82 -16.61
CA ASP B 278 -1.16 -2.04 -16.89
C ASP B 278 -2.12 -3.10 -17.37
N LYS B 279 -3.36 -3.11 -16.78
CA LYS B 279 -4.32 -4.17 -17.05
C LYS B 279 -4.87 -4.20 -18.45
N ILE B 280 -4.91 -3.05 -19.11
CA ILE B 280 -5.51 -2.93 -20.40
C ILE B 280 -4.94 -3.91 -21.41
N SER B 281 -3.60 -3.95 -21.57
CA SER B 281 -3.05 -4.84 -22.60
C SER B 281 -3.24 -6.32 -22.20
N ALA B 282 -3.32 -6.63 -20.94
CA ALA B 282 -3.49 -8.02 -20.51
C ALA B 282 -4.91 -8.47 -20.76
N ALA B 283 -5.86 -7.67 -20.29
CA ALA B 283 -7.29 -8.05 -20.44
C ALA B 283 -7.74 -8.13 -21.89
N LEU B 285 -6.43 -9.24 -24.34
CA LEU B 285 -6.13 -10.52 -25.03
C LEU B 285 -7.23 -11.56 -24.69
N TYR B 286 -8.13 -11.26 -23.74
CA TYR B 286 -9.11 -12.25 -23.38
C TYR B 286 -10.59 -11.84 -23.49
N VAL B 287 -10.83 -10.54 -23.37
CA VAL B 287 -12.21 -9.98 -23.42
C VAL B 287 -12.39 -9.11 -24.63
N PRO B 288 -13.59 -9.05 -25.17
CA PRO B 288 -13.80 -8.38 -26.41
C PRO B 288 -13.71 -6.84 -26.39
N GLN B 289 -14.18 -6.26 -25.28
CA GLN B 289 -14.22 -4.83 -25.17
C GLN B 289 -13.90 -4.46 -23.75
N LEU B 290 -13.39 -3.18 -23.62
CA LEU B 290 -13.06 -2.70 -22.29
C LEU B 290 -13.77 -1.39 -22.02
N LEU B 291 -14.31 -1.29 -20.82
CA LEU B 291 -14.93 -0.09 -20.34
C LEU B 291 -13.94 0.45 -19.32
N LEU B 292 -13.39 1.67 -19.59
CA LEU B 292 -12.42 2.30 -18.67
C LEU B 292 -13.08 3.44 -17.89
N HIS B 293 -13.15 3.30 -16.55
CA HIS B 293 -13.74 4.30 -15.68
C HIS B 293 -12.62 5.05 -15.03
N VAL B 294 -12.53 6.37 -15.26
CA VAL B 294 -11.49 7.17 -14.67
C VAL B 294 -12.01 7.96 -13.52
N SER B 295 -11.22 7.94 -12.48
CA SER B 295 -11.49 8.68 -11.26
C SER B 295 -10.21 8.66 -10.49
N ARG B 296 -10.06 9.62 -9.55
CA ARG B 296 -8.84 9.72 -8.75
C ARG B 296 -9.08 9.22 -7.34
N PRO B 297 -8.52 8.07 -7.01
CA PRO B 297 -8.68 7.50 -5.65
C PRO B 297 -7.70 8.29 -4.81
N VAL B 298 -8.17 8.70 -3.66
CA VAL B 298 -7.30 9.49 -2.82
C VAL B 298 -7.33 8.88 -1.44
N ARG B 299 -6.26 8.16 -1.11
CA ARG B 299 -6.09 7.47 0.18
C ARG B 299 -7.07 6.30 0.33
N TRP B 300 -8.02 6.23 -0.58
CA TRP B 300 -9.04 5.21 -0.60
C TRP B 300 -9.89 5.38 -1.84
N ASP B 301 -10.84 4.45 -2.07
CA ASP B 301 -11.74 4.54 -3.24
C ASP B 301 -12.67 5.74 -3.02
N SER B 302 -12.02 6.91 -2.96
CA SER B 302 -12.64 8.17 -2.66
C SER B 302 -13.44 8.83 -3.77
N ASP B 303 -13.16 8.53 -5.07
CA ASP B 303 -13.86 9.18 -6.19
C ASP B 303 -13.64 10.69 -6.43
N HIS B 304 -12.39 11.15 -6.41
CA HIS B 304 -12.10 12.56 -6.68
C HIS B 304 -12.10 12.86 -8.17
N VAL B 305 -12.26 14.11 -8.53
CA VAL B 305 -12.25 14.50 -9.93
C VAL B 305 -10.88 14.13 -10.59
N VAL B 306 -10.95 13.64 -11.82
CA VAL B 306 -9.83 13.24 -12.63
C VAL B 306 -8.94 14.42 -12.95
N LEU B 307 -7.65 14.22 -12.66
CA LEU B 307 -6.59 15.25 -12.96
C LEU B 307 -5.72 14.78 -14.09
N LEU B 308 -4.99 15.72 -14.66
CA LEU B 308 -4.04 15.36 -15.72
C LEU B 308 -2.78 14.96 -14.91
N ASP B 309 -2.75 13.69 -14.56
CA ASP B 309 -1.72 13.17 -13.68
C ASP B 309 -1.05 11.91 -14.28
N ASP B 310 -0.14 11.31 -13.50
CA ASP B 310 0.59 10.17 -14.08
C ASP B 310 -0.29 9.03 -14.63
N GLU B 311 -1.22 8.58 -13.80
CA GLU B 311 -2.07 7.42 -14.21
C GLU B 311 -3.11 7.76 -15.24
N THR B 312 -3.71 8.98 -15.17
CA THR B 312 -4.65 9.32 -16.23
C THR B 312 -3.91 9.31 -17.60
N GLN B 313 -2.67 9.86 -17.58
CA GLN B 313 -1.88 9.85 -18.80
C GLN B 313 -1.55 8.39 -19.20
N ALA B 314 -1.22 7.59 -18.23
CA ALA B 314 -0.83 6.20 -18.50
C ALA B 314 -1.98 5.45 -19.19
N ILE B 315 -3.16 5.73 -18.64
CA ILE B 315 -4.35 5.14 -19.24
C ILE B 315 -4.53 5.56 -20.67
N ALA B 316 -4.51 6.86 -20.89
CA ALA B 316 -4.67 7.34 -22.27
C ALA B 316 -3.62 6.71 -23.22
N SER B 317 -2.36 6.70 -22.74
CA SER B 317 -1.25 6.18 -23.54
C SER B 317 -1.47 4.73 -24.00
N GLU B 318 -1.97 3.88 -23.05
CA GLU B 318 -2.20 2.50 -23.46
C GLU B 318 -3.30 2.44 -24.49
N ILE B 319 -4.37 3.24 -24.27
CA ILE B 319 -5.46 3.22 -25.26
C ILE B 319 -5.00 3.46 -26.69
N VAL B 320 -4.26 4.54 -26.83
CA VAL B 320 -3.77 5.02 -28.12
C VAL B 320 -2.67 4.12 -28.67
N ARG B 321 -1.72 3.82 -27.83
CA ARG B 321 -0.63 2.94 -28.29
C ARG B 321 -1.14 1.63 -28.87
N HIS B 322 -2.15 1.01 -28.24
CA HIS B 322 -2.66 -0.25 -28.75
C HIS B 322 -3.84 -0.10 -29.71
N ASP B 323 -4.01 1.09 -30.25
CA ASP B 323 -5.05 1.36 -31.22
C ASP B 323 -6.43 0.84 -30.80
N LEU B 324 -6.77 1.07 -29.58
CA LEU B 324 -8.01 0.51 -29.06
C LEU B 324 -9.33 1.23 -29.38
N PHE B 325 -9.30 2.21 -30.28
CA PHE B 325 -10.46 3.01 -30.68
C PHE B 325 -11.77 2.23 -30.73
N ASP B 326 -11.76 1.08 -31.33
CA ASP B 326 -13.03 0.40 -31.49
C ASP B 326 -13.38 -0.57 -30.45
N ARG B 327 -12.55 -0.72 -29.46
CA ARG B 327 -12.91 -1.71 -28.47
C ARG B 327 -12.94 -1.13 -27.06
N VAL B 328 -12.71 0.19 -26.97
CA VAL B 328 -12.62 0.82 -25.62
C VAL B 328 -13.71 1.86 -25.50
N HIS B 329 -14.19 2.01 -24.29
CA HIS B 329 -15.24 2.94 -24.01
C HIS B 329 -14.77 3.63 -22.78
N ILE B 330 -14.63 4.93 -22.90
CA ILE B 330 -14.05 5.74 -21.82
C ILE B 330 -15.07 6.55 -21.07
N GLY B 331 -15.06 6.46 -19.76
CA GLY B 331 -16.04 7.23 -19.02
C GLY B 331 -15.53 7.71 -17.69
N LEU B 332 -16.12 8.81 -17.21
CA LEU B 332 -15.74 9.30 -15.89
C LEU B 332 -16.52 8.52 -14.84
N ASP B 333 -15.94 8.34 -13.70
CA ASP B 333 -16.65 7.64 -12.62
C ASP B 333 -16.20 8.19 -11.28
N PHE B 334 -16.56 9.38 -10.93
CA PHE B 334 -16.13 9.89 -9.65
C PHE B 334 -17.31 10.71 -9.14
N PHE B 335 -17.16 11.25 -7.98
CA PHE B 335 -18.25 12.01 -7.55
C PHE B 335 -17.75 12.95 -6.47
N ASP B 336 -17.77 14.24 -6.75
CA ASP B 336 -17.28 15.20 -5.74
C ASP B 336 -18.34 16.26 -5.51
N ALA B 337 -18.94 16.22 -4.35
CA ALA B 337 -19.98 17.18 -4.05
C ALA B 337 -19.53 18.35 -3.20
N SER B 338 -18.22 18.54 -3.10
CA SER B 338 -17.67 19.64 -2.33
C SER B 338 -17.34 20.90 -3.18
N ILE B 339 -17.46 20.81 -4.52
CA ILE B 339 -17.20 21.93 -5.41
C ILE B 339 -18.35 22.00 -6.41
N ASN B 340 -18.30 23.02 -7.26
CA ASN B 340 -19.34 23.21 -8.25
C ASN B 340 -19.40 21.99 -9.18
N ARG B 341 -20.61 21.37 -9.32
CA ARG B 341 -20.78 20.16 -10.10
C ARG B 341 -20.47 20.27 -11.55
N ILE B 342 -20.82 21.38 -12.11
CA ILE B 342 -20.58 21.55 -13.51
C ILE B 342 -19.05 21.65 -13.68
N ALA B 343 -18.40 22.38 -12.78
CA ALA B 343 -16.93 22.51 -12.87
C ALA B 343 -16.30 21.12 -12.75
N ALA B 344 -16.85 20.28 -11.88
CA ALA B 344 -16.27 18.94 -11.77
C ALA B 344 -16.29 18.19 -13.09
N TRP B 345 -17.46 18.23 -13.77
CA TRP B 345 -17.51 17.57 -15.05
C TRP B 345 -16.52 18.21 -16.04
N VAL B 346 -16.46 19.57 -16.04
CA VAL B 346 -15.61 20.23 -17.03
C VAL B 346 -14.13 19.85 -16.78
N ILE B 347 -13.70 19.94 -15.53
CA ILE B 347 -12.31 19.64 -15.21
C ILE B 347 -11.96 18.20 -15.61
N GLY B 348 -12.78 17.22 -15.14
CA GLY B 348 -12.54 15.79 -15.38
C GLY B 348 -12.48 15.46 -16.87
N THR B 349 -13.48 15.92 -17.64
CA THR B 349 -13.60 15.61 -19.04
C THR B 349 -12.48 16.23 -19.85
N ARG B 350 -12.22 17.50 -19.58
CA ARG B 350 -11.12 18.18 -20.32
C ARG B 350 -9.75 17.46 -20.01
N ASN B 351 -9.54 17.09 -18.74
CA ASN B 351 -8.34 16.38 -18.32
C ASN B 351 -8.21 15.07 -19.07
N LYS B 353 -9.40 14.30 -22.01
CA LYS B 353 -9.13 14.68 -23.41
C LYS B 353 -7.67 15.20 -23.61
N LYS B 354 -7.19 15.93 -22.59
CA LYS B 354 -5.80 16.41 -22.63
C LYS B 354 -4.84 15.19 -22.65
N ALA B 355 -5.09 14.22 -21.76
CA ALA B 355 -4.25 13.01 -21.67
C ALA B 355 -4.27 12.25 -23.01
N LEU B 356 -5.47 12.10 -23.59
CA LEU B 356 -5.63 11.37 -24.89
C LEU B 356 -4.89 12.13 -25.95
N LEU B 357 -5.01 13.46 -25.92
CA LEU B 357 -4.29 14.20 -26.93
C LEU B 357 -2.76 14.05 -26.81
N ARG B 358 -2.24 14.12 -25.60
CA ARG B 358 -0.79 13.93 -25.44
C ARG B 358 -0.34 12.57 -25.95
N ALA B 359 -1.19 11.52 -25.71
CA ALA B 359 -0.86 10.19 -26.23
C ALA B 359 -0.91 10.21 -27.73
N LEU B 360 -1.82 10.94 -28.35
CA LEU B 360 -1.88 10.97 -29.79
C LEU B 360 -0.65 11.71 -30.44
N LEU B 361 0.01 12.50 -29.62
CA LEU B 361 1.17 13.26 -30.07
C LEU B 361 2.47 12.50 -29.78
N GLU B 362 2.41 11.33 -29.18
CA GLU B 362 3.62 10.56 -28.89
C GLU B 362 4.21 9.95 -30.18
N PRO B 363 5.54 9.99 -30.36
CA PRO B 363 6.13 9.35 -31.56
C PRO B 363 6.30 7.85 -31.20
N THR B 364 5.17 7.14 -31.06
CA THR B 364 5.16 5.77 -30.61
C THR B 364 6.08 4.81 -31.41
N ALA B 365 5.95 4.89 -32.75
CA ALA B 365 6.74 3.99 -33.61
C ALA B 365 8.26 4.08 -33.29
N GLU B 366 8.73 5.31 -33.21
CA GLU B 366 10.13 5.47 -32.94
C GLU B 366 10.50 4.90 -31.56
N LEU B 367 9.66 5.20 -30.55
CA LEU B 367 9.92 4.73 -29.19
C LEU B 367 9.89 3.20 -29.11
N ARG B 368 8.92 2.62 -29.78
CA ARG B 368 8.77 1.16 -29.81
C ARG B 368 10.05 0.52 -30.39
N LYS B 369 10.53 1.15 -31.46
CA LYS B 369 11.74 0.68 -32.15
C LYS B 369 12.96 0.78 -31.21
N LEU B 370 13.13 1.89 -30.50
CA LEU B 370 14.22 1.93 -29.59
C LEU B 370 14.08 0.87 -28.53
N GLU B 371 12.86 0.73 -28.02
CA GLU B 371 12.65 -0.27 -26.96
C GLU B 371 12.99 -1.72 -27.49
N ALA B 372 12.54 -2.03 -28.71
CA ALA B 372 12.77 -3.34 -29.32
C ALA B 372 14.28 -3.60 -29.45
N PRO B 373 15.08 -2.52 -29.63
CA PRO B 373 16.49 -2.61 -29.77
C PRO B 373 17.18 -2.63 -28.52
N GLY B 374 16.45 -2.55 -27.43
CA GLY B 374 17.18 -2.58 -26.19
C GLY B 374 17.83 -1.20 -25.79
N ASP B 375 17.48 -0.14 -26.56
CA ASP B 375 18.04 1.18 -26.27
C ASP B 375 17.19 1.80 -25.17
N TYR B 376 17.36 1.27 -23.98
CA TYR B 376 16.52 1.77 -22.88
C TYR B 376 16.95 3.18 -22.46
N THR B 377 18.26 3.53 -22.74
CA THR B 377 18.70 4.90 -22.40
C THR B 377 17.87 5.92 -23.23
N ALA B 378 17.84 5.75 -24.55
CA ALA B 378 17.14 6.68 -25.45
C ALA B 378 15.60 6.62 -25.19
N ARG B 379 15.10 5.38 -24.91
CA ARG B 379 13.65 5.24 -24.64
C ARG B 379 13.27 6.16 -23.41
N LEU B 380 13.91 6.04 -22.24
CA LEU B 380 13.68 6.86 -21.07
C LEU B 380 13.88 8.33 -21.40
N ALA B 381 15.01 8.64 -22.04
CA ALA B 381 15.24 10.05 -22.40
C ALA B 381 14.14 10.68 -23.24
N LEU B 382 13.77 9.96 -24.31
CA LEU B 382 12.81 10.48 -25.22
C LEU B 382 11.43 10.51 -24.62
N LEU B 383 11.10 9.55 -23.77
CA LEU B 383 9.75 9.62 -23.10
C LEU B 383 9.64 10.94 -22.27
N GLU B 384 10.68 11.22 -21.48
CA GLU B 384 10.78 12.40 -20.62
C GLU B 384 10.86 13.63 -21.46
N GLU B 385 11.61 13.66 -22.59
CA GLU B 385 11.64 14.87 -23.42
C GLU B 385 10.26 15.15 -24.03
N GLN B 386 9.42 14.12 -24.20
CA GLN B 386 8.13 14.38 -24.80
C GLN B 386 7.34 15.33 -23.90
N LYS B 387 7.59 15.27 -22.59
CA LYS B 387 6.84 16.09 -21.64
C LYS B 387 7.02 17.59 -21.82
N SER B 388 8.12 17.96 -22.46
CA SER B 388 8.37 19.38 -22.69
C SER B 388 8.21 19.79 -24.14
N LEU B 389 7.57 18.96 -24.95
CA LEU B 389 7.23 19.32 -26.31
C LEU B 389 5.93 20.17 -26.19
N PRO B 390 5.61 21.00 -27.16
CA PRO B 390 4.51 21.98 -26.99
C PRO B 390 3.09 21.48 -27.29
N TRP B 391 2.73 20.46 -26.51
CA TRP B 391 1.41 19.85 -26.71
C TRP B 391 0.33 20.88 -26.33
N GLN B 392 0.66 21.81 -25.44
CA GLN B 392 -0.36 22.82 -25.01
C GLN B 392 -0.95 23.60 -26.18
N ALA B 393 -0.10 24.01 -27.13
CA ALA B 393 -0.63 24.77 -28.24
C ALA B 393 -1.63 23.90 -29.07
N VAL B 394 -1.40 22.55 -29.09
CA VAL B 394 -2.24 21.68 -29.88
C VAL B 394 -3.60 21.61 -29.16
N TRP B 395 -3.54 21.39 -27.85
CA TRP B 395 -4.77 21.35 -27.01
C TRP B 395 -5.60 22.65 -27.16
N GLU B 396 -4.93 23.80 -27.09
CA GLU B 396 -5.64 25.04 -27.18
C GLU B 396 -6.30 25.18 -28.50
N TYR B 398 -7.40 22.78 -30.32
CA TYR B 398 -8.51 21.80 -30.28
C TYR B 398 -9.73 22.47 -29.62
N CYS B 399 -9.48 23.15 -28.50
CA CYS B 399 -10.60 23.79 -27.81
C CYS B 399 -11.18 24.88 -28.67
N GLN B 400 -10.32 25.70 -29.26
CA GLN B 400 -10.82 26.80 -30.06
C GLN B 400 -11.62 26.34 -31.25
N ARG B 401 -11.17 25.30 -31.88
CA ARG B 401 -11.88 24.85 -33.00
C ARG B 401 -13.23 24.26 -32.63
N HIS B 402 -13.32 23.79 -31.40
CA HIS B 402 -14.55 23.18 -30.96
C HIS B 402 -15.35 24.25 -30.28
N ASP B 403 -14.97 25.51 -30.51
CA ASP B 403 -15.68 26.64 -29.94
C ASP B 403 -15.83 26.55 -28.41
N THR B 404 -14.73 26.27 -27.73
CA THR B 404 -14.73 26.18 -26.28
C THR B 404 -13.50 26.92 -25.79
N PRO B 405 -13.55 27.40 -24.55
CA PRO B 405 -12.41 28.15 -24.04
C PRO B 405 -11.13 27.30 -24.00
N ALA B 406 -10.02 28.00 -24.38
CA ALA B 406 -8.72 27.34 -24.35
C ALA B 406 -8.11 27.23 -22.97
N GLY B 407 -8.53 28.13 -22.08
CA GLY B 407 -7.99 28.17 -20.74
C GLY B 407 -9.08 28.39 -19.67
N SER B 408 -8.59 28.91 -18.56
CA SER B 408 -9.37 29.12 -17.37
C SER B 408 -10.53 30.06 -17.56
N GLU B 409 -10.70 30.63 -18.69
CA GLU B 409 -11.86 31.53 -18.89
C GLU B 409 -13.17 30.78 -18.74
N TRP B 410 -13.14 29.49 -18.96
CA TRP B 410 -14.38 28.71 -18.78
C TRP B 410 -14.99 28.85 -17.39
N LEU B 411 -14.14 29.07 -16.40
CA LEU B 411 -14.62 29.21 -15.05
C LEU B 411 -15.67 30.36 -14.93
N GLU B 412 -15.43 31.38 -15.76
CA GLU B 412 -16.32 32.50 -15.75
C GLU B 412 -17.73 32.10 -16.18
N SER B 413 -17.85 31.19 -17.13
CA SER B 413 -19.17 30.76 -17.59
C SER B 413 -19.84 30.04 -16.48
N VAL B 414 -19.07 29.21 -15.79
CA VAL B 414 -19.67 28.48 -14.69
C VAL B 414 -20.19 29.42 -13.58
N ARG B 415 -19.37 30.39 -13.28
CA ARG B 415 -19.71 31.35 -12.22
C ARG B 415 -20.95 32.12 -12.56
N ALA B 416 -21.07 32.48 -13.82
CA ALA B 416 -22.23 33.21 -14.28
C ALA B 416 -23.44 32.34 -14.13
N TYR B 417 -23.29 31.11 -14.55
CA TYR B 417 -24.44 30.21 -14.43
C TYR B 417 -24.83 30.02 -12.96
N GLU B 418 -23.82 29.99 -12.10
CA GLU B 418 -24.09 29.81 -10.71
C GLU B 418 -24.92 30.97 -10.17
N LYS B 419 -24.48 32.21 -10.53
CA LYS B 419 -25.17 33.41 -10.04
C LYS B 419 -26.57 33.44 -10.57
N GLU B 420 -26.72 33.14 -11.83
CA GLU B 420 -28.02 33.21 -12.40
C GLU B 420 -28.94 32.06 -12.14
N ILE B 421 -28.43 30.85 -12.19
CA ILE B 421 -29.40 29.78 -12.04
C ILE B 421 -29.18 28.97 -10.79
N LEU B 422 -27.92 28.55 -10.52
CA LEU B 422 -27.73 27.70 -9.39
C LEU B 422 -28.07 28.31 -8.06
N SER B 423 -27.82 29.62 -7.96
CA SER B 423 -28.06 30.31 -6.67
C SER B 423 -29.56 30.29 -6.26
N ARG B 424 -30.45 30.03 -7.20
CA ARG B 424 -31.88 30.01 -6.86
C ARG B 424 -32.41 28.63 -6.57
N ARG B 425 -31.57 27.59 -6.44
CA ARG B 425 -32.07 26.24 -6.17
C ARG B 425 -32.20 26.02 -4.65
N THR C 10 15.26 31.14 -33.85
CA THR C 10 14.12 32.04 -33.68
C THR C 10 12.85 31.26 -33.15
N GLN C 11 12.74 29.94 -33.51
CA GLN C 11 11.59 29.16 -33.03
C GLN C 11 11.50 29.24 -31.53
N LEU C 12 12.63 28.90 -30.91
CA LEU C 12 12.76 28.97 -29.45
C LEU C 12 12.48 30.42 -28.96
N GLU C 13 13.04 31.40 -29.63
CA GLU C 13 12.78 32.78 -29.23
C GLU C 13 11.28 33.20 -29.45
N GLN C 14 10.71 32.77 -30.60
CA GLN C 14 9.30 33.07 -30.84
C GLN C 14 8.41 32.46 -29.75
N ALA C 15 8.63 31.19 -29.44
CA ALA C 15 7.83 30.51 -28.41
C ALA C 15 8.01 31.19 -27.08
N TRP C 16 9.25 31.62 -26.79
CA TRP C 16 9.50 32.27 -25.52
C TRP C 16 8.67 33.55 -25.43
N GLU C 17 8.65 34.31 -26.54
CA GLU C 17 7.94 35.58 -26.44
C GLU C 17 6.42 35.40 -26.20
N LEU C 18 5.83 34.41 -26.88
CA LEU C 18 4.38 34.13 -26.68
C LEU C 18 4.14 33.75 -25.26
N ALA C 19 5.04 32.89 -24.73
CA ALA C 19 4.95 32.42 -23.33
C ALA C 19 5.04 33.57 -22.31
N LYS C 20 6.01 34.46 -22.59
CA LYS C 20 6.20 35.56 -21.69
C LYS C 20 4.88 36.38 -21.57
N GLN C 21 4.21 36.62 -22.70
CA GLN C 21 2.92 37.35 -22.64
C GLN C 21 1.85 36.55 -21.91
N ARG C 22 1.77 35.27 -22.23
CA ARG C 22 0.77 34.42 -21.56
C ARG C 22 0.90 34.41 -20.07
N PHE C 23 2.14 34.21 -19.58
CA PHE C 23 2.33 34.18 -18.17
C PHE C 23 2.09 35.55 -17.54
N ALA C 24 2.46 36.59 -18.32
CA ALA C 24 2.29 37.95 -17.84
C ALA C 24 0.80 38.15 -17.50
N ALA C 25 -0.05 37.60 -18.35
CA ALA C 25 -1.48 37.68 -18.12
C ALA C 25 -1.94 37.02 -16.85
N VAL C 26 -1.18 36.16 -16.24
CA VAL C 26 -1.68 35.62 -14.98
C VAL C 26 -0.84 36.03 -13.84
N GLY C 27 -0.11 37.15 -14.12
CA GLY C 27 0.74 37.76 -13.13
C GLY C 27 2.08 37.06 -12.92
N ILE C 28 2.54 36.30 -13.90
CA ILE C 28 3.82 35.65 -13.68
C ILE C 28 4.87 36.20 -14.61
N ASP C 29 6.02 36.59 -14.00
CA ASP C 29 7.12 37.15 -14.77
C ASP C 29 8.14 35.99 -15.12
N VAL C 30 8.16 35.58 -16.39
CA VAL C 30 9.06 34.47 -16.76
C VAL C 30 10.50 34.76 -16.52
N GLU C 31 10.92 36.05 -16.69
CA GLU C 31 12.35 36.35 -16.49
C GLU C 31 12.65 36.21 -15.03
N GLU C 32 11.71 36.62 -14.13
CA GLU C 32 11.98 36.46 -12.72
C GLU C 32 12.10 34.95 -12.34
N ALA C 33 11.20 34.13 -12.94
CA ALA C 33 11.24 32.69 -12.63
C ALA C 33 12.63 32.12 -13.01
N LEU C 34 13.16 32.51 -14.17
CA LEU C 34 14.50 31.99 -14.53
C LEU C 34 15.55 32.42 -13.52
N ARG C 35 15.49 33.69 -13.04
CA ARG C 35 16.44 34.12 -12.03
C ARG C 35 16.29 33.31 -10.77
N GLN C 36 15.03 33.00 -10.39
CA GLN C 36 14.82 32.23 -9.16
C GLN C 36 15.36 30.78 -9.31
N LEU C 37 15.22 30.28 -10.52
CA LEU C 37 15.70 28.89 -10.77
C LEU C 37 17.20 28.85 -10.58
N ASP C 38 17.86 29.95 -10.88
CA ASP C 38 19.32 29.99 -10.66
C ASP C 38 19.70 30.03 -9.23
N ARG C 39 18.70 30.12 -8.33
CA ARG C 39 18.99 30.09 -6.91
C ARG C 39 18.78 28.72 -6.31
N LEU C 40 18.52 27.69 -7.13
CA LEU C 40 18.17 26.36 -6.60
C LEU C 40 19.09 25.24 -7.18
N PRO C 41 20.27 25.13 -6.61
CA PRO C 41 21.18 24.10 -7.12
C PRO C 41 20.59 22.73 -6.83
N VAL C 42 20.99 21.74 -7.63
CA VAL C 42 20.60 20.37 -7.36
C VAL C 42 21.96 19.62 -7.12
N SER C 43 22.08 18.93 -6.00
CA SER C 43 23.30 18.20 -5.67
C SER C 43 23.28 16.80 -6.37
N HIS C 45 24.61 13.08 -7.25
CA HIS C 45 25.25 12.00 -6.46
C HIS C 45 26.41 11.34 -7.24
N CYS C 46 27.63 11.36 -6.66
CA CYS C 46 28.75 10.84 -7.44
C CYS C 46 28.61 9.38 -7.81
N TRP C 47 27.97 8.66 -6.88
CA TRP C 47 27.86 7.21 -6.94
C TRP C 47 27.16 6.58 -8.12
N GLN C 48 26.37 7.34 -8.82
CA GLN C 48 25.73 6.85 -10.03
C GLN C 48 26.78 6.57 -11.16
N GLY C 49 27.92 7.25 -11.07
CA GLY C 49 28.92 7.11 -12.15
C GLY C 49 29.73 5.80 -12.16
N ASP C 50 29.88 5.17 -10.99
CA ASP C 50 30.68 3.92 -10.93
C ASP C 50 29.97 2.84 -10.15
N ASP C 51 28.62 2.86 -10.17
CA ASP C 51 27.85 1.91 -9.41
C ASP C 51 28.28 1.79 -7.97
N VAL C 52 28.48 2.89 -7.22
CA VAL C 52 28.82 2.86 -5.83
C VAL C 52 30.09 2.11 -5.53
N SER C 53 30.99 1.95 -6.51
CA SER C 53 32.22 1.26 -6.17
C SER C 53 33.18 1.99 -5.26
N GLY C 54 33.44 3.27 -5.53
CA GLY C 54 34.38 4.03 -4.75
C GLY C 54 35.76 3.69 -5.23
N PHE C 55 36.73 4.27 -4.60
CA PHE C 55 38.11 4.08 -4.99
C PHE C 55 38.98 3.42 -3.95
N GLU C 56 38.41 2.66 -3.01
CA GLU C 56 39.21 2.00 -1.96
C GLU C 56 39.96 0.77 -2.51
N TYR C 72 25.00 -2.01 -17.38
CA TYR C 72 25.32 -1.30 -18.60
C TYR C 72 26.83 -1.05 -18.61
N PRO C 73 27.46 -1.12 -19.78
CA PRO C 73 28.92 -0.94 -19.85
C PRO C 73 29.33 0.51 -19.65
N GLY C 74 30.64 0.71 -19.45
CA GLY C 74 31.19 2.04 -19.38
C GLY C 74 31.27 2.75 -18.03
N LYS C 75 31.06 2.03 -16.92
CA LYS C 75 31.19 2.72 -15.67
C LYS C 75 32.60 3.26 -15.49
N ALA C 76 32.65 4.31 -14.70
CA ALA C 76 33.90 4.97 -14.37
C ALA C 76 34.70 4.03 -13.48
N ARG C 77 36.01 4.01 -13.66
CA ARG C 77 36.84 3.08 -12.86
C ARG C 77 37.77 3.74 -11.86
N ASN C 78 37.86 5.07 -11.95
CA ASN C 78 38.66 5.83 -11.04
C ASN C 78 38.14 7.28 -10.97
N ALA C 79 38.80 8.09 -10.12
CA ALA C 79 38.47 9.50 -9.93
C ALA C 79 38.51 10.30 -11.22
N SER C 80 39.56 10.10 -12.01
CA SER C 80 39.67 10.85 -13.24
C SER C 80 38.51 10.57 -14.20
N GLU C 81 38.18 9.31 -14.27
CA GLU C 81 37.10 8.96 -15.18
C GLU C 81 35.71 9.50 -14.60
N LEU C 82 35.55 9.42 -13.26
CA LEU C 82 34.30 9.84 -12.65
C LEU C 82 34.12 11.35 -12.93
N ARG C 83 35.21 12.13 -12.76
CA ARG C 83 35.17 13.57 -13.05
C ARG C 83 34.93 13.84 -14.50
N ALA C 84 35.54 13.09 -15.42
CA ALA C 84 35.29 13.32 -16.83
C ALA C 84 33.78 13.08 -17.14
N ASP C 85 33.23 12.03 -16.52
CA ASP C 85 31.80 11.65 -16.69
C ASP C 85 30.88 12.79 -16.14
N LEU C 86 31.23 13.27 -14.95
CA LEU C 86 30.50 14.37 -14.33
C LEU C 86 30.51 15.60 -15.25
N GLU C 87 31.69 15.96 -15.78
CA GLU C 87 31.73 17.10 -16.64
C GLU C 87 30.82 16.93 -17.85
N GLN C 88 30.76 15.75 -18.46
CA GLN C 88 29.92 15.56 -19.65
C GLN C 88 28.43 15.78 -19.26
N ALA C 89 28.07 15.22 -18.09
CA ALA C 89 26.67 15.38 -17.62
C ALA C 89 26.43 16.89 -17.34
N ARG C 91 27.62 19.62 -18.57
CA ARG C 91 27.45 20.41 -19.78
C ARG C 91 26.06 20.31 -20.41
N LEU C 92 25.27 19.29 -20.01
CA LEU C 92 23.96 19.04 -20.59
C LEU C 92 22.84 19.42 -19.63
N ILE C 93 23.25 19.95 -18.45
CA ILE C 93 22.25 20.30 -17.40
C ILE C 93 22.40 21.77 -17.09
N PRO C 94 21.33 22.52 -17.27
CA PRO C 94 21.42 23.97 -17.09
C PRO C 94 21.37 24.43 -15.64
N GLY C 95 22.17 25.46 -15.30
CA GLY C 95 22.08 26.02 -13.98
C GLY C 95 22.91 25.36 -12.92
N PRO C 96 22.71 25.86 -11.75
CA PRO C 96 23.52 25.42 -10.68
C PRO C 96 23.42 23.94 -10.30
N LYS C 97 24.61 23.42 -9.97
CA LYS C 97 24.77 22.08 -9.48
C LYS C 97 25.82 21.98 -8.40
N ARG C 98 25.71 20.95 -7.63
CA ARG C 98 26.67 20.61 -6.59
C ARG C 98 27.03 19.10 -6.77
N LEU C 99 28.04 18.65 -6.10
CA LEU C 99 28.41 17.24 -6.20
C LEU C 99 28.37 16.72 -4.80
N ASN C 100 27.67 15.57 -4.63
CA ASN C 100 27.54 14.95 -3.34
C ASN C 100 28.44 13.73 -3.39
N LEU C 101 29.46 13.80 -2.54
CA LEU C 101 30.49 12.76 -2.43
C LEU C 101 30.31 11.86 -1.20
N HIS C 102 30.65 10.56 -1.40
CA HIS C 102 30.65 9.59 -0.30
C HIS C 102 32.13 9.35 0.11
N ALA C 103 32.33 9.01 1.35
CA ALA C 103 33.67 8.84 1.84
C ALA C 103 34.53 7.86 1.05
N ILE C 104 33.90 6.93 0.43
CA ILE C 104 34.67 5.96 -0.27
C ILE C 104 35.25 6.48 -1.53
N TYR C 105 34.96 7.74 -1.78
CA TYR C 105 35.45 8.35 -3.02
C TYR C 105 36.77 9.07 -2.78
N LEU C 106 37.36 8.87 -1.59
CA LEU C 106 38.68 9.47 -1.25
C LEU C 106 39.77 9.06 -2.28
N GLU C 107 40.81 9.90 -2.36
CA GLU C 107 41.87 9.68 -3.32
C GLU C 107 43.15 9.71 -2.54
N SER C 108 43.71 8.54 -2.34
CA SER C 108 44.91 8.44 -1.56
C SER C 108 45.77 7.38 -2.21
N ASP C 109 47.09 7.66 -2.35
CA ASP C 109 48.00 6.71 -2.96
C ASP C 109 48.12 5.38 -2.22
N THR C 110 47.89 5.50 -0.90
CA THR C 110 47.87 4.37 0.04
C THR C 110 46.49 4.27 0.66
N PRO C 111 46.22 3.11 1.18
CA PRO C 111 44.96 2.80 1.78
C PRO C 111 44.75 3.56 3.05
N VAL C 112 43.48 3.98 3.29
CA VAL C 112 43.13 4.73 4.47
C VAL C 112 41.97 4.04 5.13
N SER C 113 42.17 3.80 6.41
CA SER C 113 41.18 3.16 7.25
C SER C 113 40.03 4.19 7.41
N ARG C 114 38.78 3.75 7.21
CA ARG C 114 37.66 4.70 7.32
C ARG C 114 37.73 5.65 8.45
N ASP C 115 38.14 5.09 9.61
CA ASP C 115 38.18 5.92 10.78
C ASP C 115 39.35 6.90 10.84
N GLN C 116 40.08 7.07 9.74
CA GLN C 116 41.18 8.01 9.78
C GLN C 116 41.25 8.89 8.57
N ILE C 117 40.14 9.03 7.88
CA ILE C 117 40.15 9.87 6.68
C ILE C 117 40.41 11.31 7.05
N LYS C 118 40.99 12.08 6.14
CA LYS C 118 41.28 13.46 6.42
C LYS C 118 41.05 14.28 5.18
N PRO C 119 40.94 15.56 5.46
CA PRO C 119 40.75 16.45 4.39
C PRO C 119 41.70 16.22 3.20
N GLU C 120 42.98 15.93 3.45
CA GLU C 120 43.89 15.82 2.32
C GLU C 120 43.50 14.77 1.35
N HIS C 121 42.80 13.76 1.86
CA HIS C 121 42.40 12.75 0.95
C HIS C 121 41.29 13.23 0.02
N PHE C 122 40.76 14.44 0.16
CA PHE C 122 39.72 14.89 -0.77
C PHE C 122 40.14 16.15 -1.47
N LYS C 123 41.46 16.49 -1.42
CA LYS C 123 42.00 17.71 -2.06
C LYS C 123 41.73 17.83 -3.57
N ASN C 124 41.86 16.71 -4.27
CA ASN C 124 41.61 16.77 -5.72
C ASN C 124 40.16 17.16 -6.01
N TRP C 125 39.23 16.60 -5.24
CA TRP C 125 37.78 16.90 -5.35
C TRP C 125 37.58 18.38 -5.08
N VAL C 126 38.21 18.87 -4.01
CA VAL C 126 38.11 20.30 -3.73
C VAL C 126 38.62 21.23 -4.86
N GLU C 127 39.83 20.92 -5.39
CA GLU C 127 40.36 21.78 -6.47
C GLU C 127 39.48 21.79 -7.67
N TRP C 128 38.97 20.57 -8.00
CA TRP C 128 38.09 20.38 -9.18
C TRP C 128 36.80 21.18 -9.04
N ALA C 129 36.26 21.07 -7.81
CA ALA C 129 35.03 21.76 -7.52
C ALA C 129 35.21 23.28 -7.71
N LYS C 130 36.33 23.78 -7.20
CA LYS C 130 36.65 25.21 -7.35
C LYS C 130 36.71 25.51 -8.84
N ALA C 131 37.43 24.67 -9.58
CA ALA C 131 37.47 25.00 -10.95
C ALA C 131 36.16 24.94 -11.64
N ASN C 132 35.21 24.21 -11.09
CA ASN C 132 34.01 24.09 -11.87
C ASN C 132 32.85 24.85 -11.23
N GLN C 133 33.19 25.66 -10.28
CA GLN C 133 32.23 26.50 -9.58
C GLN C 133 31.13 25.66 -8.93
N LEU C 134 31.54 24.55 -8.31
CA LEU C 134 30.62 23.66 -7.67
C LEU C 134 30.75 23.68 -6.17
N GLY C 135 29.64 23.54 -5.46
CA GLY C 135 29.76 23.29 -4.07
C GLY C 135 29.81 21.73 -3.91
N LEU C 136 30.29 21.29 -2.78
CA LEU C 136 30.40 19.87 -2.47
C LEU C 136 29.65 19.52 -1.21
N ASP C 137 28.99 18.35 -1.23
CA ASP C 137 28.31 17.86 -0.04
C ASP C 137 29.01 16.54 0.31
N PHE C 138 28.76 15.98 1.47
CA PHE C 138 29.45 14.77 1.87
C PHE C 138 28.61 13.78 2.65
N ASN C 139 29.15 12.59 2.82
CA ASN C 139 28.51 11.53 3.51
C ASN C 139 29.53 10.52 4.02
N PRO C 140 29.42 10.10 5.26
CA PRO C 140 30.25 8.99 5.74
C PRO C 140 29.68 7.73 5.01
N SER C 141 30.54 6.69 4.81
CA SER C 141 30.17 5.46 4.09
C SER C 141 30.14 4.32 5.06
N CYS C 142 28.94 3.99 5.53
CA CYS C 142 28.80 2.97 6.57
C CYS C 142 28.23 1.69 6.03
N PHE C 143 28.80 1.29 4.92
CA PHE C 143 28.35 0.09 4.23
C PHE C 143 29.52 -0.51 3.43
N SER C 144 29.25 -1.68 2.86
CA SER C 144 30.25 -2.39 2.03
C SER C 144 31.61 -2.43 2.70
N HIS C 145 31.63 -2.97 3.91
CA HIS C 145 32.86 -3.02 4.63
C HIS C 145 32.82 -4.19 5.56
N PRO C 146 34.01 -4.70 5.92
CA PRO C 146 34.10 -5.83 6.85
C PRO C 146 33.35 -5.53 8.16
N LEU C 147 33.46 -4.29 8.64
CA LEU C 147 32.84 -3.93 9.89
C LEU C 147 31.35 -3.59 9.76
N SER C 148 30.78 -3.74 8.57
CA SER C 148 29.34 -3.52 8.46
C SER C 148 28.70 -4.84 8.11
N ALA C 149 29.54 -5.86 7.99
CA ALA C 149 29.01 -7.18 7.60
C ALA C 149 27.86 -7.81 8.39
N ASP C 150 27.73 -7.48 9.67
CA ASP C 150 26.60 -8.06 10.45
C ASP C 150 25.33 -7.24 10.27
N GLY C 151 25.36 -6.18 9.46
CA GLY C 151 24.13 -5.39 9.30
C GLY C 151 23.91 -4.28 10.33
N PHE C 152 24.93 -4.02 11.15
CA PHE C 152 24.95 -2.98 12.18
C PHE C 152 26.24 -2.24 12.06
N THR C 153 26.21 -0.95 12.27
CA THR C 153 27.42 -0.09 12.21
C THR C 153 27.41 0.78 13.44
N LEU C 154 26.75 1.94 13.36
CA LEU C 154 26.63 2.83 14.48
C LEU C 154 25.78 2.24 15.62
N SER C 155 24.90 1.27 15.36
CA SER C 155 24.06 0.65 16.40
C SER C 155 24.59 -0.73 16.83
N HIS C 156 25.79 -1.04 16.36
CA HIS C 156 26.41 -2.31 16.68
C HIS C 156 26.60 -2.42 18.19
N ALA C 157 26.29 -3.64 18.63
CA ALA C 157 26.40 -3.98 20.02
C ALA C 157 27.86 -4.05 20.41
N ASP C 158 28.72 -4.46 19.48
CA ASP C 158 30.16 -4.53 19.79
C ASP C 158 30.76 -3.15 19.98
N ASP C 159 31.30 -2.84 21.18
CA ASP C 159 31.87 -1.48 21.35
C ASP C 159 32.94 -1.01 20.38
N SER C 160 33.76 -1.96 19.93
CA SER C 160 34.84 -1.58 19.06
C SER C 160 34.34 -1.28 17.68
N ILE C 161 33.44 -2.11 17.19
CA ILE C 161 32.94 -1.85 15.87
C ILE C 161 32.17 -0.56 15.91
N ARG C 162 31.37 -0.43 16.95
CA ARG C 162 30.59 0.79 17.05
C ARG C 162 31.48 2.03 17.07
N GLN C 163 32.62 1.92 17.78
CA GLN C 163 33.53 3.05 17.90
C GLN C 163 34.17 3.36 16.57
N PHE C 164 34.45 2.26 15.86
CA PHE C 164 35.04 2.42 14.54
C PHE C 164 34.12 3.32 13.67
N TRP C 165 32.80 3.04 13.63
CA TRP C 165 31.89 3.86 12.78
C TRP C 165 31.66 5.28 13.29
N ILE C 166 31.68 5.39 14.63
CA ILE C 166 31.54 6.69 15.28
C ILE C 166 32.72 7.55 14.82
N ASP C 167 33.94 6.94 14.90
CA ASP C 167 35.19 7.64 14.49
C ASP C 167 35.18 8.03 13.01
N HIS C 168 34.71 7.11 12.15
CA HIS C 168 34.60 7.39 10.69
C HIS C 168 33.67 8.60 10.45
N CYS C 169 32.55 8.60 11.21
CA CYS C 169 31.59 9.74 11.05
C CYS C 169 32.15 11.02 11.59
N LYS C 170 32.88 10.90 12.74
CA LYS C 170 33.54 12.14 13.31
C LYS C 170 34.58 12.71 12.33
N ALA C 171 35.36 11.82 11.73
CA ALA C 171 36.34 12.25 10.77
C ALA C 171 35.65 12.82 9.54
N SER C 172 34.54 12.19 9.11
CA SER C 172 33.92 12.69 7.94
C SER C 172 33.40 14.15 8.16
N ARG C 173 32.96 14.48 9.39
CA ARG C 173 32.48 15.85 9.66
C ARG C 173 33.59 16.84 9.36
N ARG C 174 34.79 16.48 9.78
CA ARG C 174 35.95 17.35 9.52
C ARG C 174 36.20 17.54 8.04
N VAL C 175 35.95 16.46 7.27
CA VAL C 175 36.16 16.59 5.82
C VAL C 175 35.13 17.56 5.25
N SER C 176 33.89 17.36 5.74
CA SER C 176 32.74 18.19 5.35
C SER C 176 33.05 19.68 5.59
N ALA C 177 33.53 19.98 6.82
CA ALA C 177 33.88 21.36 7.24
C ALA C 177 34.95 21.97 6.32
N TYR C 178 35.92 21.11 6.00
CA TYR C 178 36.97 21.54 5.06
C TYR C 178 36.43 21.95 3.71
N PHE C 179 35.43 21.15 3.21
CA PHE C 179 34.79 21.49 1.96
C PHE C 179 34.20 22.90 2.03
N GLY C 180 33.46 23.10 3.11
CA GLY C 180 32.78 24.38 3.30
C GLY C 180 33.79 25.53 3.38
N GLU C 181 34.87 25.32 4.14
CA GLU C 181 35.87 26.38 4.26
C GLU C 181 36.47 26.67 2.92
N GLN C 182 36.81 25.63 2.15
CA GLN C 182 37.42 25.89 0.86
C GLN C 182 36.54 26.44 -0.21
N LEU C 183 35.26 26.03 -0.20
CA LEU C 183 34.40 26.41 -1.30
C LEU C 183 33.47 27.56 -1.11
N GLY C 184 33.32 28.09 0.07
CA GLY C 184 32.42 29.22 0.13
C GLY C 184 30.97 28.88 0.37
N THR C 185 30.64 27.61 0.48
CA THR C 185 29.24 27.28 0.72
C THR C 185 29.24 26.11 1.68
N PRO C 186 28.36 26.03 2.69
CA PRO C 186 28.44 24.94 3.61
C PRO C 186 28.20 23.60 2.94
N SER C 187 28.90 22.59 3.48
CA SER C 187 28.73 21.24 2.97
C SER C 187 27.76 20.54 3.86
N VAL C 188 26.74 19.93 3.22
CA VAL C 188 25.75 19.19 4.01
C VAL C 188 26.22 17.75 4.07
N ASN C 190 25.26 14.13 5.07
CA ASN C 190 24.17 13.27 5.39
C ASN C 190 24.61 11.97 6.05
N ILE C 191 23.93 11.58 7.10
CA ILE C 191 24.24 10.35 7.78
C ILE C 191 23.14 9.33 7.51
N TRP C 192 23.49 8.23 6.86
CA TRP C 192 22.58 7.12 6.58
C TRP C 192 23.34 5.87 6.89
N ILE C 193 22.67 4.94 7.55
CA ILE C 193 23.22 3.64 7.89
C ILE C 193 22.22 2.56 7.49
N PRO C 194 22.72 1.42 7.14
CA PRO C 194 21.85 0.34 6.70
C PRO C 194 21.26 -0.48 7.88
N ASP C 195 21.70 -0.18 9.09
CA ASP C 195 21.37 -0.95 10.25
C ASP C 195 19.92 -1.42 10.36
N GLY C 196 19.75 -2.73 10.55
CA GLY C 196 18.40 -3.32 10.69
C GLY C 196 18.45 -4.84 10.69
N LYS C 198 16.68 -8.60 9.01
CA LYS C 198 15.89 -9.13 7.94
C LYS C 198 14.58 -9.71 8.44
N ASP C 199 14.63 -10.34 9.56
CA ASP C 199 13.42 -10.98 10.04
C ASP C 199 12.83 -10.50 11.37
N ILE C 200 11.76 -11.18 11.79
CA ILE C 200 11.10 -10.80 13.07
C ILE C 200 12.14 -10.48 14.15
N THR C 201 12.09 -9.29 14.77
CA THR C 201 13.09 -8.88 15.73
C THR C 201 12.59 -8.82 17.14
N VAL C 202 13.36 -9.32 18.08
CA VAL C 202 12.97 -9.34 19.47
C VAL C 202 13.18 -7.97 20.15
N ASP C 203 14.32 -7.33 19.90
CA ASP C 203 14.63 -6.08 20.58
C ASP C 203 14.92 -4.97 19.63
N ARG C 204 13.89 -4.14 19.29
CA ARG C 204 14.03 -3.00 18.42
C ARG C 204 14.55 -1.85 19.18
N LEU C 205 14.53 -1.98 20.53
CA LEU C 205 14.92 -0.90 21.41
C LEU C 205 16.42 -0.70 21.57
N ALA C 206 17.10 -1.74 21.98
CA ALA C 206 18.52 -1.56 22.27
C ALA C 206 19.35 -0.96 21.12
N PRO C 207 19.11 -1.41 19.90
CA PRO C 207 19.93 -0.88 18.84
C PRO C 207 19.65 0.59 18.69
N ARG C 208 18.38 1.02 18.90
CA ARG C 208 18.03 2.46 18.77
C ARG C 208 18.68 3.31 19.86
N GLN C 209 18.73 2.71 21.08
CA GLN C 209 19.38 3.39 22.20
C GLN C 209 20.85 3.62 21.88
N ARG C 210 21.48 2.54 21.35
CA ARG C 210 22.87 2.63 20.99
C ARG C 210 23.03 3.65 19.87
N LEU C 211 22.11 3.65 18.86
CA LEU C 211 22.23 4.61 17.77
C LEU C 211 22.16 6.03 18.28
N LEU C 212 21.17 6.30 19.15
CA LEU C 212 21.00 7.66 19.74
C LEU C 212 22.31 8.24 20.39
N ALA C 213 22.91 7.41 21.25
CA ALA C 213 24.14 7.74 21.95
C ALA C 213 25.29 7.93 20.96
N ALA C 214 25.35 7.07 19.99
CA ALA C 214 26.43 7.16 19.04
C ALA C 214 26.32 8.45 18.25
N LEU C 215 25.16 8.79 17.74
CA LEU C 215 25.04 9.99 16.96
C LEU C 215 25.43 11.25 17.81
N ASP C 216 25.04 11.18 19.10
CA ASP C 216 25.35 12.25 20.04
C ASP C 216 26.86 12.46 20.05
N GLU C 217 27.55 11.36 20.11
CA GLU C 217 29.02 11.41 20.07
C GLU C 217 29.52 11.91 18.75
N VAL C 218 28.81 11.47 17.70
CA VAL C 218 29.16 11.86 16.35
C VAL C 218 29.14 13.36 16.16
N ILE C 219 28.05 13.99 16.59
CA ILE C 219 28.01 15.42 16.34
C ILE C 219 28.55 16.28 17.48
N SER C 220 29.30 15.69 18.40
CA SER C 220 29.78 16.42 19.55
C SER C 220 30.70 17.54 19.21
N GLU C 221 31.50 17.37 18.21
CA GLU C 221 32.45 18.38 17.90
C GLU C 221 31.75 19.51 17.20
N LYS C 222 31.76 20.67 17.84
CA LYS C 222 31.13 21.82 17.25
C LYS C 222 31.91 22.33 16.08
N LEU C 223 31.27 22.45 14.91
CA LEU C 223 31.92 22.93 13.71
C LEU C 223 31.16 24.14 13.18
N ASN C 224 31.87 24.90 12.37
CA ASN C 224 31.33 26.11 11.85
C ASN C 224 30.13 25.90 10.95
N PRO C 225 28.99 26.41 11.36
CA PRO C 225 27.82 26.25 10.57
C PRO C 225 27.99 26.87 9.26
N ALA C 226 28.91 27.83 9.10
CA ALA C 226 29.04 28.40 7.75
C ALA C 226 29.66 27.40 6.79
N HIS C 227 30.23 26.34 7.36
CA HIS C 227 30.91 25.42 6.50
C HIS C 227 30.34 24.03 6.52
N HIS C 228 29.61 23.72 7.57
CA HIS C 228 29.16 22.35 7.72
C HIS C 228 27.81 22.23 8.38
N ILE C 229 27.00 21.26 7.87
CA ILE C 229 25.68 20.97 8.45
C ILE C 229 25.54 19.47 8.55
N ASP C 230 25.04 18.98 9.69
CA ASP C 230 24.79 17.53 9.89
C ASP C 230 23.35 17.22 9.49
N ALA C 231 23.14 16.14 8.77
CA ALA C 231 21.75 15.72 8.44
C ALA C 231 21.66 14.24 8.76
N VAL C 232 20.45 13.79 9.09
CA VAL C 232 20.14 12.39 9.41
C VAL C 232 19.07 11.89 8.43
N GLU C 233 19.25 10.65 7.97
CA GLU C 233 18.29 10.15 7.00
C GLU C 233 17.72 8.77 7.33
N SER C 234 16.37 8.66 7.41
CA SER C 234 15.68 7.39 7.65
C SER C 234 15.35 6.73 6.30
N LYS C 235 14.96 5.45 6.47
CA LYS C 235 14.58 4.44 5.45
C LYS C 235 13.54 3.52 6.08
N LEU C 236 12.61 3.05 5.28
CA LEU C 236 11.63 2.13 5.81
C LEU C 236 12.25 0.68 5.81
N PHE C 237 12.87 0.35 4.68
CA PHE C 237 13.44 -1.00 4.63
C PHE C 237 14.45 -1.16 3.52
N GLY C 238 15.26 -2.19 3.69
CA GLY C 238 16.30 -2.52 2.74
C GLY C 238 16.27 -4.01 2.48
N ILE C 239 16.80 -4.40 1.29
CA ILE C 239 16.85 -5.81 0.92
C ILE C 239 17.72 -6.50 1.94
N GLY C 240 17.19 -7.57 2.50
CA GLY C 240 18.00 -8.24 3.51
C GLY C 240 17.88 -7.59 4.90
N ALA C 241 17.03 -6.59 5.01
CA ALA C 241 16.75 -5.95 6.30
C ALA C 241 15.34 -5.34 6.26
N GLU C 242 14.43 -6.08 5.67
CA GLU C 242 13.10 -5.54 5.55
C GLU C 242 12.21 -5.58 6.78
N SER C 243 12.52 -6.34 7.83
CA SER C 243 11.58 -6.35 8.93
C SER C 243 11.75 -5.23 9.91
N TYR C 244 12.99 -4.72 10.03
CA TYR C 244 13.27 -3.67 11.01
C TYR C 244 14.48 -2.86 10.57
N THR C 245 14.32 -1.53 10.63
CA THR C 245 15.33 -0.52 10.35
C THR C 245 15.58 0.24 11.62
N VAL C 246 16.80 0.21 12.12
CA VAL C 246 17.07 0.91 13.36
C VAL C 246 16.73 2.39 13.24
N GLY C 247 17.31 3.07 12.26
CA GLY C 247 17.04 4.48 12.05
C GLY C 247 15.79 4.74 11.19
N SER C 248 14.64 4.62 11.89
CA SER C 248 13.33 4.81 11.23
C SER C 248 12.95 6.30 11.07
N ASN C 249 11.79 6.53 10.40
CA ASN C 249 11.31 7.85 10.16
C ASN C 249 11.17 8.49 11.54
N GLU C 250 10.47 7.84 12.45
CA GLU C 250 10.26 8.45 13.78
C GLU C 250 11.50 8.66 14.60
N PHE C 251 12.40 7.70 14.49
CA PHE C 251 13.64 7.81 15.26
C PHE C 251 14.35 9.09 14.81
N TYR C 252 14.39 9.31 13.51
CA TYR C 252 15.09 10.50 13.03
C TYR C 252 14.34 11.79 13.16
N GLY C 254 12.52 12.41 15.64
CA GLY C 254 12.82 12.70 17.02
C GLY C 254 14.25 13.28 17.17
N TYR C 255 15.22 12.62 16.54
CA TYR C 255 16.61 13.05 16.65
C TYR C 255 16.82 14.45 16.16
N ALA C 256 16.37 14.69 14.92
CA ALA C 256 16.57 15.99 14.30
C ALA C 256 15.88 17.11 15.14
N THR C 257 14.70 16.81 15.66
CA THR C 257 14.01 17.87 16.38
C THR C 257 14.74 18.11 17.67
N SER C 258 15.08 17.01 18.32
CA SER C 258 15.71 17.19 19.62
C SER C 258 17.16 17.67 19.60
N ARG C 259 17.98 17.29 18.60
CA ARG C 259 19.34 17.77 18.61
C ARG C 259 19.49 18.94 17.66
N GLN C 260 18.40 19.34 17.00
CA GLN C 260 18.52 20.38 16.06
C GLN C 260 19.51 20.18 14.86
N THR C 261 19.52 18.98 14.26
CA THR C 261 20.32 18.73 13.05
C THR C 261 19.38 18.89 11.86
N ALA C 262 19.88 18.87 10.64
CA ALA C 262 18.99 18.89 9.49
C ALA C 262 18.36 17.48 9.42
N LEU C 263 17.24 17.37 8.72
CA LEU C 263 16.57 16.08 8.58
C LEU C 263 16.52 15.79 7.10
N CYS C 264 16.93 14.60 6.74
CA CYS C 264 16.89 14.29 5.32
C CYS C 264 15.64 13.51 5.02
N LEU C 265 14.90 13.95 4.02
CA LEU C 265 13.70 13.20 3.63
C LEU C 265 13.93 12.58 2.29
N ASP C 266 13.82 11.24 2.23
CA ASP C 266 14.05 10.52 0.99
C ASP C 266 12.77 10.07 0.28
N ALA C 267 12.52 10.63 -0.90
CA ALA C 267 11.35 10.30 -1.71
C ALA C 267 11.28 8.80 -1.99
N GLY C 268 12.35 8.03 -1.91
CA GLY C 268 12.10 6.59 -2.17
C GLY C 268 12.10 5.70 -0.93
N HIS C 269 12.22 6.29 0.27
CA HIS C 269 12.42 5.56 1.53
C HIS C 269 11.25 5.29 2.46
N PHE C 270 10.05 5.52 1.99
CA PHE C 270 8.87 5.38 2.86
C PHE C 270 7.88 4.29 2.46
N HIS C 271 6.67 4.32 3.12
CA HIS C 271 5.65 3.34 2.84
C HIS C 271 5.01 3.55 1.50
N PRO C 272 4.36 2.50 1.01
CA PRO C 272 3.67 2.65 -0.25
C PRO C 272 2.66 3.83 -0.13
N THR C 273 2.55 4.70 -1.14
CA THR C 273 1.61 5.85 -1.11
C THR C 273 2.07 7.03 -0.24
N GLU C 274 3.05 6.75 0.64
CA GLU C 274 3.63 7.77 1.57
C GLU C 274 4.44 8.80 0.82
N VAL C 275 4.16 10.13 0.98
CA VAL C 275 4.92 11.19 0.22
C VAL C 275 5.66 12.21 1.05
N ILE C 276 6.94 12.45 0.65
CA ILE C 276 7.70 13.46 1.40
C ILE C 276 7.21 14.86 1.13
N SER C 277 6.56 15.09 -0.02
CA SER C 277 6.06 16.46 -0.27
C SER C 277 5.22 16.93 0.91
N ASP C 278 4.36 16.05 1.47
CA ASP C 278 3.54 16.50 2.60
C ASP C 278 4.33 16.82 3.83
N LYS C 279 5.39 16.05 4.01
CA LYS C 279 6.20 16.16 5.17
C LYS C 279 7.02 17.46 5.27
N ILE C 280 7.33 18.12 4.14
CA ILE C 280 8.17 19.32 4.18
C ILE C 280 7.67 20.38 5.16
N SER C 281 6.42 20.76 4.98
CA SER C 281 5.87 21.80 5.84
C SER C 281 5.72 21.39 7.29
N ALA C 282 5.50 20.10 7.58
CA ALA C 282 5.40 19.71 8.97
C ALA C 282 6.80 19.74 9.57
N ALA C 283 7.78 19.10 8.90
CA ALA C 283 9.11 19.03 9.49
C ALA C 283 9.77 20.40 9.71
N LEU C 285 8.73 22.94 10.70
CA LEU C 285 8.35 23.68 11.90
C LEU C 285 9.18 23.25 13.09
N TYR C 286 9.99 22.18 12.92
CA TYR C 286 10.72 21.68 14.05
C TYR C 286 12.21 21.50 13.88
N VAL C 287 12.63 21.48 12.61
CA VAL C 287 14.04 21.27 12.32
C VAL C 287 14.55 22.42 11.53
N PRO C 288 15.80 22.75 11.71
CA PRO C 288 16.34 23.92 11.08
C PRO C 288 16.50 23.85 9.59
N GLN C 289 16.84 22.69 9.05
CA GLN C 289 17.02 22.65 7.63
C GLN C 289 16.56 21.28 7.16
N LEU C 290 16.32 21.20 5.86
CA LEU C 290 15.91 19.91 5.32
C LEU C 290 16.77 19.57 4.14
N LEU C 291 17.07 18.30 4.06
CA LEU C 291 17.74 17.78 2.89
C LEU C 291 16.72 16.92 2.18
N LEU C 292 16.43 17.18 0.92
CA LEU C 292 15.46 16.39 0.18
C LEU C 292 16.20 15.49 -0.84
N HIS C 293 16.09 14.12 -0.73
CA HIS C 293 16.71 13.21 -1.67
C HIS C 293 15.61 12.78 -2.62
N VAL C 294 15.70 13.11 -3.87
CA VAL C 294 14.66 12.73 -4.78
C VAL C 294 15.09 11.55 -5.55
N SER C 295 14.18 10.59 -5.70
CA SER C 295 14.38 9.41 -6.49
C SER C 295 13.05 8.78 -6.71
N ARG C 296 12.98 7.89 -7.66
CA ARG C 296 11.74 7.24 -7.94
C ARG C 296 11.68 5.79 -7.47
N PRO C 297 10.87 5.54 -6.46
CA PRO C 297 10.75 4.17 -5.94
C PRO C 297 9.73 3.44 -6.83
N VAL C 298 10.01 2.20 -7.20
CA VAL C 298 9.13 1.44 -8.08
C VAL C 298 8.96 0.08 -7.45
N ARG C 299 7.79 -0.15 -6.83
CA ARG C 299 7.45 -1.39 -6.13
C ARG C 299 8.29 -1.60 -4.87
N TRP C 300 9.32 -0.78 -4.73
CA TRP C 300 10.24 -0.81 -3.61
C TRP C 300 11.22 0.35 -3.72
N ASP C 301 12.10 0.52 -2.71
CA ASP C 301 13.12 1.59 -2.72
C ASP C 301 14.13 1.25 -3.80
N SER C 302 13.60 1.21 -5.03
CA SER C 302 14.31 0.82 -6.23
C SER C 302 15.29 1.83 -6.78
N ASP C 303 15.25 3.07 -6.30
CA ASP C 303 16.19 4.01 -6.78
C ASP C 303 16.18 4.24 -8.27
N HIS C 304 15.00 4.35 -8.89
CA HIS C 304 14.94 4.60 -10.32
C HIS C 304 15.24 6.12 -10.55
N VAL C 305 15.54 6.46 -11.78
CA VAL C 305 15.80 7.85 -12.17
C VAL C 305 14.58 8.74 -11.99
N VAL C 306 14.86 9.93 -11.46
CA VAL C 306 13.78 10.92 -11.26
C VAL C 306 13.11 11.33 -12.57
N LEU C 307 11.75 11.28 -12.58
CA LEU C 307 10.97 11.71 -13.73
C LEU C 307 10.19 13.01 -13.42
N LEU C 308 9.73 13.65 -14.46
CA LEU C 308 8.92 14.84 -14.21
C LEU C 308 7.54 14.21 -14.05
N ASP C 309 7.23 13.96 -12.79
CA ASP C 309 6.00 13.25 -12.49
C ASP C 309 5.25 13.87 -11.31
N ASP C 310 4.14 13.31 -10.89
CA ASP C 310 3.36 13.95 -9.83
C ASP C 310 4.13 14.29 -8.53
N GLU C 311 4.83 13.31 -7.97
CA GLU C 311 5.50 13.55 -6.73
C GLU C 311 6.72 14.46 -6.87
N THR C 312 7.48 14.34 -7.97
CA THR C 312 8.65 15.24 -8.12
C THR C 312 8.11 16.70 -8.21
N GLN C 313 6.99 16.89 -8.93
CA GLN C 313 6.36 18.22 -9.06
C GLN C 313 5.82 18.68 -7.68
N ALA C 314 5.19 17.79 -6.88
CA ALA C 314 4.67 18.16 -5.54
C ALA C 314 5.82 18.66 -4.63
N ILE C 315 6.98 17.94 -4.69
CA ILE C 315 8.14 18.33 -3.88
C ILE C 315 8.59 19.75 -4.31
N ALA C 316 8.78 19.97 -5.61
CA ALA C 316 9.22 21.24 -6.10
C ALA C 316 8.21 22.30 -5.67
N SER C 317 6.93 22.01 -5.79
CA SER C 317 5.96 23.05 -5.41
C SER C 317 6.04 23.44 -3.93
N GLU C 318 6.22 22.43 -3.04
CA GLU C 318 6.33 22.72 -1.63
C GLU C 318 7.56 23.59 -1.34
N ILE C 319 8.70 23.25 -1.98
CA ILE C 319 9.93 24.03 -1.82
C ILE C 319 9.72 25.53 -2.14
N VAL C 320 9.16 25.77 -3.35
CA VAL C 320 8.92 27.13 -3.84
C VAL C 320 7.81 27.80 -3.10
N ARG C 321 6.69 27.11 -2.89
CA ARG C 321 5.57 27.79 -2.19
C ARG C 321 5.97 28.34 -0.82
N HIS C 322 6.84 27.61 -0.08
CA HIS C 322 7.23 28.03 1.29
C HIS C 322 8.50 28.84 1.30
N ASP C 323 8.97 29.25 0.10
CA ASP C 323 10.19 30.08 -0.04
C ASP C 323 11.38 29.48 0.65
N LEU C 324 11.57 28.18 0.42
CA LEU C 324 12.59 27.44 1.16
C LEU C 324 14.03 27.50 0.66
N PHE C 325 14.32 28.47 -0.20
CA PHE C 325 15.64 28.66 -0.79
C PHE C 325 16.80 28.47 0.17
N ASP C 326 16.65 28.97 1.38
CA ASP C 326 17.78 28.94 2.31
C ASP C 326 17.76 27.90 3.35
N ARG C 327 16.71 27.08 3.38
CA ARG C 327 16.64 26.06 4.40
C ARG C 327 16.55 24.62 3.83
N VAL C 328 16.48 24.54 2.50
CA VAL C 328 16.35 23.29 1.79
C VAL C 328 17.60 23.04 0.94
N HIS C 329 17.98 21.79 0.91
CA HIS C 329 19.11 21.35 0.11
C HIS C 329 18.55 20.24 -0.77
N ILE C 330 18.59 20.43 -2.07
CA ILE C 330 18.00 19.45 -3.01
C ILE C 330 19.06 18.49 -3.59
N GLY C 331 18.87 17.17 -3.46
CA GLY C 331 19.81 16.22 -3.99
C GLY C 331 19.16 15.05 -4.67
N LEU C 332 19.91 14.39 -5.55
CA LEU C 332 19.43 13.24 -6.30
C LEU C 332 19.92 12.06 -5.50
N ASP C 333 19.09 11.02 -5.43
CA ASP C 333 19.51 9.87 -4.64
C ASP C 333 18.93 8.63 -5.26
N PHE C 334 19.33 8.34 -6.47
CA PHE C 334 18.84 7.16 -7.14
C PHE C 334 20.00 6.35 -7.68
N PHE C 335 19.74 5.15 -8.13
CA PHE C 335 20.87 4.48 -8.70
C PHE C 335 20.38 3.54 -9.82
N ASP C 336 20.70 3.81 -11.09
CA ASP C 336 20.22 2.92 -12.12
C ASP C 336 21.43 2.51 -12.95
N ALA C 337 21.72 1.24 -13.00
CA ALA C 337 22.88 0.81 -13.80
C ALA C 337 22.48 0.05 -15.07
N SER C 338 21.25 0.21 -15.47
CA SER C 338 20.80 -0.51 -16.61
C SER C 338 20.82 0.36 -17.86
N ILE C 339 21.12 1.69 -17.65
CA ILE C 339 21.20 2.64 -18.80
C ILE C 339 22.52 3.45 -18.70
N ASN C 340 22.76 4.21 -19.75
CA ASN C 340 23.96 5.02 -19.70
C ASN C 340 23.92 5.90 -18.46
N ARG C 341 24.97 5.86 -17.65
CA ARG C 341 25.01 6.61 -16.37
C ARG C 341 24.98 8.13 -16.49
N ILE C 342 25.62 8.64 -17.54
CA ILE C 342 25.68 10.06 -17.82
C ILE C 342 24.24 10.46 -18.12
N ALA C 343 23.57 9.68 -18.99
CA ALA C 343 22.15 9.99 -19.29
C ALA C 343 21.29 9.95 -18.02
N ALA C 344 21.57 9.02 -17.07
CA ALA C 344 20.78 8.95 -15.86
C ALA C 344 20.90 10.27 -15.10
N TRP C 345 22.13 10.77 -14.96
CA TRP C 345 22.29 12.01 -14.27
C TRP C 345 21.56 13.12 -15.02
N VAL C 346 21.70 13.19 -16.31
CA VAL C 346 21.10 14.27 -17.14
C VAL C 346 19.56 14.36 -17.03
N ILE C 347 18.98 13.15 -17.25
CA ILE C 347 17.53 13.00 -17.17
C ILE C 347 17.01 13.42 -15.77
N GLY C 348 17.58 12.88 -14.72
CA GLY C 348 17.14 13.15 -13.39
C GLY C 348 17.28 14.63 -13.03
N THR C 349 18.50 15.18 -13.27
CA THR C 349 18.75 16.57 -12.89
C THR C 349 17.89 17.56 -13.68
N ARG C 350 17.80 17.37 -14.98
CA ARG C 350 16.96 18.24 -15.77
C ARG C 350 15.50 18.15 -15.27
N ASN C 351 15.04 16.92 -14.93
CA ASN C 351 13.64 16.77 -14.46
C ASN C 351 13.43 17.54 -13.19
N LYS C 353 14.91 20.12 -12.23
CA LYS C 353 14.89 21.56 -12.54
C LYS C 353 13.65 21.98 -13.28
N LYS C 354 13.14 21.07 -14.11
CA LYS C 354 11.92 21.41 -14.80
C LYS C 354 10.78 21.51 -13.76
N ALA C 355 10.77 20.63 -12.76
CA ALA C 355 9.67 20.66 -11.76
C ALA C 355 9.73 21.98 -10.93
N LEU C 356 10.98 22.38 -10.57
CA LEU C 356 11.22 23.63 -9.83
C LEU C 356 10.76 24.79 -10.69
N LEU C 357 11.07 24.78 -11.99
CA LEU C 357 10.64 25.85 -12.85
C LEU C 357 9.10 25.98 -12.87
N ARG C 358 8.44 24.82 -13.06
CA ARG C 358 6.97 24.86 -13.08
C ARG C 358 6.40 25.41 -11.78
N ALA C 359 7.03 25.08 -10.68
CA ALA C 359 6.55 25.58 -9.40
C ALA C 359 6.73 27.11 -9.36
N LEU C 360 7.85 27.59 -9.92
CA LEU C 360 8.15 29.01 -9.92
C LEU C 360 7.22 29.80 -10.80
N LEU C 361 6.58 29.12 -11.73
CA LEU C 361 5.66 29.73 -12.69
C LEU C 361 4.20 29.68 -12.16
N GLU C 362 4.05 29.16 -10.94
CA GLU C 362 2.71 29.06 -10.41
C GLU C 362 2.25 30.42 -9.86
N PRO C 363 0.96 30.78 -10.08
CA PRO C 363 0.43 32.06 -9.48
C PRO C 363 0.03 31.76 -8.05
N THR C 364 1.02 31.53 -7.19
CA THR C 364 0.77 31.07 -5.86
C THR C 364 -0.10 31.99 -5.02
N ALA C 365 0.20 33.27 -5.07
CA ALA C 365 -0.58 34.20 -4.22
C ALA C 365 -2.05 34.11 -4.56
N GLU C 366 -2.33 34.14 -5.86
CA GLU C 366 -3.69 34.05 -6.34
C GLU C 366 -4.36 32.77 -5.86
N LEU C 367 -3.65 31.64 -6.04
CA LEU C 367 -4.22 30.35 -5.57
C LEU C 367 -4.45 30.29 -4.04
N ARG C 368 -3.51 30.87 -3.25
CA ARG C 368 -3.62 30.81 -1.79
C ARG C 368 -4.85 31.59 -1.34
N LYS C 369 -5.07 32.66 -2.05
CA LYS C 369 -6.22 33.50 -1.75
C LYS C 369 -7.49 32.79 -2.07
N LEU C 370 -7.54 32.15 -3.22
CA LEU C 370 -8.76 31.46 -3.54
C LEU C 370 -8.98 30.40 -2.48
N GLU C 371 -7.89 29.70 -2.11
CA GLU C 371 -8.06 28.67 -1.11
C GLU C 371 -8.54 29.26 0.22
N ALA C 372 -7.91 30.35 0.67
CA ALA C 372 -8.28 30.99 1.96
C ALA C 372 -9.78 31.36 2.06
N PRO C 373 -10.41 31.61 0.93
CA PRO C 373 -11.80 31.95 0.83
C PRO C 373 -12.67 30.83 0.61
N GLY C 374 -12.13 29.63 0.61
CA GLY C 374 -13.03 28.51 0.43
C GLY C 374 -13.50 28.30 -1.01
N ASP C 375 -12.82 29.02 -1.98
CA ASP C 375 -13.15 28.83 -3.39
C ASP C 375 -12.40 27.59 -3.94
N TYR C 376 -12.76 26.41 -3.42
CA TYR C 376 -12.11 25.16 -3.79
C TYR C 376 -12.35 24.82 -5.23
N THR C 377 -13.46 25.33 -5.78
CA THR C 377 -13.78 25.09 -7.17
C THR C 377 -12.74 25.75 -8.07
N ALA C 378 -12.51 27.04 -7.84
CA ALA C 378 -11.55 27.83 -8.65
C ALA C 378 -10.13 27.31 -8.44
N ARG C 379 -9.84 26.88 -7.20
CA ARG C 379 -8.52 26.39 -6.81
C ARG C 379 -8.17 25.20 -7.66
N LEU C 380 -9.04 24.21 -7.67
CA LEU C 380 -8.77 23.00 -8.49
C LEU C 380 -8.69 23.32 -9.97
N ALA C 381 -9.61 24.18 -10.41
CA ALA C 381 -9.68 24.58 -11.83
C ALA C 381 -8.41 25.23 -12.24
N LEU C 382 -8.00 26.23 -11.47
CA LEU C 382 -6.77 26.96 -11.85
C LEU C 382 -5.48 26.09 -11.71
N LEU C 383 -5.40 25.25 -10.69
CA LEU C 383 -4.23 24.36 -10.57
C LEU C 383 -4.14 23.49 -11.82
N GLU C 384 -5.30 22.98 -12.26
CA GLU C 384 -5.33 22.12 -13.44
C GLU C 384 -5.03 22.90 -14.70
N GLU C 385 -5.51 24.14 -14.79
CA GLU C 385 -5.20 24.90 -15.99
C GLU C 385 -3.69 25.27 -16.09
N GLN C 386 -3.00 25.31 -14.95
CA GLN C 386 -1.58 25.68 -15.03
C GLN C 386 -0.86 24.66 -15.92
N LYS C 387 -1.31 23.42 -15.89
CA LYS C 387 -0.64 22.34 -16.62
C LYS C 387 -0.60 22.55 -18.11
N SER C 388 -1.53 23.40 -18.67
CA SER C 388 -1.56 23.67 -20.10
C SER C 388 -1.06 25.06 -20.49
N LEU C 389 -0.44 25.79 -19.54
CA LEU C 389 0.21 27.06 -19.82
C LEU C 389 1.58 26.62 -20.42
N PRO C 390 2.18 27.48 -21.23
CA PRO C 390 3.39 27.11 -22.00
C PRO C 390 4.70 27.16 -21.19
N TRP C 391 4.79 26.41 -20.12
CA TRP C 391 5.97 26.46 -19.31
C TRP C 391 7.19 25.95 -20.11
N GLN C 392 6.92 25.08 -21.11
CA GLN C 392 8.01 24.41 -21.89
C GLN C 392 8.92 25.46 -22.53
N ALA C 393 8.26 26.56 -22.97
CA ALA C 393 8.98 27.64 -23.67
C ALA C 393 9.97 28.32 -22.77
N VAL C 394 9.58 28.40 -21.51
CA VAL C 394 10.38 29.05 -20.50
C VAL C 394 11.56 28.14 -20.17
N TRP C 395 11.26 26.85 -20.08
CA TRP C 395 12.36 25.89 -19.80
C TRP C 395 13.41 25.95 -20.93
N GLU C 396 12.94 25.95 -22.18
CA GLU C 396 13.85 25.89 -23.33
C GLU C 396 14.75 27.13 -23.31
N TYR C 398 15.68 28.75 -20.61
CA TYR C 398 16.60 28.56 -19.48
C TYR C 398 17.80 27.74 -19.98
N CYS C 399 17.48 26.72 -20.76
CA CYS C 399 18.56 25.86 -21.34
C CYS C 399 19.46 26.71 -22.25
N GLN C 400 18.85 27.46 -23.15
CA GLN C 400 19.59 28.33 -24.05
C GLN C 400 20.49 29.27 -23.27
N ARG C 401 19.95 29.91 -22.22
CA ARG C 401 20.77 30.82 -21.46
C ARG C 401 21.97 30.22 -20.79
N HIS C 402 21.93 28.93 -20.56
CA HIS C 402 23.05 28.26 -19.92
C HIS C 402 23.84 27.43 -20.99
N ASP C 403 23.57 27.68 -22.24
CA ASP C 403 24.25 27.03 -23.31
C ASP C 403 24.20 25.54 -23.13
N THR C 404 22.98 25.06 -22.99
CA THR C 404 22.71 23.66 -22.83
C THR C 404 21.64 23.35 -23.87
N PRO C 405 21.55 22.12 -24.40
CA PRO C 405 20.52 21.83 -25.37
C PRO C 405 19.14 21.95 -24.74
N ALA C 406 18.20 22.52 -25.48
CA ALA C 406 16.82 22.72 -25.00
C ALA C 406 16.01 21.42 -25.09
N GLY C 407 16.42 20.52 -25.98
CA GLY C 407 15.61 19.29 -26.14
C GLY C 407 16.43 18.00 -26.25
N SER C 408 15.86 17.04 -26.98
CA SER C 408 16.48 15.73 -27.08
C SER C 408 17.85 15.68 -27.71
N GLU C 409 18.27 16.78 -28.29
CA GLU C 409 19.63 16.81 -28.92
C GLU C 409 20.74 16.44 -27.92
N TRP C 410 20.55 16.63 -26.60
CA TRP C 410 21.57 16.29 -25.67
C TRP C 410 21.98 14.81 -25.77
N LEU C 411 21.04 13.94 -26.18
CA LEU C 411 21.36 12.49 -26.18
C LEU C 411 22.51 12.20 -27.15
N GLU C 412 22.57 13.05 -28.21
CA GLU C 412 23.61 12.92 -29.19
C GLU C 412 24.99 13.08 -28.59
N SER C 413 25.12 14.00 -27.64
CA SER C 413 26.41 14.23 -27.00
C SER C 413 26.77 13.03 -26.19
N VAL C 414 25.76 12.48 -25.48
CA VAL C 414 26.02 11.32 -24.64
C VAL C 414 26.46 10.18 -25.54
N ARG C 415 25.77 10.06 -26.68
CA ARG C 415 26.07 8.99 -27.65
C ARG C 415 27.49 9.15 -28.19
N ALA C 416 27.84 10.37 -28.55
CA ALA C 416 29.19 10.63 -29.04
C ALA C 416 30.24 10.27 -27.97
N TYR C 417 29.98 10.63 -26.71
CA TYR C 417 30.90 10.37 -25.61
C TYR C 417 31.06 8.86 -25.37
N GLU C 418 29.95 8.14 -25.49
CA GLU C 418 29.97 6.71 -25.26
C GLU C 418 30.89 6.05 -26.33
N LYS C 419 30.73 6.51 -27.59
CA LYS C 419 31.49 6.03 -28.73
C LYS C 419 32.98 6.26 -28.61
N GLU C 420 33.36 7.45 -28.19
CA GLU C 420 34.76 7.84 -28.09
C GLU C 420 35.46 7.37 -26.85
N ILE C 421 34.77 7.50 -25.70
CA ILE C 421 35.32 7.20 -24.43
C ILE C 421 34.85 5.95 -23.72
N LEU C 422 33.55 5.88 -23.40
CA LEU C 422 33.07 4.83 -22.59
C LEU C 422 33.25 3.46 -23.22
N SER C 423 33.08 3.37 -24.53
CA SER C 423 33.25 2.08 -25.24
C SER C 423 34.64 1.50 -24.99
N ARG C 424 35.58 2.32 -24.56
CA ARG C 424 36.92 1.76 -24.38
C ARG C 424 37.23 1.38 -23.00
N ARG C 425 36.27 1.50 -22.14
CA ARG C 425 36.52 1.15 -20.80
C ARG C 425 36.20 -0.34 -20.71
N THR D 9 -13.91 -25.31 37.85
CA THR D 9 -14.14 -26.70 37.43
C THR D 9 -12.84 -27.42 37.43
N THR D 10 -12.98 -28.72 37.47
CA THR D 10 -11.82 -29.53 37.49
C THR D 10 -11.11 -29.48 36.17
N GLN D 11 -11.83 -29.26 35.08
CA GLN D 11 -11.18 -29.20 33.76
C GLN D 11 -10.27 -27.99 33.61
N LEU D 12 -10.75 -26.88 34.09
CA LEU D 12 -9.96 -25.69 34.02
C LEU D 12 -8.74 -25.80 34.89
N GLU D 13 -8.95 -26.35 36.07
CA GLU D 13 -7.81 -26.48 36.96
C GLU D 13 -6.76 -27.40 36.31
N GLN D 14 -7.21 -28.48 35.71
CA GLN D 14 -6.32 -29.44 35.09
C GLN D 14 -5.58 -28.83 33.90
N ALA D 15 -6.33 -28.17 33.01
CA ALA D 15 -5.69 -27.55 31.87
C ALA D 15 -4.66 -26.54 32.41
N TRP D 16 -5.05 -25.79 33.44
CA TRP D 16 -4.14 -24.85 34.01
C TRP D 16 -2.84 -25.45 34.55
N GLU D 17 -2.98 -26.53 35.30
CA GLU D 17 -1.74 -27.11 35.87
C GLU D 17 -0.79 -27.63 34.73
N LEU D 18 -1.38 -28.22 33.67
CA LEU D 18 -0.51 -28.68 32.57
C LEU D 18 0.23 -27.52 31.97
N ALA D 19 -0.50 -26.41 31.74
CA ALA D 19 0.09 -25.19 31.17
C ALA D 19 1.18 -24.62 32.08
N LYS D 20 0.89 -24.61 33.41
CA LYS D 20 1.87 -24.12 34.34
C LYS D 20 3.24 -24.82 34.17
N GLN D 21 3.19 -26.12 34.07
CA GLN D 21 4.41 -26.90 33.89
C GLN D 21 5.14 -26.62 32.59
N ARG D 22 4.31 -26.67 31.56
CA ARG D 22 4.75 -26.50 30.25
C ARG D 22 5.53 -25.24 30.14
N PHE D 23 4.94 -24.17 30.65
CA PHE D 23 5.63 -22.85 30.60
C PHE D 23 6.82 -22.77 31.53
N ALA D 24 6.69 -23.45 32.68
CA ALA D 24 7.78 -23.42 33.62
C ALA D 24 9.02 -23.99 32.93
N ALA D 25 8.75 -24.87 31.98
CA ALA D 25 9.80 -25.50 31.24
C ALA D 25 10.50 -24.62 30.28
N VAL D 26 10.05 -23.40 30.10
CA VAL D 26 10.74 -22.51 29.18
C VAL D 26 11.14 -21.28 29.96
N GLY D 27 11.05 -21.48 31.29
CA GLY D 27 11.39 -20.48 32.24
C GLY D 27 10.31 -19.45 32.44
N ILE D 28 9.08 -19.81 32.09
CA ILE D 28 8.01 -18.82 32.26
C ILE D 28 7.13 -19.17 33.45
N ASP D 29 6.93 -18.19 34.37
CA ASP D 29 6.09 -18.40 35.55
C ASP D 29 4.67 -17.93 35.17
N VAL D 30 3.71 -18.86 34.98
CA VAL D 30 2.38 -18.40 34.62
C VAL D 30 1.72 -17.50 35.64
N GLU D 31 1.98 -17.76 36.92
CA GLU D 31 1.35 -16.95 37.95
C GLU D 31 1.87 -15.51 37.86
N GLU D 32 3.18 -15.32 37.61
CA GLU D 32 3.69 -13.99 37.45
C GLU D 32 3.05 -13.27 36.24
N ALA D 33 2.82 -14.01 35.16
CA ALA D 33 2.25 -13.42 33.98
C ALA D 33 0.89 -12.85 34.32
N LEU D 34 0.09 -13.61 35.09
CA LEU D 34 -1.27 -13.08 35.45
C LEU D 34 -1.20 -11.81 36.33
N ARG D 35 -0.20 -11.81 37.27
CA ARG D 35 0.01 -10.65 38.13
C ARG D 35 0.43 -9.48 37.26
N GLN D 36 1.34 -9.71 36.31
CA GLN D 36 1.72 -8.60 35.43
C GLN D 36 0.50 -8.11 34.58
N LEU D 37 -0.35 -9.07 34.11
CA LEU D 37 -1.54 -8.69 33.33
C LEU D 37 -2.45 -7.75 34.16
N ASP D 38 -2.51 -7.97 35.48
CA ASP D 38 -3.27 -7.07 36.34
C ASP D 38 -2.67 -5.66 36.44
N ARG D 39 -1.46 -5.44 35.87
CA ARG D 39 -0.91 -4.09 35.91
C ARG D 39 -1.14 -3.33 34.61
N LEU D 40 -1.93 -3.89 33.70
CA LEU D 40 -2.08 -3.26 32.41
C LEU D 40 -3.51 -2.99 32.11
N PRO D 41 -4.00 -1.89 32.59
CA PRO D 41 -5.40 -1.56 32.32
C PRO D 41 -5.63 -1.30 30.83
N VAL D 42 -6.87 -1.50 30.37
CA VAL D 42 -7.18 -1.13 28.99
C VAL D 42 -8.28 -0.05 29.13
N SER D 43 -8.09 1.10 28.45
CA SER D 43 -9.06 2.20 28.49
C SER D 43 -10.16 1.99 27.43
N HIS D 45 -13.38 2.91 25.22
CA HIS D 45 -13.85 4.19 24.63
C HIS D 45 -15.40 4.25 24.84
N CYS D 46 -15.85 5.37 25.38
CA CYS D 46 -17.26 5.45 25.68
C CYS D 46 -18.14 5.55 24.46
N TRP D 47 -17.61 6.14 23.39
CA TRP D 47 -18.37 6.43 22.19
C TRP D 47 -18.91 5.32 21.37
N GLN D 48 -18.39 4.13 21.59
CA GLN D 48 -18.86 2.95 20.90
C GLN D 48 -20.27 2.57 21.39
N GLY D 49 -20.64 3.04 22.60
CA GLY D 49 -21.96 2.71 23.23
C GLY D 49 -23.15 3.43 22.60
N ASP D 50 -22.92 4.65 22.03
CA ASP D 50 -23.99 5.43 21.43
C ASP D 50 -23.62 5.98 20.04
N ASP D 51 -22.79 5.25 19.33
CA ASP D 51 -22.44 5.76 18.02
C ASP D 51 -21.87 7.16 18.01
N VAL D 52 -21.16 7.49 19.05
CA VAL D 52 -20.53 8.79 19.08
C VAL D 52 -21.52 9.93 19.07
N SER D 53 -22.71 9.67 19.57
CA SER D 53 -23.73 10.75 19.61
C SER D 53 -23.46 11.82 20.66
N GLY D 54 -23.12 11.40 21.88
CA GLY D 54 -22.88 12.43 22.88
C GLY D 54 -24.23 12.78 23.52
N PHE D 55 -24.15 13.67 24.50
CA PHE D 55 -25.31 14.06 25.25
C PHE D 55 -25.70 15.48 25.07
N GLU D 56 -25.21 16.15 24.04
CA GLU D 56 -25.63 17.57 23.87
C GLU D 56 -27.03 17.71 23.24
N TYR D 72 -27.18 -1.27 13.68
CA TYR D 72 -27.62 -2.24 14.66
C TYR D 72 -28.45 -1.55 15.76
N PRO D 73 -29.54 -2.15 16.17
CA PRO D 73 -30.34 -1.48 17.21
C PRO D 73 -29.78 -1.60 18.62
N GLY D 74 -30.39 -0.84 19.50
CA GLY D 74 -30.12 -0.87 20.92
C GLY D 74 -29.12 0.13 21.44
N LYS D 75 -28.74 1.12 20.66
CA LYS D 75 -27.74 2.02 21.18
C LYS D 75 -28.16 2.75 22.41
N ALA D 76 -27.18 3.17 23.21
CA ALA D 76 -27.47 3.94 24.40
C ALA D 76 -27.95 5.33 24.00
N ARG D 77 -28.80 5.93 24.80
CA ARG D 77 -29.30 7.24 24.48
C ARG D 77 -29.06 8.35 25.49
N ASN D 78 -28.41 8.03 26.58
CA ASN D 78 -28.09 8.99 27.60
C ASN D 78 -27.05 8.35 28.54
N ALA D 79 -26.65 9.13 29.51
CA ALA D 79 -25.67 8.69 30.45
C ALA D 79 -26.06 7.45 31.21
N SER D 80 -27.31 7.41 31.65
CA SER D 80 -27.70 6.25 32.41
C SER D 80 -27.64 4.93 31.62
N GLU D 81 -28.15 5.00 30.42
CA GLU D 81 -28.13 3.85 29.55
C GLU D 81 -26.68 3.51 29.21
N LEU D 82 -25.85 4.51 28.91
CA LEU D 82 -24.43 4.23 28.56
C LEU D 82 -23.66 3.48 29.66
N ARG D 83 -23.91 3.91 30.92
CA ARG D 83 -23.32 3.33 32.14
C ARG D 83 -23.80 1.93 32.37
N ALA D 84 -25.07 1.71 32.15
CA ALA D 84 -25.56 0.38 32.30
C ALA D 84 -24.94 -0.54 31.27
N ASP D 85 -24.85 -0.04 30.02
CA ASP D 85 -24.28 -0.86 28.94
C ASP D 85 -22.79 -1.18 29.26
N LEU D 86 -22.06 -0.14 29.70
CA LEU D 86 -20.66 -0.31 30.08
C LEU D 86 -20.54 -1.37 31.19
N GLU D 87 -21.40 -1.30 32.23
CA GLU D 87 -21.31 -2.30 33.31
C GLU D 87 -21.56 -3.68 32.77
N GLN D 88 -22.43 -3.83 31.77
CA GLN D 88 -22.60 -5.20 31.25
C GLN D 88 -21.31 -5.70 30.60
N ALA D 89 -20.66 -4.80 29.85
CA ALA D 89 -19.40 -5.14 29.15
C ALA D 89 -18.34 -5.49 30.20
N ARG D 91 -18.55 -6.57 33.26
CA ARG D 91 -18.60 -7.80 33.98
C ARG D 91 -18.19 -8.99 33.13
N LEU D 92 -17.95 -8.77 31.83
CA LEU D 92 -17.57 -9.86 30.93
C LEU D 92 -16.05 -9.76 30.51
N ILE D 93 -15.37 -8.73 31.03
CA ILE D 93 -13.96 -8.46 30.69
C ILE D 93 -13.14 -8.54 31.95
N PRO D 94 -12.16 -9.42 31.99
CA PRO D 94 -11.41 -9.53 33.22
C PRO D 94 -10.33 -8.51 33.44
N GLY D 95 -10.13 -8.20 34.70
CA GLY D 95 -9.01 -7.36 35.01
C GLY D 95 -9.28 -5.91 34.92
N PRO D 96 -8.22 -5.16 35.06
CA PRO D 96 -8.31 -3.73 35.12
C PRO D 96 -8.78 -3.04 33.84
N LYS D 97 -9.62 -2.05 34.10
CA LYS D 97 -10.09 -1.25 32.99
C LYS D 97 -10.27 0.18 33.41
N ARG D 98 -10.39 1.04 32.38
CA ARG D 98 -10.60 2.46 32.55
C ARG D 98 -11.65 2.87 31.53
N LEU D 99 -12.20 4.08 31.69
CA LEU D 99 -13.14 4.56 30.72
C LEU D 99 -12.59 5.86 30.17
N ASN D 100 -12.61 5.92 28.83
CA ASN D 100 -12.16 7.06 28.05
C ASN D 100 -13.41 7.84 27.59
N LEU D 101 -13.50 9.05 28.12
CA LEU D 101 -14.63 9.92 27.86
C LEU D 101 -14.30 11.09 26.93
N HIS D 102 -15.34 11.43 26.12
CA HIS D 102 -15.21 12.56 25.25
C HIS D 102 -16.01 13.70 25.90
N ALA D 103 -15.60 14.92 25.67
CA ALA D 103 -16.28 16.11 26.26
C ALA D 103 -17.79 16.13 25.91
N ILE D 104 -18.18 15.63 24.75
CA ILE D 104 -19.63 15.62 24.42
C ILE D 104 -20.47 14.70 25.31
N TYR D 105 -19.81 13.95 26.20
CA TYR D 105 -20.46 13.01 27.12
C TYR D 105 -20.86 13.64 28.48
N LEU D 106 -20.70 14.97 28.57
CA LEU D 106 -20.99 15.76 29.75
C LEU D 106 -22.47 15.61 30.09
N GLU D 107 -22.79 15.83 31.35
CA GLU D 107 -24.16 15.72 31.79
C GLU D 107 -24.52 17.04 32.48
N SER D 108 -25.53 17.74 31.96
CA SER D 108 -26.03 19.01 32.53
C SER D 108 -27.49 19.19 32.13
N ASP D 109 -28.36 19.73 32.99
CA ASP D 109 -29.77 19.91 32.63
C ASP D 109 -30.03 20.76 31.39
N THR D 110 -29.16 21.72 31.15
CA THR D 110 -29.28 22.61 30.02
C THR D 110 -28.00 22.64 29.18
N PRO D 111 -28.05 22.98 27.90
CA PRO D 111 -26.88 23.00 27.05
C PRO D 111 -25.74 23.81 27.56
N VAL D 112 -24.53 23.30 27.38
CA VAL D 112 -23.34 24.05 27.82
C VAL D 112 -22.41 24.30 26.60
N SER D 113 -22.00 25.52 26.33
CA SER D 113 -21.09 25.83 25.21
C SER D 113 -19.75 25.07 25.44
N ARG D 114 -19.19 24.46 24.37
CA ARG D 114 -18.00 23.65 24.53
C ARG D 114 -16.88 24.33 25.20
N ASP D 115 -16.79 25.59 24.93
CA ASP D 115 -15.71 26.28 25.58
C ASP D 115 -16.02 26.62 27.01
N GLN D 116 -17.15 26.20 27.55
CA GLN D 116 -17.38 26.61 28.91
C GLN D 116 -17.53 25.42 29.80
N ILE D 117 -17.19 24.25 29.30
CA ILE D 117 -17.36 23.11 30.14
C ILE D 117 -16.54 23.15 31.43
N LYS D 118 -17.12 22.49 32.44
CA LYS D 118 -16.58 22.45 33.77
C LYS D 118 -16.62 21.05 34.40
N PRO D 119 -15.74 20.84 35.36
CA PRO D 119 -15.68 19.56 36.05
C PRO D 119 -17.02 19.10 36.55
N GLU D 120 -17.87 20.03 37.04
CA GLU D 120 -19.19 19.60 37.54
C GLU D 120 -20.02 18.90 36.48
N HIS D 121 -19.76 19.25 35.22
CA HIS D 121 -20.51 18.58 34.17
C HIS D 121 -20.13 17.10 34.01
N PHE D 122 -19.12 16.68 34.76
CA PHE D 122 -18.66 15.30 34.72
C PHE D 122 -18.67 14.61 36.09
N LYS D 123 -19.43 15.18 37.01
CA LYS D 123 -19.47 14.61 38.38
C LYS D 123 -20.08 13.20 38.45
N ASN D 124 -21.20 12.96 37.76
CA ASN D 124 -21.78 11.65 37.85
C ASN D 124 -20.79 10.65 37.29
N TRP D 125 -19.98 11.04 36.25
CA TRP D 125 -19.00 10.09 35.67
C TRP D 125 -17.98 9.76 36.74
N VAL D 126 -17.45 10.82 37.34
CA VAL D 126 -16.46 10.63 38.39
C VAL D 126 -16.92 9.72 39.50
N GLU D 127 -18.14 9.98 39.94
CA GLU D 127 -18.72 9.19 41.04
C GLU D 127 -18.86 7.75 40.69
N TRP D 128 -19.40 7.50 39.48
CA TRP D 128 -19.61 6.17 38.96
C TRP D 128 -18.26 5.45 38.85
N ALA D 129 -17.24 6.20 38.42
CA ALA D 129 -15.91 5.61 38.28
C ALA D 129 -15.36 5.15 39.62
N LYS D 130 -15.52 5.97 40.64
CA LYS D 130 -15.09 5.61 42.00
C LYS D 130 -15.79 4.32 42.45
N ALA D 131 -17.09 4.28 42.29
CA ALA D 131 -17.86 3.11 42.65
C ALA D 131 -17.48 1.92 41.81
N ASN D 132 -16.82 2.13 40.69
CA ASN D 132 -16.52 0.97 39.90
C ASN D 132 -15.02 0.65 39.78
N GLN D 133 -14.23 1.34 40.54
CA GLN D 133 -12.83 1.08 40.49
C GLN D 133 -12.23 1.29 39.13
N LEU D 134 -12.64 2.36 38.47
CA LEU D 134 -12.16 2.66 37.14
C LEU D 134 -11.35 3.92 37.16
N GLY D 135 -10.33 3.98 36.30
CA GLY D 135 -9.61 5.22 36.14
C GLY D 135 -10.36 5.92 35.00
N LEU D 136 -10.24 7.21 34.83
CA LEU D 136 -10.95 7.87 33.75
C LEU D 136 -9.99 8.59 32.88
N ASP D 137 -10.19 8.57 31.52
CA ASP D 137 -9.35 9.35 30.58
C ASP D 137 -10.24 10.35 29.85
N PHE D 138 -9.68 11.36 29.20
CA PHE D 138 -10.56 12.36 28.57
C PHE D 138 -10.09 12.87 27.23
N ASN D 139 -11.02 13.53 26.55
CA ASN D 139 -10.73 14.10 25.25
C ASN D 139 -11.64 15.29 24.92
N PRO D 140 -11.06 16.40 24.53
CA PRO D 140 -11.86 17.50 24.02
C PRO D 140 -12.48 16.96 22.76
N SER D 141 -13.63 17.52 22.42
CA SER D 141 -14.39 17.07 21.28
C SER D 141 -14.33 18.13 20.24
N CYS D 142 -13.49 17.96 19.17
CA CYS D 142 -13.39 18.99 18.14
C CYS D 142 -14.05 18.60 16.83
N PHE D 143 -15.22 18.04 16.87
CA PHE D 143 -15.87 17.63 15.65
C PHE D 143 -17.36 17.73 15.88
N SER D 144 -18.17 17.42 14.87
CA SER D 144 -19.64 17.45 15.00
C SER D 144 -20.15 18.73 15.64
N HIS D 145 -19.74 19.86 15.09
CA HIS D 145 -20.19 21.09 15.71
C HIS D 145 -20.18 22.14 14.65
N PRO D 146 -21.05 23.13 14.80
CA PRO D 146 -21.14 24.21 13.82
C PRO D 146 -19.80 24.87 13.54
N LEU D 147 -18.96 25.00 14.57
CA LEU D 147 -17.71 25.63 14.43
C LEU D 147 -16.58 24.74 13.93
N SER D 148 -16.93 23.54 13.51
CA SER D 148 -15.90 22.66 12.94
C SER D 148 -16.35 22.36 11.53
N ALA D 149 -17.48 22.98 11.15
CA ALA D 149 -18.11 22.72 9.86
C ALA D 149 -17.20 22.92 8.65
N ASP D 150 -16.30 23.88 8.70
CA ASP D 150 -15.40 24.12 7.60
C ASP D 150 -14.26 23.11 7.49
N GLY D 151 -14.17 22.20 8.47
CA GLY D 151 -13.12 21.18 8.44
C GLY D 151 -11.86 21.67 9.12
N PHE D 152 -11.93 22.79 9.84
CA PHE D 152 -10.82 23.42 10.60
C PHE D 152 -11.30 23.82 12.00
N THR D 153 -10.47 23.62 13.02
CA THR D 153 -10.78 23.89 14.43
C THR D 153 -9.60 24.60 15.06
N LEU D 154 -8.71 23.87 15.72
CA LEU D 154 -7.53 24.53 16.26
C LEU D 154 -6.65 25.20 15.18
N SER D 155 -6.79 24.82 13.90
CA SER D 155 -5.96 25.48 12.87
C SER D 155 -6.76 26.47 11.99
N HIS D 156 -8.02 26.70 12.37
CA HIS D 156 -8.86 27.59 11.57
C HIS D 156 -8.16 28.93 11.40
N ALA D 157 -8.29 29.55 10.19
CA ALA D 157 -7.64 30.84 9.95
C ALA D 157 -8.39 31.97 10.74
N ASP D 158 -9.70 31.77 11.01
CA ASP D 158 -10.57 32.72 11.74
C ASP D 158 -10.26 32.67 13.22
N ASP D 159 -9.79 33.81 13.69
CA ASP D 159 -9.40 33.93 15.05
C ASP D 159 -10.44 33.54 16.11
N SER D 160 -11.70 33.85 15.82
CA SER D 160 -12.75 33.57 16.76
C SER D 160 -12.98 32.09 16.91
N ILE D 161 -13.14 31.45 15.75
CA ILE D 161 -13.31 30.01 15.70
C ILE D 161 -12.12 29.30 16.39
N ARG D 162 -10.92 29.74 16.03
CA ARG D 162 -9.71 29.17 16.60
C ARG D 162 -9.70 29.25 18.13
N GLN D 163 -10.07 30.45 18.63
CA GLN D 163 -10.09 30.69 20.06
C GLN D 163 -11.14 29.82 20.76
N PHE D 164 -12.31 29.63 20.09
CA PHE D 164 -13.34 28.76 20.62
C PHE D 164 -12.78 27.34 20.93
N TRP D 165 -12.05 26.80 19.93
CA TRP D 165 -11.44 25.49 20.11
C TRP D 165 -10.28 25.51 21.13
N ILE D 166 -9.44 26.54 21.11
CA ILE D 166 -8.42 26.59 22.10
C ILE D 166 -9.04 26.56 23.50
N ASP D 167 -10.08 27.39 23.62
CA ASP D 167 -10.78 27.48 24.90
C ASP D 167 -11.41 26.16 25.31
N HIS D 168 -12.02 25.50 24.32
CA HIS D 168 -12.61 24.21 24.61
C HIS D 168 -11.53 23.27 25.15
N CYS D 169 -10.30 23.30 24.52
CA CYS D 169 -9.15 22.46 24.90
C CYS D 169 -8.63 22.85 26.28
N LYS D 170 -8.40 24.14 26.54
CA LYS D 170 -7.93 24.52 27.88
C LYS D 170 -8.95 24.12 29.00
N ALA D 171 -10.25 24.26 28.68
CA ALA D 171 -11.30 23.88 29.64
C ALA D 171 -11.24 22.39 29.85
N SER D 172 -11.03 21.63 28.75
CA SER D 172 -10.98 20.18 28.86
C SER D 172 -9.86 19.74 29.75
N ARG D 173 -8.70 20.44 29.71
CA ARG D 173 -7.59 20.05 30.57
C ARG D 173 -7.98 20.08 32.03
N ARG D 174 -8.82 21.05 32.37
CA ARG D 174 -9.28 21.19 33.76
C ARG D 174 -10.16 20.04 34.16
N VAL D 175 -11.02 19.59 33.26
CA VAL D 175 -11.82 18.45 33.61
C VAL D 175 -10.95 17.23 33.84
N SER D 176 -9.97 17.03 32.95
CA SER D 176 -9.06 15.91 33.05
C SER D 176 -8.36 15.95 34.39
N ALA D 177 -7.77 17.10 34.75
CA ALA D 177 -7.03 17.24 36.01
C ALA D 177 -7.90 16.90 37.21
N TYR D 178 -9.19 17.25 37.12
CA TYR D 178 -10.13 16.96 38.15
C TYR D 178 -10.27 15.46 38.26
N PHE D 179 -10.42 14.78 37.14
CA PHE D 179 -10.54 13.36 37.18
C PHE D 179 -9.39 12.72 37.94
N GLY D 180 -8.19 13.14 37.55
CA GLY D 180 -6.97 12.64 38.18
C GLY D 180 -6.93 13.00 39.67
N GLU D 181 -7.27 14.24 40.02
CA GLU D 181 -7.31 14.55 41.46
C GLU D 181 -8.30 13.63 42.25
N GLN D 182 -9.50 13.37 41.68
CA GLN D 182 -10.52 12.57 42.31
C GLN D 182 -10.27 11.12 42.37
N LEU D 183 -9.71 10.57 41.30
CA LEU D 183 -9.57 9.12 41.21
C LEU D 183 -8.22 8.53 41.59
N GLY D 184 -7.26 9.41 41.77
CA GLY D 184 -5.94 9.01 42.19
C GLY D 184 -5.10 8.38 41.13
N THR D 185 -5.42 8.59 39.88
CA THR D 185 -4.60 8.07 38.81
C THR D 185 -4.67 9.15 37.76
N PRO D 186 -3.57 9.58 37.15
CA PRO D 186 -3.71 10.68 36.21
C PRO D 186 -4.64 10.33 35.01
N SER D 187 -5.33 11.34 34.54
CA SER D 187 -6.20 11.17 33.42
C SER D 187 -5.39 11.52 32.18
N VAL D 188 -5.41 10.63 31.17
CA VAL D 188 -4.70 11.06 30.00
C VAL D 188 -5.63 11.82 29.07
N ASN D 190 -6.22 13.22 25.49
CA ASN D 190 -5.76 13.15 24.11
C ASN D 190 -6.37 14.25 23.26
N ILE D 191 -5.53 14.91 22.51
CA ILE D 191 -5.97 15.93 21.61
C ILE D 191 -5.95 15.38 20.13
N TRP D 192 -7.12 15.27 19.49
CA TRP D 192 -7.29 14.84 18.10
C TRP D 192 -8.22 15.85 17.44
N ILE D 193 -7.89 16.32 16.24
CA ILE D 193 -8.72 17.26 15.50
C ILE D 193 -8.83 16.75 14.08
N PRO D 194 -9.93 17.04 13.44
CA PRO D 194 -10.11 16.50 12.09
C PRO D 194 -9.50 17.37 10.99
N ASP D 195 -8.92 18.49 11.35
CA ASP D 195 -8.48 19.48 10.39
C ASP D 195 -7.74 18.94 9.20
N GLY D 196 -8.14 19.39 8.00
CA GLY D 196 -7.49 18.94 6.77
C GLY D 196 -8.28 19.46 5.62
N LYS D 198 -9.97 18.13 1.70
CA LYS D 198 -10.37 17.01 0.88
C LYS D 198 -9.51 16.89 -0.38
N ASP D 199 -9.26 18.02 -1.08
CA ASP D 199 -8.55 18.03 -2.35
C ASP D 199 -7.20 18.73 -2.35
N ILE D 200 -6.61 18.77 -3.55
CA ILE D 200 -5.30 19.35 -3.72
C ILE D 200 -5.17 20.66 -2.98
N THR D 201 -4.18 20.74 -2.09
CA THR D 201 -4.03 21.92 -1.24
C THR D 201 -2.88 22.82 -1.65
N VAL D 202 -3.09 24.12 -1.53
CA VAL D 202 -2.07 25.11 -1.92
C VAL D 202 -1.15 25.38 -0.79
N ASP D 203 -1.75 25.61 0.38
CA ASP D 203 -0.91 25.92 1.55
C ASP D 203 -1.04 25.00 2.74
N ARG D 204 -0.12 24.00 2.83
CA ARG D 204 -0.13 23.07 3.93
C ARG D 204 0.60 23.65 5.14
N LEU D 205 1.38 24.75 4.92
CA LEU D 205 2.18 25.33 6.02
C LEU D 205 1.37 26.17 7.01
N ALA D 206 0.64 27.15 6.48
CA ALA D 206 -0.11 28.05 7.36
C ALA D 206 -0.96 27.40 8.43
N PRO D 207 -1.76 26.42 8.04
CA PRO D 207 -2.59 25.80 9.04
C PRO D 207 -1.74 25.09 10.10
N ARG D 208 -0.60 24.55 9.67
CA ARG D 208 0.29 23.88 10.65
C ARG D 208 0.90 24.86 11.60
N GLN D 209 1.32 26.05 11.09
CA GLN D 209 1.83 27.13 11.96
C GLN D 209 0.71 27.51 12.98
N ARG D 210 -0.51 27.66 12.49
CA ARG D 210 -1.58 28.02 13.44
C ARG D 210 -1.80 26.96 14.49
N LEU D 211 -1.75 25.70 14.05
CA LEU D 211 -1.94 24.60 14.95
C LEU D 211 -0.86 24.59 16.00
N LEU D 212 0.41 24.72 15.57
CA LEU D 212 1.52 24.72 16.53
C LEU D 212 1.28 25.73 17.68
N ALA D 213 0.93 26.94 17.23
CA ALA D 213 0.66 28.04 18.16
C ALA D 213 -0.53 27.77 19.07
N ALA D 214 -1.62 27.32 18.48
CA ALA D 214 -2.81 26.97 19.23
C ALA D 214 -2.54 25.93 20.30
N LEU D 215 -1.76 24.90 19.97
CA LEU D 215 -1.48 23.87 20.97
C LEU D 215 -0.62 24.41 22.09
N ASP D 216 0.31 25.30 21.77
CA ASP D 216 1.15 25.88 22.81
C ASP D 216 0.26 26.64 23.81
N GLU D 217 -0.71 27.36 23.24
CA GLU D 217 -1.66 28.03 24.10
C GLU D 217 -2.47 27.00 24.90
N VAL D 218 -2.94 25.98 24.22
CA VAL D 218 -3.73 24.99 24.91
C VAL D 218 -3.01 24.37 26.14
N ILE D 219 -1.69 24.15 25.99
CA ILE D 219 -1.02 23.49 27.07
C ILE D 219 -0.32 24.43 28.00
N SER D 220 -0.61 25.72 27.88
CA SER D 220 0.09 26.70 28.69
C SER D 220 -0.15 26.59 30.19
N GLU D 221 -1.38 26.39 30.60
CA GLU D 221 -1.64 26.27 32.02
C GLU D 221 -0.97 25.04 32.59
N LYS D 222 -0.11 25.22 33.55
CA LYS D 222 0.51 24.02 34.04
C LYS D 222 -0.37 23.29 35.02
N LEU D 223 -0.53 21.99 34.82
CA LEU D 223 -1.34 21.13 35.67
C LEU D 223 -0.50 20.06 36.34
N ASN D 224 -1.01 19.50 37.44
CA ASN D 224 -0.31 18.49 38.16
C ASN D 224 -0.22 17.18 37.39
N PRO D 225 1.01 16.87 37.00
CA PRO D 225 1.26 15.66 36.24
C PRO D 225 0.80 14.45 36.98
N ALA D 226 0.58 14.58 38.32
CA ALA D 226 0.08 13.42 39.03
C ALA D 226 -1.40 13.27 38.70
N HIS D 227 -2.00 14.34 38.14
CA HIS D 227 -3.45 14.27 37.82
C HIS D 227 -3.78 14.33 36.33
N HIS D 228 -2.79 14.82 35.60
CA HIS D 228 -3.11 15.02 34.22
C HIS D 228 -1.98 14.88 33.23
N ILE D 229 -2.28 14.24 32.09
CA ILE D 229 -1.27 14.16 31.07
C ILE D 229 -1.84 14.60 29.74
N ASP D 230 -1.09 15.42 29.01
CA ASP D 230 -1.55 15.82 27.68
C ASP D 230 -1.00 14.89 26.62
N ALA D 231 -1.81 14.54 25.63
CA ALA D 231 -1.35 13.72 24.48
C ALA D 231 -1.87 14.31 23.16
N VAL D 232 -1.12 14.06 22.06
CA VAL D 232 -1.50 14.54 20.76
C VAL D 232 -1.56 13.34 19.83
N GLU D 233 -2.59 13.35 18.97
CA GLU D 233 -2.75 12.21 18.09
C GLU D 233 -2.82 12.54 16.62
N SER D 234 -1.97 11.91 15.77
CA SER D 234 -2.08 12.18 14.35
C SER D 234 -3.00 11.21 13.66
N LYS D 235 -3.38 11.66 12.49
CA LYS D 235 -4.21 10.93 11.54
C LYS D 235 -3.64 11.11 10.10
N LEU D 236 -3.69 10.04 9.27
CA LEU D 236 -3.16 10.19 7.90
C LEU D 236 -4.22 10.85 7.02
N PHE D 237 -5.44 10.28 7.16
CA PHE D 237 -6.50 10.83 6.31
C PHE D 237 -7.94 10.56 6.80
N GLY D 238 -8.84 11.54 6.60
CA GLY D 238 -10.23 11.44 7.00
C GLY D 238 -11.11 11.51 5.77
N ILE D 239 -12.30 10.88 5.81
CA ILE D 239 -13.21 10.90 4.67
C ILE D 239 -13.59 12.34 4.52
N GLY D 240 -13.52 12.83 3.30
CA GLY D 240 -13.85 14.24 3.14
C GLY D 240 -12.62 15.13 3.36
N ALA D 241 -11.54 14.58 3.99
CA ALA D 241 -10.29 15.28 4.29
C ALA D 241 -9.10 14.39 3.84
N GLU D 242 -9.29 13.77 2.72
CA GLU D 242 -8.27 12.86 2.29
C GLU D 242 -6.93 13.36 1.76
N SER D 243 -6.84 14.56 1.14
CA SER D 243 -5.56 14.99 0.55
C SER D 243 -4.54 15.59 1.49
N TYR D 244 -5.01 16.25 2.54
CA TYR D 244 -4.11 16.88 3.50
C TYR D 244 -4.71 16.82 4.91
N THR D 245 -3.90 16.43 5.88
CA THR D 245 -4.30 16.39 7.28
C THR D 245 -3.36 17.35 7.96
N VAL D 246 -3.87 18.37 8.63
CA VAL D 246 -3.00 19.32 9.28
C VAL D 246 -2.10 18.64 10.34
N GLY D 247 -2.69 17.89 11.25
CA GLY D 247 -1.99 17.22 12.34
C GLY D 247 -1.49 15.86 11.86
N SER D 248 -0.40 15.89 11.09
CA SER D 248 0.17 14.68 10.54
C SER D 248 1.06 13.94 11.53
N ASN D 249 1.55 12.73 11.13
CA ASN D 249 2.44 11.96 11.99
C ASN D 249 3.70 12.82 12.36
N GLU D 250 4.37 13.38 11.33
CA GLU D 250 5.60 14.16 11.59
C GLU D 250 5.33 15.38 12.44
N PHE D 251 4.20 16.07 12.10
CA PHE D 251 3.82 17.29 12.87
C PHE D 251 3.76 16.97 14.41
N TYR D 252 3.10 15.85 14.78
CA TYR D 252 2.96 15.52 16.19
C TYR D 252 4.18 14.88 16.81
N GLY D 254 7.07 15.83 15.94
CA GLY D 254 7.88 16.99 16.31
C GLY D 254 7.27 17.68 17.50
N TYR D 255 5.95 17.71 17.54
CA TYR D 255 5.29 18.41 18.65
C TYR D 255 5.59 17.82 20.00
N ALA D 256 5.35 16.55 20.07
CA ALA D 256 5.56 15.84 21.35
C ALA D 256 7.04 15.79 21.81
N THR D 257 7.96 15.75 20.83
CA THR D 257 9.36 15.73 21.20
C THR D 257 9.73 17.08 21.74
N SER D 258 9.35 18.10 20.99
CA SER D 258 9.73 19.39 21.40
C SER D 258 9.12 19.91 22.64
N ARG D 259 7.85 19.60 22.86
CA ARG D 259 7.08 20.13 24.02
C ARG D 259 6.94 19.10 25.09
N GLN D 260 7.48 17.91 24.85
CA GLN D 260 7.38 16.89 25.82
C GLN D 260 5.99 16.53 26.30
N THR D 261 5.05 16.38 25.36
CA THR D 261 3.76 15.89 25.71
C THR D 261 3.83 14.42 25.43
N ALA D 262 2.76 13.69 25.78
CA ALA D 262 2.67 12.30 25.41
C ALA D 262 2.33 12.28 23.91
N LEU D 263 2.67 11.16 23.24
CA LEU D 263 2.39 10.97 21.85
C LEU D 263 1.38 9.88 21.71
N CYS D 264 0.32 10.14 20.93
CA CYS D 264 -0.65 9.08 20.72
C CYS D 264 -0.40 8.43 19.34
N LEU D 265 -0.26 7.11 19.37
CA LEU D 265 -0.09 6.30 18.16
C LEU D 265 -1.33 5.50 17.91
N ASP D 266 -1.99 5.79 16.79
CA ASP D 266 -3.22 5.10 16.51
C ASP D 266 -3.00 4.03 15.44
N ALA D 267 -3.28 2.73 15.73
CA ALA D 267 -3.17 1.60 14.76
C ALA D 267 -4.01 1.67 13.49
N GLY D 268 -5.10 2.48 13.41
CA GLY D 268 -5.84 2.56 12.12
C GLY D 268 -5.39 3.75 11.26
N HIS D 269 -4.76 4.73 11.90
CA HIS D 269 -4.32 6.06 11.42
C HIS D 269 -3.17 6.22 10.44
N PHE D 270 -2.61 5.14 9.95
CA PHE D 270 -1.41 5.38 9.11
C PHE D 270 -1.48 4.91 7.65
N HIS D 271 -0.30 4.89 6.97
CA HIS D 271 -0.23 4.43 5.59
C HIS D 271 -0.42 2.89 5.50
N PRO D 272 -0.74 2.42 4.27
CA PRO D 272 -0.90 0.98 4.01
C PRO D 272 0.37 0.28 4.43
N THR D 273 0.20 -0.82 5.15
CA THR D 273 1.34 -1.60 5.66
C THR D 273 2.15 -0.91 6.76
N GLU D 274 1.80 0.37 7.13
CA GLU D 274 2.55 1.08 8.18
C GLU D 274 2.08 0.61 9.56
N VAL D 275 3.02 0.33 10.51
CA VAL D 275 2.65 -0.23 11.83
C VAL D 275 3.19 0.46 13.04
N ILE D 276 2.25 0.75 13.94
CA ILE D 276 2.68 1.41 15.18
C ILE D 276 3.58 0.53 16.04
N SER D 277 3.46 -0.81 15.97
CA SER D 277 4.32 -1.64 16.82
C SER D 277 5.80 -1.18 16.62
N ASP D 278 6.22 -0.88 15.39
CA ASP D 278 7.61 -0.49 15.18
C ASP D 278 7.96 0.87 15.76
N LYS D 279 6.96 1.75 15.79
CA LYS D 279 7.20 3.12 16.27
C LYS D 279 7.34 3.22 17.74
N ILE D 280 6.81 2.25 18.50
CA ILE D 280 6.87 2.38 19.94
C ILE D 280 8.25 2.62 20.47
N SER D 281 9.19 1.74 20.08
CA SER D 281 10.54 1.87 20.63
C SER D 281 11.25 3.09 20.08
N ALA D 282 10.86 3.63 18.93
CA ALA D 282 11.55 4.79 18.45
C ALA D 282 11.04 6.01 19.20
N ALA D 283 9.73 6.16 19.25
CA ALA D 283 9.19 7.34 19.92
C ALA D 283 9.56 7.48 21.42
N LEU D 285 12.09 7.06 22.89
CA LEU D 285 13.38 7.58 23.22
C LEU D 285 13.36 9.08 23.24
N TYR D 286 12.24 9.59 22.74
CA TYR D 286 12.10 11.06 22.64
C TYR D 286 10.91 11.68 23.37
N VAL D 287 9.86 10.93 23.64
CA VAL D 287 8.69 11.51 24.27
C VAL D 287 8.49 10.80 25.56
N PRO D 288 7.88 11.49 26.57
CA PRO D 288 7.71 10.95 27.92
C PRO D 288 6.75 9.81 28.09
N GLN D 289 5.69 9.82 27.32
CA GLN D 289 4.78 8.74 27.49
C GLN D 289 4.13 8.50 26.14
N LEU D 290 3.51 7.32 26.00
CA LEU D 290 2.80 7.01 24.76
C LEU D 290 1.39 6.52 25.07
N LEU D 291 0.47 7.04 24.30
CA LEU D 291 -0.90 6.62 24.38
C LEU D 291 -1.09 5.71 23.16
N LEU D 292 -1.44 4.42 23.31
CA LEU D 292 -1.64 3.52 22.15
C LEU D 292 -3.14 3.27 21.91
N HIS D 293 -3.63 3.69 20.74
CA HIS D 293 -5.04 3.53 20.42
C HIS D 293 -5.10 2.32 19.52
N VAL D 294 -5.66 1.25 19.99
CA VAL D 294 -5.72 0.08 19.17
C VAL D 294 -7.09 0.01 18.48
N SER D 295 -7.03 -0.33 17.20
CA SER D 295 -8.21 -0.51 16.31
C SER D 295 -7.79 -1.21 15.07
N ARG D 296 -8.73 -1.77 14.32
CA ARG D 296 -8.29 -2.50 13.13
C ARG D 296 -8.68 -1.77 11.86
N PRO D 297 -7.72 -1.34 11.03
CA PRO D 297 -8.17 -0.64 9.83
C PRO D 297 -8.52 -1.69 8.82
N VAL D 298 -9.59 -1.47 8.10
CA VAL D 298 -9.88 -2.46 7.07
C VAL D 298 -10.04 -1.65 5.79
N ARG D 299 -9.00 -1.68 4.95
CA ARG D 299 -8.96 -0.96 3.67
C ARG D 299 -8.90 0.56 3.87
N TRP D 300 -9.13 0.96 5.10
CA TRP D 300 -9.12 2.36 5.49
C TRP D 300 -9.30 2.46 7.00
N ASP D 301 -9.24 3.69 7.55
CA ASP D 301 -9.42 3.91 9.00
C ASP D 301 -10.88 3.61 9.33
N SER D 302 -11.24 2.36 9.07
CA SER D 302 -12.59 1.84 9.20
C SER D 302 -13.09 1.62 10.60
N ASP D 303 -12.17 1.72 11.55
CA ASP D 303 -12.49 1.56 12.93
C ASP D 303 -13.15 0.26 13.31
N HIS D 304 -12.69 -0.88 12.76
CA HIS D 304 -13.27 -2.19 13.11
C HIS D 304 -12.75 -2.66 14.45
N VAL D 305 -13.50 -3.57 15.05
CA VAL D 305 -13.19 -4.14 16.36
C VAL D 305 -11.84 -4.86 16.39
N VAL D 306 -11.12 -4.69 17.48
CA VAL D 306 -9.80 -5.30 17.64
C VAL D 306 -9.87 -6.81 17.70
N LEU D 307 -9.08 -7.45 16.86
CA LEU D 307 -8.99 -8.90 16.85
C LEU D 307 -7.64 -9.40 17.46
N LEU D 308 -7.57 -10.70 17.83
CA LEU D 308 -6.31 -11.22 18.35
C LEU D 308 -5.58 -11.56 17.04
N ASP D 309 -4.88 -10.56 16.47
CA ASP D 309 -4.30 -10.76 15.15
C ASP D 309 -2.84 -10.33 15.14
N ASP D 310 -2.17 -10.37 13.99
CA ASP D 310 -0.75 -10.10 14.02
C ASP D 310 -0.34 -8.78 14.65
N GLU D 311 -0.91 -7.66 14.23
CA GLU D 311 -0.47 -6.37 14.75
C GLU D 311 -0.90 -6.11 16.17
N THR D 312 -2.11 -6.56 16.59
CA THR D 312 -2.47 -6.38 18.01
C THR D 312 -1.47 -7.12 18.89
N GLN D 313 -1.09 -8.31 18.43
CA GLN D 313 -0.07 -9.04 19.18
C GLN D 313 1.31 -8.30 19.14
N ALA D 314 1.69 -7.78 17.97
CA ALA D 314 2.96 -7.06 17.83
C ALA D 314 3.04 -5.87 18.80
N ILE D 315 1.90 -5.13 18.86
CA ILE D 315 1.84 -3.98 19.75
C ILE D 315 2.03 -4.46 21.20
N ALA D 316 1.29 -5.57 21.61
CA ALA D 316 1.38 -6.05 22.99
C ALA D 316 2.80 -6.45 23.31
N SER D 317 3.39 -7.19 22.36
CA SER D 317 4.76 -7.66 22.59
C SER D 317 5.69 -6.50 22.84
N GLU D 318 5.58 -5.41 22.01
CA GLU D 318 6.49 -4.24 22.19
C GLU D 318 6.34 -3.60 23.56
N ILE D 319 5.08 -3.45 24.03
CA ILE D 319 4.78 -2.86 25.35
C ILE D 319 5.47 -3.69 26.45
N VAL D 320 5.20 -5.00 26.40
CA VAL D 320 5.74 -5.91 27.42
C VAL D 320 7.27 -6.05 27.35
N ARG D 321 7.83 -6.24 26.14
CA ARG D 321 9.28 -6.41 26.01
C ARG D 321 10.09 -5.26 26.58
N HIS D 322 9.55 -4.08 26.39
CA HIS D 322 10.24 -2.93 26.82
C HIS D 322 9.88 -2.47 28.22
N ASP D 323 9.15 -3.31 28.88
CA ASP D 323 8.77 -3.01 30.24
C ASP D 323 8.12 -1.65 30.35
N LEU D 324 7.22 -1.34 29.42
CA LEU D 324 6.59 -0.01 29.41
C LEU D 324 5.35 0.20 30.38
N PHE D 325 5.24 -0.58 31.46
CA PHE D 325 4.10 -0.45 32.38
C PHE D 325 3.72 0.97 32.71
N ASP D 326 4.72 1.78 33.02
CA ASP D 326 4.41 3.09 33.49
C ASP D 326 4.43 4.23 32.54
N ARG D 327 4.78 4.01 31.32
CA ARG D 327 4.86 5.12 30.44
C ARG D 327 3.85 4.91 29.28
N VAL D 328 3.17 3.75 29.22
CA VAL D 328 2.25 3.51 28.12
C VAL D 328 0.85 3.52 28.68
N HIS D 329 -0.07 3.94 27.87
CA HIS D 329 -1.52 3.98 28.23
C HIS D 329 -2.23 3.35 27.05
N ILE D 330 -2.83 2.21 27.33
CA ILE D 330 -3.45 1.43 26.27
C ILE D 330 -4.93 1.71 26.16
N GLY D 331 -5.42 2.11 24.99
CA GLY D 331 -6.83 2.39 24.80
C GLY D 331 -7.37 1.84 23.48
N LEU D 332 -8.65 1.54 23.47
CA LEU D 332 -9.36 1.02 22.29
C LEU D 332 -9.81 2.20 21.51
N ASP D 333 -9.85 2.06 20.21
CA ASP D 333 -10.31 3.20 19.48
C ASP D 333 -10.93 2.77 18.20
N PHE D 334 -12.04 2.06 18.29
CA PHE D 334 -12.68 1.67 17.04
C PHE D 334 -14.16 1.95 17.17
N PHE D 335 -14.87 1.79 16.10
CA PHE D 335 -16.26 2.04 16.29
C PHE D 335 -16.99 1.23 15.28
N ASP D 336 -17.76 0.28 15.76
CA ASP D 336 -18.54 -0.60 14.87
C ASP D 336 -20.02 -0.60 15.23
N ALA D 337 -20.78 0.05 14.35
CA ALA D 337 -22.18 0.15 14.58
C ALA D 337 -23.01 -0.96 13.93
N SER D 338 -22.38 -1.96 13.31
CA SER D 338 -23.16 -3.03 12.69
C SER D 338 -23.41 -4.25 13.57
N ILE D 339 -22.90 -4.27 14.82
CA ILE D 339 -23.14 -5.45 15.64
C ILE D 339 -23.42 -4.97 17.02
N ASN D 340 -23.72 -5.90 17.89
CA ASN D 340 -24.00 -5.51 19.25
C ASN D 340 -22.81 -4.77 19.85
N ARG D 341 -23.10 -3.58 20.39
CA ARG D 341 -22.10 -2.67 20.96
C ARG D 341 -21.38 -3.16 22.19
N ILE D 342 -22.13 -3.85 23.04
CA ILE D 342 -21.55 -4.35 24.24
C ILE D 342 -20.58 -5.43 23.74
N ALA D 343 -21.04 -6.21 22.76
CA ALA D 343 -20.18 -7.27 22.25
C ALA D 343 -18.89 -6.71 21.67
N ALA D 344 -19.04 -5.61 20.98
CA ALA D 344 -17.87 -4.99 20.37
C ALA D 344 -16.87 -4.63 21.43
N TRP D 345 -17.30 -4.00 22.54
CA TRP D 345 -16.37 -3.69 23.59
C TRP D 345 -15.77 -4.97 24.21
N VAL D 346 -16.60 -5.98 24.39
CA VAL D 346 -16.10 -7.19 25.03
C VAL D 346 -15.04 -7.91 24.18
N ILE D 347 -15.41 -8.07 22.90
CA ILE D 347 -14.48 -8.74 21.98
C ILE D 347 -13.15 -8.01 21.94
N GLY D 348 -13.18 -6.69 21.73
CA GLY D 348 -12.00 -5.84 21.59
C GLY D 348 -11.11 -5.82 22.82
N THR D 349 -11.75 -5.66 23.99
CA THR D 349 -11.02 -5.57 25.22
C THR D 349 -10.42 -6.89 25.61
N ARG D 350 -11.24 -7.94 25.50
CA ARG D 350 -10.74 -9.27 25.80
C ARG D 350 -9.53 -9.57 24.86
N ASN D 351 -9.64 -9.27 23.54
CA ASN D 351 -8.52 -9.56 22.60
C ASN D 351 -7.22 -8.80 22.98
N LYS D 353 -6.34 -7.87 25.91
CA LYS D 353 -5.80 -8.52 27.09
C LYS D 353 -5.14 -9.86 26.77
N LYS D 354 -5.76 -10.65 25.87
CA LYS D 354 -5.18 -11.90 25.46
C LYS D 354 -3.82 -11.65 24.80
N ALA D 355 -3.71 -10.61 23.95
CA ALA D 355 -2.44 -10.29 23.25
C ALA D 355 -1.41 -9.94 24.30
N LEU D 356 -1.80 -9.16 25.28
CA LEU D 356 -0.92 -8.80 26.39
C LEU D 356 -0.42 -10.04 27.15
N LEU D 357 -1.32 -10.96 27.42
CA LEU D 357 -0.99 -12.19 28.18
C LEU D 357 0.03 -13.03 27.38
N ARG D 358 -0.19 -13.15 26.08
CA ARG D 358 0.74 -13.94 25.25
C ARG D 358 2.10 -13.31 25.27
N ALA D 359 2.13 -11.99 25.23
CA ALA D 359 3.42 -11.35 25.30
C ALA D 359 4.08 -11.62 26.66
N LEU D 360 3.30 -11.52 27.73
CA LEU D 360 3.83 -11.78 29.07
C LEU D 360 4.35 -13.22 29.22
N LEU D 361 3.83 -14.17 28.44
CA LEU D 361 4.26 -15.58 28.52
C LEU D 361 5.46 -15.89 27.66
N GLU D 362 5.99 -14.88 27.01
CA GLU D 362 7.13 -15.06 26.11
C GLU D 362 8.43 -15.11 26.85
N PRO D 363 9.33 -16.05 26.51
CA PRO D 363 10.64 -16.08 27.23
C PRO D 363 11.54 -15.02 26.58
N THR D 364 11.19 -13.75 26.74
CA THR D 364 11.95 -12.65 26.10
C THR D 364 13.43 -12.59 26.36
N ALA D 365 13.81 -12.67 27.63
CA ALA D 365 15.23 -12.63 27.92
C ALA D 365 15.99 -13.72 27.11
N GLU D 366 15.44 -14.94 27.04
CA GLU D 366 16.10 -16.00 26.31
C GLU D 366 16.14 -15.67 24.83
N LEU D 367 15.02 -15.15 24.29
CA LEU D 367 14.97 -14.77 22.88
C LEU D 367 15.92 -13.65 22.58
N ARG D 368 16.01 -12.72 23.53
CA ARG D 368 16.92 -11.57 23.36
C ARG D 368 18.40 -12.03 23.28
N LYS D 369 18.70 -13.01 24.08
CA LYS D 369 20.01 -13.56 24.15
C LYS D 369 20.31 -14.34 22.86
N LEU D 370 19.37 -15.08 22.36
CA LEU D 370 19.63 -15.76 21.12
C LEU D 370 19.91 -14.69 20.02
N GLU D 371 19.12 -13.63 20.02
CA GLU D 371 19.24 -12.62 19.00
C GLU D 371 20.58 -11.95 19.02
N ALA D 372 21.02 -11.69 20.25
CA ALA D 372 22.29 -11.01 20.52
C ALA D 372 23.46 -11.82 19.97
N PRO D 373 23.28 -13.16 19.90
CA PRO D 373 24.25 -14.12 19.37
C PRO D 373 24.17 -14.42 17.96
N GLY D 374 23.23 -13.77 17.28
CA GLY D 374 23.06 -13.92 15.87
C GLY D 374 22.40 -15.25 15.58
N ASP D 375 21.84 -15.91 16.62
CA ASP D 375 21.12 -17.20 16.44
C ASP D 375 19.67 -16.96 15.93
N TYR D 376 19.58 -16.44 14.70
CA TYR D 376 18.31 -16.10 14.09
C TYR D 376 17.45 -17.32 13.83
N THR D 377 18.11 -18.47 13.64
CA THR D 377 17.37 -19.68 13.38
C THR D 377 16.53 -19.97 14.62
N ALA D 378 17.22 -20.11 15.74
CA ALA D 378 16.59 -20.41 17.04
C ALA D 378 15.54 -19.33 17.44
N ARG D 379 15.86 -18.06 17.12
CA ARG D 379 14.98 -16.93 17.41
C ARG D 379 13.63 -17.14 16.68
N LEU D 380 13.72 -17.40 15.38
CA LEU D 380 12.48 -17.59 14.59
C LEU D 380 11.72 -18.80 15.05
N ALA D 381 12.48 -19.87 15.24
CA ALA D 381 11.87 -21.11 15.66
C ALA D 381 11.08 -21.00 16.95
N LEU D 382 11.73 -20.45 17.95
CA LEU D 382 11.10 -20.30 19.26
C LEU D 382 9.94 -19.32 19.28
N LEU D 383 10.08 -18.26 18.54
CA LEU D 383 8.98 -17.30 18.46
C LEU D 383 7.76 -18.04 17.89
N GLU D 384 7.96 -18.86 16.86
CA GLU D 384 6.85 -19.57 16.25
C GLU D 384 6.31 -20.68 17.15
N GLU D 385 7.20 -21.35 17.92
CA GLU D 385 6.74 -22.40 18.84
C GLU D 385 5.91 -21.83 19.97
N GLN D 386 6.11 -20.56 20.31
CA GLN D 386 5.32 -19.97 21.41
C GLN D 386 3.83 -20.01 21.04
N LYS D 387 3.54 -19.93 19.76
CA LYS D 387 2.17 -19.92 19.26
C LYS D 387 1.39 -21.21 19.56
N SER D 388 2.13 -22.29 19.71
CA SER D 388 1.50 -23.56 20.00
C SER D 388 1.62 -24.01 21.44
N LEU D 389 2.09 -23.11 22.31
CA LEU D 389 2.18 -23.35 23.77
C LEU D 389 0.77 -23.05 24.32
N PRO D 390 0.39 -23.70 25.39
CA PRO D 390 -0.99 -23.63 25.92
C PRO D 390 -1.33 -22.36 26.67
N TRP D 391 -1.20 -21.23 26.04
CA TRP D 391 -1.53 -19.99 26.73
C TRP D 391 -3.03 -19.87 27.09
N GLN D 392 -3.86 -20.57 26.31
CA GLN D 392 -5.32 -20.52 26.43
C GLN D 392 -5.72 -20.86 27.84
N ALA D 393 -5.06 -21.88 28.38
CA ALA D 393 -5.33 -22.32 29.75
C ALA D 393 -5.03 -21.21 30.77
N VAL D 394 -3.98 -20.46 30.50
CA VAL D 394 -3.58 -19.35 31.34
C VAL D 394 -4.62 -18.23 31.26
N TRP D 395 -5.07 -17.94 30.01
CA TRP D 395 -6.12 -16.90 29.80
C TRP D 395 -7.41 -17.29 30.56
N GLU D 396 -7.84 -18.56 30.40
CA GLU D 396 -9.06 -19.06 31.04
C GLU D 396 -9.01 -18.96 32.58
N TYR D 398 -7.18 -16.68 34.20
CA TYR D 398 -7.30 -15.28 34.52
C TYR D 398 -8.76 -14.84 34.57
N CYS D 399 -9.51 -15.33 33.59
CA CYS D 399 -10.94 -15.03 33.53
C CYS D 399 -11.64 -15.61 34.74
N GLN D 400 -11.39 -16.87 35.05
CA GLN D 400 -12.07 -17.48 36.19
C GLN D 400 -11.80 -16.74 37.49
N ARG D 401 -10.52 -16.40 37.72
CA ARG D 401 -10.19 -15.67 38.94
C ARG D 401 -10.87 -14.33 39.03
N HIS D 402 -11.12 -13.72 37.90
CA HIS D 402 -11.83 -12.44 37.90
C HIS D 402 -13.36 -12.56 37.74
N ASP D 403 -13.93 -13.74 37.93
CA ASP D 403 -15.38 -13.94 37.81
C ASP D 403 -15.96 -13.47 36.48
N THR D 404 -15.38 -13.95 35.40
CA THR D 404 -15.72 -13.61 34.04
C THR D 404 -15.74 -14.89 33.31
N PRO D 405 -16.52 -14.97 32.29
CA PRO D 405 -16.57 -16.21 31.53
C PRO D 405 -15.26 -16.50 30.86
N ALA D 406 -14.89 -17.78 30.85
CA ALA D 406 -13.62 -18.18 30.23
C ALA D 406 -13.69 -18.24 28.71
N GLY D 407 -14.89 -18.55 28.24
CA GLY D 407 -15.12 -18.66 26.82
C GLY D 407 -16.35 -17.95 26.26
N SER D 408 -16.85 -18.60 25.22
CA SER D 408 -17.96 -18.15 24.40
C SER D 408 -19.22 -17.86 25.13
N GLU D 409 -19.35 -18.44 26.31
CA GLU D 409 -20.52 -18.25 27.17
C GLU D 409 -20.83 -16.75 27.41
N TRP D 410 -19.83 -15.88 27.36
CA TRP D 410 -20.17 -14.48 27.59
C TRP D 410 -21.23 -13.91 26.65
N LEU D 411 -21.22 -14.45 25.43
CA LEU D 411 -22.16 -14.08 24.36
C LEU D 411 -23.62 -14.31 24.84
N GLU D 412 -23.85 -15.36 25.65
CA GLU D 412 -25.20 -15.59 26.17
C GLU D 412 -25.59 -14.48 27.05
N SER D 413 -24.63 -14.02 27.82
CA SER D 413 -24.92 -12.91 28.70
C SER D 413 -25.38 -11.73 27.92
N VAL D 414 -24.68 -11.54 26.80
CA VAL D 414 -24.93 -10.43 25.94
C VAL D 414 -26.32 -10.49 25.33
N ARG D 415 -26.62 -11.67 24.83
CA ARG D 415 -27.91 -11.95 24.18
C ARG D 415 -29.05 -11.75 25.17
N ALA D 416 -28.85 -12.21 26.40
CA ALA D 416 -29.85 -12.06 27.43
C ALA D 416 -30.14 -10.60 27.68
N TYR D 417 -29.07 -9.76 27.76
CA TYR D 417 -29.22 -8.35 28.04
C TYR D 417 -29.88 -7.65 26.86
N GLU D 418 -29.64 -8.17 25.68
CA GLU D 418 -30.20 -7.57 24.53
C GLU D 418 -31.70 -7.76 24.65
N LYS D 419 -32.06 -9.03 24.85
CA LYS D 419 -33.47 -9.46 25.00
C LYS D 419 -34.24 -8.61 25.99
N GLU D 420 -33.67 -8.55 27.17
CA GLU D 420 -34.22 -7.81 28.27
C GLU D 420 -34.09 -6.32 28.18
N ILE D 421 -33.13 -5.77 27.46
CA ILE D 421 -33.03 -4.34 27.56
C ILE D 421 -32.85 -3.60 26.27
N LEU D 422 -31.82 -4.01 25.60
CA LEU D 422 -31.51 -3.36 24.38
C LEU D 422 -32.68 -3.43 23.43
N SER D 423 -33.41 -4.57 23.50
CA SER D 423 -34.54 -4.85 22.61
C SER D 423 -35.66 -3.83 22.66
N ARG D 424 -35.88 -3.39 23.87
CA ARG D 424 -36.89 -2.40 24.16
C ARG D 424 -36.45 -0.95 23.87
N ARG D 425 -35.32 -0.79 23.16
CA ARG D 425 -34.76 0.49 22.80
C ARG D 425 -34.79 0.66 21.28
#